data_6AQO
#
_entry.id   6AQO
#
_cell.length_a   61.321
_cell.length_b   107.841
_cell.length_c   117.693
_cell.angle_alpha   90.00
_cell.angle_beta   96.33
_cell.angle_gamma   90.00
#
_symmetry.space_group_name_H-M   'P 1 21 1'
#
loop_
_entity.id
_entity.type
_entity.pdbx_description
1 polymer 'Hypoxanthine-guanine phosphoribosyltransferase'
2 non-polymer '{[(2S)-3-(2-amino-6-oxo-1,6-dihydro-9H-purin-9-yl)propane-1,2-diyl]bis(oxyethane-2,1-diyl)}bis(phosphonic acid)'
3 non-polymer 'MAGNESIUM ION'
4 water water
#
_entity_poly.entity_id   1
_entity_poly.type   'polypeptide(L)'
_entity_poly.pdbx_seq_one_letter_code
;MGSSHHHHHHDYDIPTTENLYFQGHMASMTGGQQMGRGSHSGHPLKPNFVGRDADGNVTVDGRSYPMAESVVATESTIHR
SMKEMAQTLANAYKTLKHRDTHNKGNSALAPITDENPLIIISVLKGSYIFTADMVRYLGD(CSO)GLPNVVDFIRITSYR
GTTKSSGTVQVLDNLRFTELTGKHVLIMEDIADTGRTMKLLVEKIRREYRPASLKVCVLVDKPGGRVVDFKPEFVCLTAP
TRYVVGYGFEVNDRYRNYRHVFVLKPEYAKRYPSKL
;
_entity_poly.pdbx_strand_id   A,B,C,D,E,F
#
loop_
_chem_comp.id
_chem_comp.type
_chem_comp.name
_chem_comp.formula
45T non-polymer '{[(2S)-3-(2-amino-6-oxo-1,6-dihydro-9H-purin-9-yl)propane-1,2-diyl]bis(oxyethane-2,1-diyl)}bis(phosphonic acid)' 'C12 H21 N5 O9 P2'
MG non-polymer 'MAGNESIUM ION' 'Mg 2'
#
# COMPACT_ATOMS: atom_id res chain seq x y z
N PRO A 47 2.15 7.67 -4.29
CA PRO A 47 2.81 8.77 -5.03
C PRO A 47 4.04 8.29 -5.81
N ASN A 48 3.83 7.83 -7.04
CA ASN A 48 4.92 7.33 -7.87
C ASN A 48 5.51 8.48 -8.69
N PHE A 49 6.82 8.44 -8.87
CA PHE A 49 7.55 9.45 -9.63
C PHE A 49 7.99 8.85 -10.95
N VAL A 50 7.49 9.42 -12.05
CA VAL A 50 7.78 8.95 -13.40
C VAL A 50 8.91 9.81 -13.97
N GLY A 51 9.94 9.16 -14.50
CA GLY A 51 11.06 9.86 -15.10
C GLY A 51 11.75 9.07 -16.17
N ARG A 52 12.96 9.48 -16.55
CA ARG A 52 13.76 8.78 -17.55
C ARG A 52 15.19 8.63 -17.03
N ASP A 53 15.81 7.50 -17.37
CA ASP A 53 17.16 7.21 -16.92
C ASP A 53 18.18 7.85 -17.85
N ALA A 54 19.46 7.50 -17.67
CA ALA A 54 20.50 8.06 -18.51
C ALA A 54 20.38 7.58 -19.96
N ASP A 55 19.80 6.40 -20.17
CA ASP A 55 19.68 5.83 -21.50
C ASP A 55 18.39 6.23 -22.21
N GLY A 56 17.54 7.02 -21.56
CA GLY A 56 16.29 7.42 -22.16
C GLY A 56 15.15 6.43 -21.98
N ASN A 57 15.30 5.46 -21.09
CA ASN A 57 14.23 4.52 -20.80
C ASN A 57 13.31 5.08 -19.72
N VAL A 58 12.03 4.70 -19.80
CA VAL A 58 11.07 5.14 -18.79
C VAL A 58 11.45 4.53 -17.44
N THR A 59 11.36 5.35 -16.39
CA THR A 59 11.57 4.87 -15.03
C THR A 59 10.41 5.30 -14.15
N VAL A 60 9.93 4.38 -13.32
CA VAL A 60 8.92 4.65 -12.31
C VAL A 60 9.53 4.30 -10.96
N ASP A 61 9.69 5.32 -10.10
CA ASP A 61 10.31 5.15 -8.78
C ASP A 61 11.72 4.59 -8.91
N GLY A 62 12.47 5.06 -9.90
CA GLY A 62 13.86 4.70 -10.06
C GLY A 62 14.14 3.44 -10.84
N ARG A 63 13.16 2.54 -10.96
CA ARG A 63 13.33 1.30 -11.71
C ARG A 63 13.17 1.56 -13.20
N SER A 64 14.09 1.03 -14.00
CA SER A 64 14.03 1.20 -15.44
C SER A 64 13.13 0.14 -16.06
N TYR A 65 12.31 0.57 -17.02
CA TYR A 65 11.44 -0.31 -17.79
C TYR A 65 11.78 -0.09 -19.26
N PRO A 66 12.80 -0.77 -19.79
CA PRO A 66 13.24 -0.49 -21.17
C PRO A 66 12.21 -0.82 -22.21
N MET A 67 11.24 -1.67 -21.88
CA MET A 67 10.18 -1.94 -22.83
C MET A 67 9.18 -0.78 -22.94
N ALA A 68 9.06 0.08 -21.92
CA ALA A 68 7.98 1.08 -21.91
C ALA A 68 8.29 2.26 -22.82
N GLU A 69 7.24 2.71 -23.51
CA GLU A 69 7.27 3.95 -24.29
C GLU A 69 6.78 5.14 -23.47
N SER A 70 5.67 4.96 -22.75
CA SER A 70 5.18 5.92 -21.78
C SER A 70 4.43 5.15 -20.71
N VAL A 71 3.92 5.87 -19.71
CA VAL A 71 3.12 5.27 -18.65
C VAL A 71 1.66 5.67 -18.85
N VAL A 72 0.77 4.68 -18.78
CA VAL A 72 -0.66 4.92 -18.85
C VAL A 72 -1.22 5.23 -17.47
N ALA A 73 -0.81 4.46 -16.47
CA ALA A 73 -1.24 4.68 -15.09
C ALA A 73 -0.25 4.00 -14.16
N THR A 74 0.24 4.75 -13.17
CA THR A 74 1.07 4.18 -12.14
C THR A 74 0.24 3.35 -11.17
N GLU A 75 0.91 2.65 -10.26
CA GLU A 75 0.20 1.80 -9.31
C GLU A 75 -0.76 2.62 -8.45
N SER A 76 -0.35 3.83 -8.06
CA SER A 76 -1.22 4.67 -7.24
C SER A 76 -2.47 5.08 -8.02
N THR A 77 -2.32 5.35 -9.32
CA THR A 77 -3.48 5.67 -10.14
C THR A 77 -4.42 4.47 -10.26
N ILE A 78 -3.86 3.29 -10.47
CA ILE A 78 -4.68 2.08 -10.64
C ILE A 78 -5.47 1.79 -9.37
N HIS A 79 -4.80 1.82 -8.22
CA HIS A 79 -5.47 1.46 -6.98
C HIS A 79 -6.42 2.56 -6.52
N ARG A 80 -6.12 3.81 -6.82
CA ARG A 80 -7.09 4.87 -6.56
C ARG A 80 -8.37 4.67 -7.35
N SER A 81 -8.25 4.15 -8.57
CA SER A 81 -9.42 3.91 -9.41
C SER A 81 -10.21 2.71 -8.92
N MET A 82 -9.53 1.64 -8.54
CA MET A 82 -10.23 0.43 -8.11
C MET A 82 -10.95 0.64 -6.78
N LYS A 83 -10.39 1.48 -5.90
CA LYS A 83 -11.06 1.76 -4.63
C LYS A 83 -12.35 2.55 -4.86
N GLU A 84 -12.32 3.53 -5.76
CA GLU A 84 -13.55 4.25 -6.08
C GLU A 84 -14.51 3.36 -6.87
N MET A 85 -13.98 2.44 -7.68
CA MET A 85 -14.83 1.50 -8.40
C MET A 85 -15.54 0.55 -7.44
N ALA A 86 -14.83 0.07 -6.41
CA ALA A 86 -15.47 -0.79 -5.42
C ALA A 86 -16.60 -0.06 -4.71
N GLN A 87 -16.39 1.22 -4.39
CA GLN A 87 -17.47 2.01 -3.80
C GLN A 87 -18.64 2.14 -4.76
N THR A 88 -18.36 2.27 -6.05
CA THR A 88 -19.43 2.35 -7.05
C THR A 88 -20.21 1.04 -7.13
N LEU A 89 -19.49 -0.07 -7.25
CA LEU A 89 -20.15 -1.37 -7.33
C LEU A 89 -20.98 -1.66 -6.09
N ALA A 90 -20.39 -1.43 -4.91
CA ALA A 90 -21.12 -1.64 -3.66
C ALA A 90 -22.40 -0.81 -3.63
N ASN A 91 -22.34 0.43 -4.09
CA ASN A 91 -23.53 1.26 -4.14
C ASN A 91 -24.54 0.72 -5.14
N ALA A 92 -24.09 0.00 -6.17
CA ALA A 92 -24.98 -0.49 -7.21
C ALA A 92 -25.58 -1.85 -6.90
N TYR A 93 -25.03 -2.58 -5.93
CA TYR A 93 -25.42 -3.97 -5.70
C TYR A 93 -25.88 -4.27 -4.28
N LYS A 94 -25.59 -3.41 -3.29
CA LYS A 94 -25.80 -3.78 -1.90
C LYS A 94 -27.28 -3.93 -1.56
N THR A 95 -28.14 -3.13 -2.17
CA THR A 95 -29.57 -3.16 -1.87
C THR A 95 -30.36 -4.06 -2.79
N LEU A 96 -29.71 -4.74 -3.74
CA LEU A 96 -30.40 -5.54 -4.73
C LEU A 96 -30.82 -6.89 -4.13
N LYS A 97 -31.72 -7.57 -4.83
CA LYS A 97 -32.19 -8.88 -4.43
C LYS A 97 -32.16 -9.82 -5.63
N HIS A 98 -31.98 -11.11 -5.34
CA HIS A 98 -31.98 -12.14 -6.38
C HIS A 98 -32.45 -13.44 -5.74
N ARG A 99 -32.54 -14.49 -6.58
CA ARG A 99 -33.13 -15.74 -6.14
C ARG A 99 -32.26 -16.42 -5.09
N ASP A 100 -32.91 -16.98 -4.07
CA ASP A 100 -32.23 -17.59 -2.94
C ASP A 100 -31.80 -19.00 -3.29
N THR A 101 -30.50 -19.21 -3.48
CA THR A 101 -29.94 -20.54 -3.65
C THR A 101 -29.52 -21.18 -2.33
N HIS A 102 -29.60 -20.45 -1.22
CA HIS A 102 -29.13 -20.96 0.07
C HIS A 102 -30.18 -21.87 0.70
N ASN A 103 -31.40 -21.37 0.89
CA ASN A 103 -32.53 -22.19 1.33
C ASN A 103 -33.41 -22.39 0.11
N LYS A 104 -33.32 -23.58 -0.48
CA LYS A 104 -34.09 -23.90 -1.68
C LYS A 104 -35.60 -23.89 -1.44
N GLY A 105 -36.04 -23.89 -0.18
CA GLY A 105 -37.46 -23.93 0.13
C GLY A 105 -38.13 -22.57 0.17
N ASN A 106 -37.33 -21.51 0.27
CA ASN A 106 -37.89 -20.16 0.28
C ASN A 106 -38.13 -19.67 -1.14
N SER A 107 -39.34 -19.19 -1.40
CA SER A 107 -39.72 -18.75 -2.74
C SER A 107 -39.54 -17.27 -2.96
N ALA A 108 -39.39 -16.48 -1.90
CA ALA A 108 -39.20 -15.05 -2.06
C ALA A 108 -37.75 -14.75 -2.44
N LEU A 109 -37.55 -13.58 -3.05
CA LEU A 109 -36.23 -13.18 -3.51
C LEU A 109 -35.43 -12.61 -2.35
N ALA A 110 -34.13 -13.01 -2.26
CA ALA A 110 -33.30 -12.72 -1.11
C ALA A 110 -32.30 -11.60 -1.41
N PRO A 111 -31.87 -10.85 -0.40
CA PRO A 111 -30.85 -9.82 -0.61
C PRO A 111 -29.47 -10.44 -0.78
N ILE A 112 -28.51 -9.59 -1.14
CA ILE A 112 -27.14 -10.03 -1.39
C ILE A 112 -26.42 -10.13 -0.05
N THR A 113 -26.27 -11.38 0.44
CA THR A 113 -25.63 -11.67 1.71
C THR A 113 -24.57 -12.75 1.48
N ASP A 114 -23.91 -13.16 2.58
CA ASP A 114 -22.97 -14.27 2.48
C ASP A 114 -23.67 -15.57 2.11
N GLU A 115 -24.98 -15.66 2.30
CA GLU A 115 -25.73 -16.85 1.91
C GLU A 115 -26.07 -16.84 0.42
N ASN A 116 -26.34 -15.66 -0.15
CA ASN A 116 -26.62 -15.50 -1.58
C ASN A 116 -25.78 -14.34 -2.10
N PRO A 117 -24.48 -14.54 -2.27
CA PRO A 117 -23.59 -13.41 -2.60
C PRO A 117 -23.67 -13.03 -4.07
N LEU A 118 -22.98 -11.94 -4.38
CA LEU A 118 -22.81 -11.53 -5.76
C LEU A 118 -21.88 -12.51 -6.48
N ILE A 119 -22.27 -12.90 -7.69
CA ILE A 119 -21.47 -13.83 -8.48
C ILE A 119 -20.50 -13.03 -9.35
N ILE A 120 -19.21 -13.31 -9.20
CA ILE A 120 -18.16 -12.64 -9.94
C ILE A 120 -17.46 -13.67 -10.82
N ILE A 121 -17.43 -13.40 -12.13
CA ILE A 121 -16.75 -14.27 -13.09
C ILE A 121 -15.50 -13.54 -13.55
N SER A 122 -14.34 -14.02 -13.10
CA SER A 122 -13.06 -13.49 -13.55
C SER A 122 -12.61 -14.25 -14.78
N VAL A 123 -12.15 -13.53 -15.80
CA VAL A 123 -11.76 -14.12 -17.07
C VAL A 123 -10.25 -14.31 -17.07
N LEU A 124 -9.81 -15.57 -16.93
CA LEU A 124 -8.40 -15.88 -17.11
C LEU A 124 -7.96 -15.47 -18.51
N LYS A 125 -6.69 -15.08 -18.65
CA LYS A 125 -5.66 -15.23 -17.63
C LYS A 125 -5.32 -13.93 -16.90
N GLY A 126 -5.37 -12.81 -17.63
CA GLY A 126 -4.79 -11.57 -17.13
C GLY A 126 -5.61 -10.87 -16.05
N SER A 127 -6.86 -11.27 -15.87
CA SER A 127 -7.72 -10.60 -14.90
C SER A 127 -7.55 -11.11 -13.48
N TYR A 128 -6.61 -12.03 -13.23
CA TYR A 128 -6.50 -12.60 -11.89
C TYR A 128 -5.85 -11.63 -10.91
N ILE A 129 -4.88 -10.82 -11.36
CA ILE A 129 -4.31 -9.79 -10.50
C ILE A 129 -5.34 -8.70 -10.23
N PHE A 130 -6.11 -8.32 -11.25
CA PHE A 130 -7.16 -7.32 -11.08
C PHE A 130 -8.23 -7.81 -10.11
N THR A 131 -8.72 -9.04 -10.31
CA THR A 131 -9.73 -9.60 -9.42
C THR A 131 -9.21 -9.70 -7.99
N ALA A 132 -7.94 -10.09 -7.82
CA ALA A 132 -7.38 -10.25 -6.49
C ALA A 132 -7.47 -8.96 -5.68
N ASP A 133 -6.98 -7.86 -6.23
CA ASP A 133 -7.08 -6.57 -5.54
C ASP A 133 -8.52 -6.12 -5.42
N MET A 134 -9.36 -6.42 -6.42
CA MET A 134 -10.71 -5.89 -6.46
C MET A 134 -11.59 -6.51 -5.36
N VAL A 135 -11.59 -7.84 -5.25
CA VAL A 135 -12.50 -8.48 -4.29
C VAL A 135 -12.15 -8.07 -2.87
N ARG A 136 -10.88 -7.77 -2.60
CA ARG A 136 -10.51 -7.26 -1.28
C ARG A 136 -11.04 -5.86 -1.06
N TYR A 137 -11.08 -5.03 -2.11
CA TYR A 137 -11.70 -3.71 -1.99
C TYR A 137 -13.20 -3.82 -1.79
N LEU A 138 -13.85 -4.74 -2.52
CA LEU A 138 -15.26 -5.03 -2.27
C LEU A 138 -15.47 -5.50 -0.84
N GLY A 139 -14.51 -6.25 -0.29
CA GLY A 139 -14.59 -6.62 1.11
C GLY A 139 -14.59 -5.42 2.04
N ASP A 140 -13.77 -4.42 1.71
CA ASP A 140 -13.72 -3.19 2.51
C ASP A 140 -15.05 -2.45 2.47
N CSO A 141 -15.73 -2.49 1.32
CA CSO A 141 -17.04 -1.87 1.19
CB CSO A 141 -17.28 -1.39 -0.24
SG CSO A 141 -15.92 -0.35 -0.78
C CSO A 141 -18.17 -2.81 1.61
O CSO A 141 -19.35 -2.45 1.50
OD CSO A 141 -16.18 1.33 -0.20
N GLY A 142 -17.82 -4.00 2.07
CA GLY A 142 -18.80 -4.93 2.61
C GLY A 142 -19.78 -5.51 1.61
N LEU A 143 -19.31 -5.81 0.40
CA LEU A 143 -20.14 -6.41 -0.63
C LEU A 143 -19.82 -7.90 -0.72
N PRO A 144 -20.68 -8.78 -0.20
CA PRO A 144 -20.39 -10.22 -0.25
C PRO A 144 -20.35 -10.71 -1.69
N ASN A 145 -19.35 -11.52 -2.01
CA ASN A 145 -19.12 -11.93 -3.39
C ASN A 145 -18.40 -13.26 -3.43
N VAL A 146 -18.52 -13.94 -4.57
CA VAL A 146 -17.84 -15.19 -4.83
C VAL A 146 -17.28 -15.14 -6.24
N VAL A 147 -16.11 -15.74 -6.45
CA VAL A 147 -15.38 -15.64 -7.71
C VAL A 147 -15.23 -17.03 -8.31
N ASP A 148 -15.65 -17.18 -9.57
CA ASP A 148 -15.33 -18.35 -10.38
C ASP A 148 -14.63 -17.88 -11.65
N PHE A 149 -13.74 -18.73 -12.17
CA PHE A 149 -12.88 -18.35 -13.27
C PHE A 149 -13.33 -19.01 -14.57
N ILE A 150 -13.01 -18.34 -15.69
CA ILE A 150 -13.30 -18.85 -17.02
C ILE A 150 -12.13 -18.50 -17.93
N ARG A 151 -11.88 -19.37 -18.91
CA ARG A 151 -10.83 -19.16 -19.89
C ARG A 151 -11.45 -18.98 -21.27
N ILE A 152 -10.80 -18.16 -22.09
CA ILE A 152 -11.33 -17.83 -23.40
C ILE A 152 -10.46 -18.40 -24.52
N LEU A 168 -10.98 -22.64 -24.23
CA LEU A 168 -12.02 -22.30 -23.27
C LEU A 168 -12.08 -23.32 -22.13
N ASP A 169 -12.03 -22.83 -20.89
CA ASP A 169 -12.20 -23.66 -19.70
C ASP A 169 -13.54 -23.33 -19.04
N ASN A 170 -14.25 -24.36 -18.62
CA ASN A 170 -15.63 -24.22 -18.21
C ASN A 170 -15.75 -23.57 -16.82
N LEU A 171 -16.93 -23.01 -16.57
CA LEU A 171 -17.30 -22.57 -15.24
C LEU A 171 -17.63 -23.78 -14.37
N ARG A 172 -17.45 -23.63 -13.06
CA ARG A 172 -17.87 -24.66 -12.12
C ARG A 172 -19.10 -24.28 -11.33
N PHE A 173 -19.44 -23.00 -11.24
CA PHE A 173 -20.70 -22.58 -10.65
C PHE A 173 -21.86 -23.03 -11.54
N THR A 174 -22.93 -23.51 -10.90
CA THR A 174 -24.07 -24.05 -11.64
C THR A 174 -25.39 -23.37 -11.28
N GLU A 175 -25.41 -22.43 -10.36
CA GLU A 175 -26.64 -21.76 -9.92
C GLU A 175 -26.55 -20.28 -10.25
N LEU A 176 -26.56 -19.97 -11.55
CA LEU A 176 -26.50 -18.59 -12.02
C LEU A 176 -27.85 -18.04 -12.45
N THR A 177 -28.85 -18.89 -12.65
CA THR A 177 -30.17 -18.43 -13.08
C THR A 177 -30.78 -17.54 -12.01
N GLY A 178 -31.32 -16.40 -12.44
CA GLY A 178 -31.94 -15.47 -11.51
C GLY A 178 -30.99 -14.83 -10.52
N LYS A 179 -29.70 -14.88 -10.78
CA LYS A 179 -28.69 -14.33 -9.89
C LYS A 179 -28.08 -13.06 -10.50
N HIS A 180 -27.64 -12.17 -9.62
CA HIS A 180 -26.89 -10.99 -10.05
C HIS A 180 -25.46 -11.39 -10.33
N VAL A 181 -25.01 -11.16 -11.56
CA VAL A 181 -23.72 -11.63 -12.03
C VAL A 181 -22.89 -10.46 -12.55
N LEU A 182 -21.62 -10.45 -12.20
CA LEU A 182 -20.68 -9.41 -12.62
C LEU A 182 -19.42 -10.07 -13.14
N ILE A 183 -19.11 -9.87 -14.41
CA ILE A 183 -17.88 -10.40 -15.01
C ILE A 183 -16.79 -9.34 -14.90
N MET A 184 -15.59 -9.77 -14.53
CA MET A 184 -14.46 -8.86 -14.34
C MET A 184 -13.37 -9.22 -15.35
N GLU A 185 -13.33 -8.46 -16.43
CA GLU A 185 -12.30 -8.56 -17.46
C GLU A 185 -11.33 -7.40 -17.30
N ASP A 186 -10.09 -7.60 -17.70
CA ASP A 186 -9.09 -6.56 -17.51
C ASP A 186 -9.00 -5.57 -18.67
N ILE A 187 -9.55 -5.89 -19.84
CA ILE A 187 -9.51 -4.96 -20.96
C ILE A 187 -10.66 -5.24 -21.92
N ALA A 188 -11.20 -4.17 -22.51
CA ALA A 188 -12.12 -4.25 -23.63
C ALA A 188 -11.57 -3.39 -24.76
N ASP A 189 -11.28 -4.01 -25.90
CA ASP A 189 -10.68 -3.30 -27.02
C ASP A 189 -11.68 -3.27 -28.15
N THR A 190 -11.65 -4.23 -29.07
CA THR A 190 -12.66 -4.32 -30.11
C THR A 190 -14.04 -4.61 -29.56
N GLY A 191 -14.14 -5.09 -28.32
CA GLY A 191 -15.40 -5.48 -27.74
C GLY A 191 -15.89 -6.85 -28.13
N ARG A 192 -15.15 -7.60 -28.93
CA ARG A 192 -15.62 -8.93 -29.29
C ARG A 192 -15.64 -9.87 -28.09
N THR A 193 -14.50 -10.05 -27.41
CA THR A 193 -14.43 -11.05 -26.34
C THR A 193 -15.59 -10.94 -25.37
N MET A 194 -15.92 -9.73 -24.93
CA MET A 194 -17.02 -9.57 -23.98
C MET A 194 -18.39 -9.73 -24.64
N LYS A 195 -18.53 -9.33 -25.92
CA LYS A 195 -19.80 -9.51 -26.60
C LYS A 195 -20.16 -10.98 -26.68
N LEU A 196 -19.19 -11.85 -26.99
CA LEU A 196 -19.45 -13.29 -27.00
C LEU A 196 -19.70 -13.83 -25.59
N LEU A 197 -18.95 -13.34 -24.60
CA LEU A 197 -19.10 -13.87 -23.24
C LEU A 197 -20.44 -13.48 -22.63
N VAL A 198 -20.88 -12.25 -22.84
CA VAL A 198 -22.17 -11.83 -22.30
C VAL A 198 -23.31 -12.57 -22.99
N GLU A 199 -23.17 -12.84 -24.29
CA GLU A 199 -24.20 -13.59 -25.00
C GLU A 199 -24.22 -15.05 -24.56
N LYS A 200 -23.05 -15.65 -24.36
CA LYS A 200 -22.99 -17.05 -23.96
C LYS A 200 -23.58 -17.24 -22.56
N ILE A 201 -23.20 -16.39 -21.62
CA ILE A 201 -23.68 -16.53 -20.25
C ILE A 201 -25.18 -16.26 -20.20
N ARG A 202 -25.65 -15.28 -20.98
CA ARG A 202 -27.08 -14.95 -20.98
C ARG A 202 -27.92 -16.15 -21.41
N ARG A 203 -27.48 -16.87 -22.44
CA ARG A 203 -28.30 -17.96 -22.96
C ARG A 203 -28.15 -19.24 -22.16
N GLU A 204 -26.99 -19.48 -21.55
CA GLU A 204 -26.78 -20.73 -20.84
C GLU A 204 -27.38 -20.69 -19.44
N TYR A 205 -27.49 -19.51 -18.82
CA TYR A 205 -27.95 -19.40 -17.45
C TYR A 205 -29.10 -18.43 -17.24
N ARG A 206 -29.29 -17.45 -18.13
CA ARG A 206 -30.27 -16.37 -17.99
C ARG A 206 -30.25 -15.79 -16.58
N PRO A 207 -29.20 -15.10 -16.17
CA PRO A 207 -29.17 -14.49 -14.84
C PRO A 207 -30.18 -13.36 -14.72
N ALA A 208 -30.33 -12.87 -13.49
CA ALA A 208 -31.18 -11.71 -13.25
C ALA A 208 -30.55 -10.45 -13.83
N SER A 209 -29.25 -10.28 -13.64
CA SER A 209 -28.50 -9.19 -14.23
C SER A 209 -27.11 -9.69 -14.59
N LEU A 210 -26.59 -9.16 -15.69
CA LEU A 210 -25.26 -9.50 -16.16
C LEU A 210 -24.57 -8.20 -16.56
N LYS A 211 -23.47 -7.87 -15.90
CA LYS A 211 -22.78 -6.62 -16.20
C LYS A 211 -21.29 -6.87 -16.23
N VAL A 212 -20.57 -5.96 -16.88
CA VAL A 212 -19.13 -6.09 -17.10
C VAL A 212 -18.43 -4.94 -16.38
N CYS A 213 -17.40 -5.27 -15.62
CA CYS A 213 -16.49 -4.29 -15.05
C CYS A 213 -15.11 -4.55 -15.64
N VAL A 214 -14.53 -3.53 -16.27
CA VAL A 214 -13.22 -3.66 -16.90
C VAL A 214 -12.23 -2.76 -16.19
N LEU A 215 -10.98 -3.22 -16.09
CA LEU A 215 -9.91 -2.36 -15.59
C LEU A 215 -9.57 -1.27 -16.59
N VAL A 216 -9.49 -1.62 -17.87
CA VAL A 216 -9.01 -0.73 -18.91
C VAL A 216 -9.97 -0.81 -20.08
N ASP A 217 -10.54 0.32 -20.48
CA ASP A 217 -11.37 0.41 -21.66
C ASP A 217 -10.60 1.11 -22.76
N LYS A 218 -10.45 0.44 -23.89
CA LYS A 218 -9.88 1.04 -25.09
C LYS A 218 -11.00 1.40 -26.04
N PRO A 219 -11.67 2.54 -25.86
CA PRO A 219 -12.86 2.83 -26.68
C PRO A 219 -12.53 3.07 -28.14
N GLY A 220 -11.34 3.60 -28.43
CA GLY A 220 -10.97 3.97 -29.78
C GLY A 220 -10.77 2.81 -30.74
N GLY A 221 -10.84 1.56 -30.27
CA GLY A 221 -10.62 0.43 -31.14
C GLY A 221 -11.79 -0.52 -31.23
N ARG A 222 -12.97 -0.05 -30.81
CA ARG A 222 -14.15 -0.89 -30.75
C ARG A 222 -14.74 -1.10 -32.14
N VAL A 223 -15.07 -2.36 -32.46
CA VAL A 223 -15.64 -2.72 -33.76
C VAL A 223 -17.10 -3.17 -33.63
N VAL A 224 -17.39 -4.06 -32.68
CA VAL A 224 -18.77 -4.42 -32.37
C VAL A 224 -19.28 -3.37 -31.42
N ASP A 225 -20.56 -3.41 -31.06
CA ASP A 225 -21.14 -2.40 -30.18
C ASP A 225 -21.39 -3.03 -28.82
N PHE A 226 -20.42 -2.89 -27.93
CA PHE A 226 -20.50 -3.35 -26.55
C PHE A 226 -19.91 -2.27 -25.65
N LYS A 227 -20.58 -2.00 -24.53
CA LYS A 227 -20.04 -1.05 -23.56
C LYS A 227 -19.95 -1.72 -22.20
N PRO A 228 -18.86 -1.54 -21.46
CA PRO A 228 -18.84 -2.00 -20.07
C PRO A 228 -19.60 -1.03 -19.18
N GLU A 229 -20.42 -1.59 -18.28
CA GLU A 229 -21.16 -0.77 -17.34
C GLU A 229 -20.25 -0.10 -16.32
N PHE A 230 -19.07 -0.66 -16.08
CA PHE A 230 -18.13 -0.11 -15.11
C PHE A 230 -16.74 -0.13 -15.71
N VAL A 231 -16.03 0.99 -15.61
CA VAL A 231 -14.72 1.14 -16.21
C VAL A 231 -13.80 1.84 -15.21
N CYS A 232 -12.69 1.19 -14.86
CA CYS A 232 -11.74 1.79 -13.93
C CYS A 232 -10.87 2.82 -14.64
N LEU A 233 -10.08 2.38 -15.60
CA LEU A 233 -9.20 3.26 -16.37
C LEU A 233 -9.59 3.24 -17.85
N THR A 234 -9.21 4.30 -18.54
CA THR A 234 -9.30 4.36 -19.98
C THR A 234 -7.90 4.48 -20.55
N ALA A 235 -7.69 3.90 -21.74
CA ALA A 235 -6.36 3.85 -22.31
C ALA A 235 -6.40 4.24 -23.78
N PRO A 236 -5.28 4.73 -24.31
CA PRO A 236 -5.23 5.04 -25.74
C PRO A 236 -5.21 3.77 -26.58
N THR A 237 -5.51 3.94 -27.86
CA THR A 237 -5.54 2.82 -28.80
C THR A 237 -4.14 2.31 -29.09
N ARG A 238 -3.46 1.78 -28.07
CA ARG A 238 -2.13 1.20 -28.23
C ARG A 238 -2.06 -0.11 -27.44
N TYR A 239 -1.03 -0.89 -27.72
CA TYR A 239 -0.79 -2.12 -27.00
C TYR A 239 -0.13 -1.81 -25.66
N VAL A 240 -0.79 -2.18 -24.57
CA VAL A 240 -0.30 -1.91 -23.23
C VAL A 240 0.20 -3.20 -22.60
N VAL A 241 1.12 -3.05 -21.65
CA VAL A 241 1.61 -4.17 -20.85
C VAL A 241 1.69 -3.72 -19.40
N GLY A 242 1.80 -4.69 -18.50
CA GLY A 242 1.90 -4.41 -17.09
C GLY A 242 0.59 -4.57 -16.35
N TYR A 243 0.66 -5.05 -15.10
CA TYR A 243 -0.51 -5.25 -14.26
C TYR A 243 -1.56 -6.13 -14.95
N GLY A 244 -1.12 -7.32 -15.36
CA GLY A 244 -1.97 -8.28 -16.01
C GLY A 244 -1.80 -8.36 -17.51
N PHE A 245 -1.46 -7.25 -18.16
CA PHE A 245 -1.25 -7.22 -19.60
C PHE A 245 0.18 -7.64 -19.93
N GLU A 246 0.33 -8.38 -21.02
CA GLU A 246 1.53 -9.18 -21.22
C GLU A 246 1.99 -9.16 -22.68
N VAL A 247 3.18 -9.69 -22.89
CA VAL A 247 3.69 -10.06 -24.20
C VAL A 247 4.29 -11.45 -24.06
N ASN A 248 3.58 -12.47 -24.56
CA ASN A 248 3.90 -13.87 -24.30
C ASN A 248 4.18 -14.10 -22.82
N ASP A 249 3.24 -13.63 -21.98
CA ASP A 249 3.23 -13.76 -20.53
C ASP A 249 4.29 -12.92 -19.83
N ARG A 250 5.07 -12.11 -20.55
CA ARG A 250 6.06 -11.26 -19.91
C ARG A 250 5.44 -9.95 -19.45
N TYR A 251 6.01 -9.40 -18.38
CA TYR A 251 5.62 -8.13 -17.76
C TYR A 251 4.24 -8.17 -17.12
N ARG A 252 3.67 -9.35 -16.88
CA ARG A 252 2.35 -9.42 -16.27
C ARG A 252 2.37 -8.93 -14.83
N ASN A 253 3.49 -9.14 -14.12
CA ASN A 253 3.59 -8.83 -12.70
C ASN A 253 4.06 -7.41 -12.43
N TYR A 254 4.20 -6.58 -13.46
CA TYR A 254 4.61 -5.20 -13.25
C TYR A 254 3.47 -4.41 -12.60
N ARG A 255 3.85 -3.47 -11.74
CA ARG A 255 2.87 -2.79 -10.90
C ARG A 255 2.24 -1.57 -11.58
N HIS A 256 2.69 -1.20 -12.78
CA HIS A 256 2.13 -0.09 -13.52
C HIS A 256 1.76 -0.55 -14.92
N VAL A 257 0.99 0.28 -15.62
CA VAL A 257 0.54 0.00 -16.97
C VAL A 257 1.23 0.98 -17.92
N PHE A 258 2.00 0.44 -18.87
CA PHE A 258 2.77 1.22 -19.82
C PHE A 258 2.23 1.01 -21.23
N VAL A 259 2.62 1.91 -22.13
CA VAL A 259 2.52 1.67 -23.57
C VAL A 259 3.83 1.01 -24.01
N LEU A 260 3.73 -0.16 -24.64
CA LEU A 260 4.92 -0.90 -25.04
C LEU A 260 5.51 -0.32 -26.32
N LYS A 261 6.84 -0.20 -26.34
CA LYS A 261 7.55 0.17 -27.56
C LYS A 261 7.19 -0.81 -28.68
N PRO A 262 6.90 -0.32 -29.89
CA PRO A 262 6.58 -1.26 -30.98
C PRO A 262 7.70 -2.24 -31.29
N GLU A 263 8.95 -1.91 -30.96
CA GLU A 263 10.06 -2.83 -31.18
C GLU A 263 9.99 -4.05 -30.28
N TYR A 264 9.26 -3.97 -29.17
CA TYR A 264 9.15 -5.07 -28.23
C TYR A 264 7.94 -5.97 -28.48
N ALA A 265 7.11 -5.65 -29.47
CA ALA A 265 5.87 -6.38 -29.67
C ALA A 265 6.08 -7.84 -30.04
N LYS A 266 7.27 -8.20 -30.54
CA LYS A 266 7.50 -9.54 -31.07
C LYS A 266 8.84 -10.08 -30.60
N ARG A 267 9.22 -9.78 -29.35
CA ARG A 267 10.54 -10.16 -28.88
C ARG A 267 10.61 -11.56 -28.28
N TYR A 268 9.48 -12.14 -27.90
CA TYR A 268 9.42 -13.48 -27.33
C TYR A 268 8.48 -14.32 -28.17
N PRO A 269 8.95 -14.82 -29.32
CA PRO A 269 8.06 -15.59 -30.20
C PRO A 269 7.93 -17.05 -29.83
N SER A 270 8.88 -17.60 -29.06
CA SER A 270 8.86 -19.02 -28.73
C SER A 270 7.73 -19.34 -27.76
N LYS A 271 7.10 -20.49 -27.96
CA LYS A 271 5.94 -20.88 -27.17
C LYS A 271 6.36 -21.39 -25.80
N LEU A 272 5.59 -21.02 -24.78
CA LEU A 272 5.84 -21.48 -23.42
C LEU A 272 5.05 -22.75 -23.14
N LYS B 46 -1.55 -0.72 20.33
CA LYS B 46 -1.01 -1.99 20.79
C LYS B 46 0.03 -2.63 19.84
N PRO B 47 -0.31 -2.81 18.56
CA PRO B 47 0.57 -3.61 17.69
C PRO B 47 1.96 -2.99 17.56
N ASN B 48 2.97 -3.83 17.72
CA ASN B 48 4.35 -3.41 17.54
C ASN B 48 4.68 -3.33 16.05
N PHE B 49 5.53 -2.37 15.70
CA PHE B 49 5.86 -2.08 14.31
C PHE B 49 7.15 -2.79 13.93
N VAL B 50 7.08 -3.63 12.90
CA VAL B 50 8.20 -4.44 12.44
C VAL B 50 8.75 -3.84 11.15
N GLY B 51 10.05 -3.58 11.12
CA GLY B 51 10.70 -3.07 9.93
C GLY B 51 12.17 -3.47 9.84
N ARG B 52 12.93 -2.76 9.01
CA ARG B 52 14.36 -3.00 8.87
C ARG B 52 15.09 -1.66 8.82
N ASP B 53 16.30 -1.63 9.38
CA ASP B 53 17.07 -0.40 9.43
C ASP B 53 17.86 -0.22 8.14
N ALA B 54 18.78 0.75 8.14
CA ALA B 54 19.59 1.00 6.95
C ALA B 54 20.49 -0.19 6.64
N ASP B 55 21.04 -0.82 7.66
CA ASP B 55 21.93 -1.96 7.48
C ASP B 55 21.17 -3.26 7.18
N GLY B 56 19.84 -3.21 7.09
CA GLY B 56 19.05 -4.38 6.80
C GLY B 56 18.68 -5.24 7.99
N ASN B 57 19.04 -4.83 9.20
CA ASN B 57 18.73 -5.61 10.38
C ASN B 57 17.27 -5.49 10.76
N VAL B 58 16.75 -6.52 11.43
CA VAL B 58 15.37 -6.53 11.88
C VAL B 58 15.17 -5.47 12.96
N THR B 59 14.09 -4.71 12.85
CA THR B 59 13.71 -3.74 13.87
C THR B 59 12.29 -4.01 14.34
N VAL B 60 12.06 -3.81 15.63
CA VAL B 60 10.72 -3.82 16.21
C VAL B 60 10.58 -2.56 17.06
N ASP B 61 9.60 -1.73 16.71
CA ASP B 61 9.33 -0.47 17.43
C ASP B 61 10.58 0.40 17.54
N GLY B 62 11.42 0.38 16.51
CA GLY B 62 12.56 1.27 16.48
C GLY B 62 13.89 0.63 16.83
N ARG B 63 13.90 -0.30 17.78
CA ARG B 63 15.13 -0.97 18.18
C ARG B 63 15.52 -2.02 17.15
N SER B 64 16.78 -2.03 16.74
CA SER B 64 17.28 -3.02 15.82
C SER B 64 17.78 -4.24 16.57
N TYR B 65 17.66 -5.41 15.94
CA TYR B 65 18.03 -6.69 16.55
C TYR B 65 18.97 -7.41 15.57
N PRO B 66 20.27 -7.09 15.62
CA PRO B 66 21.19 -7.64 14.62
C PRO B 66 21.31 -9.16 14.64
N MET B 67 20.95 -9.81 15.75
CA MET B 67 21.02 -11.27 15.81
C MET B 67 19.85 -11.94 15.09
N ALA B 68 18.76 -11.21 14.86
CA ALA B 68 17.53 -11.80 14.36
C ALA B 68 17.56 -11.92 12.84
N GLU B 69 17.18 -13.11 12.35
CA GLU B 69 16.97 -13.25 10.92
C GLU B 69 15.60 -12.69 10.51
N SER B 70 14.57 -12.96 11.31
CA SER B 70 13.25 -12.41 11.09
C SER B 70 12.45 -12.55 12.39
N VAL B 71 11.22 -12.04 12.37
CA VAL B 71 10.35 -12.01 13.53
C VAL B 71 9.37 -13.18 13.43
N VAL B 72 9.20 -13.91 14.53
CA VAL B 72 8.21 -14.98 14.60
C VAL B 72 6.90 -14.48 15.15
N ALA B 73 6.96 -13.78 16.29
CA ALA B 73 5.78 -13.15 16.87
C ALA B 73 6.26 -12.02 17.79
N THR B 74 5.60 -10.87 17.70
CA THR B 74 5.92 -9.75 18.55
C THR B 74 5.18 -9.86 19.88
N GLU B 75 5.53 -8.97 20.82
CA GLU B 75 4.95 -9.01 22.16
C GLU B 75 3.43 -8.87 22.10
N SER B 76 2.91 -7.98 21.25
CA SER B 76 1.48 -7.83 21.13
C SER B 76 0.83 -9.11 20.60
N THR B 77 1.47 -9.76 19.63
CA THR B 77 0.96 -11.03 19.12
C THR B 77 1.05 -12.12 20.20
N ILE B 78 2.21 -12.20 20.86
CA ILE B 78 2.42 -13.22 21.89
C ILE B 78 1.40 -13.10 23.00
N HIS B 79 1.16 -11.87 23.47
CA HIS B 79 0.31 -11.68 24.62
C HIS B 79 -1.17 -11.84 24.29
N ARG B 80 -1.57 -11.65 23.04
CA ARG B 80 -2.98 -11.89 22.70
C ARG B 80 -3.28 -13.38 22.66
N SER B 81 -2.35 -14.19 22.14
CA SER B 81 -2.59 -15.63 22.08
C SER B 81 -2.58 -16.25 23.48
N MET B 82 -1.89 -15.63 24.44
CA MET B 82 -1.89 -16.17 25.79
C MET B 82 -3.13 -15.78 26.58
N LYS B 83 -3.70 -14.59 26.31
CA LYS B 83 -4.95 -14.24 26.97
C LYS B 83 -6.09 -15.11 26.45
N GLU B 84 -6.05 -15.45 25.16
CA GLU B 84 -6.99 -16.43 24.62
C GLU B 84 -6.69 -17.82 25.12
N MET B 85 -5.41 -18.14 25.35
CA MET B 85 -5.07 -19.39 26.01
C MET B 85 -5.55 -19.40 27.45
N ALA B 86 -5.56 -18.24 28.11
CA ALA B 86 -6.11 -18.14 29.46
C ALA B 86 -7.59 -18.52 29.47
N GLN B 87 -8.38 -17.92 28.58
CA GLN B 87 -9.80 -18.22 28.53
C GLN B 87 -10.05 -19.67 28.14
N THR B 88 -9.13 -20.28 27.38
CA THR B 88 -9.27 -21.69 27.06
C THR B 88 -8.94 -22.56 28.26
N LEU B 89 -7.84 -22.24 28.96
CA LEU B 89 -7.50 -22.99 30.17
C LEU B 89 -8.57 -22.83 31.24
N ALA B 90 -9.14 -21.64 31.37
CA ALA B 90 -10.16 -21.42 32.40
C ALA B 90 -11.44 -22.18 32.08
N ASN B 91 -11.83 -22.24 30.79
CA ASN B 91 -13.04 -22.96 30.42
C ASN B 91 -12.90 -24.46 30.73
N ALA B 92 -11.72 -25.02 30.49
CA ALA B 92 -11.53 -26.46 30.64
C ALA B 92 -11.47 -26.90 32.09
N TYR B 93 -11.01 -26.04 33.00
CA TYR B 93 -10.74 -26.45 34.36
C TYR B 93 -11.69 -25.87 35.41
N LYS B 94 -12.41 -24.78 35.09
CA LYS B 94 -13.18 -24.09 36.11
C LYS B 94 -14.30 -24.94 36.71
N THR B 95 -14.75 -25.99 36.00
CA THR B 95 -15.82 -26.84 36.49
C THR B 95 -15.34 -28.24 36.86
N LEU B 96 -14.06 -28.54 36.74
CA LEU B 96 -13.55 -29.86 37.06
C LEU B 96 -13.43 -30.04 38.58
N LYS B 97 -13.39 -31.30 39.00
CA LYS B 97 -13.33 -31.66 40.41
C LYS B 97 -12.22 -32.66 40.65
N HIS B 98 -11.46 -32.46 41.72
CA HIS B 98 -10.34 -33.34 42.06
C HIS B 98 -10.30 -33.49 43.58
N ARG B 99 -9.25 -34.14 44.06
CA ARG B 99 -9.17 -34.56 45.46
C ARG B 99 -9.16 -33.36 46.40
N ASP B 100 -9.82 -33.52 47.55
CA ASP B 100 -9.84 -32.50 48.59
C ASP B 100 -8.66 -32.73 49.53
N THR B 101 -7.75 -31.76 49.58
CA THR B 101 -6.68 -31.77 50.57
C THR B 101 -6.80 -30.65 51.60
N HIS B 102 -7.68 -29.68 51.38
CA HIS B 102 -7.85 -28.61 52.36
C HIS B 102 -8.49 -29.13 53.62
N ASN B 103 -9.64 -29.80 53.50
CA ASN B 103 -10.19 -30.57 54.60
C ASN B 103 -9.97 -32.03 54.21
N LYS B 104 -9.14 -32.73 55.00
CA LYS B 104 -8.70 -34.05 54.59
C LYS B 104 -9.73 -35.13 54.91
N GLY B 105 -10.78 -34.79 55.66
CA GLY B 105 -11.85 -35.72 55.95
C GLY B 105 -12.94 -35.82 54.91
N ASN B 106 -12.87 -35.00 53.85
CA ASN B 106 -13.88 -35.04 52.80
C ASN B 106 -13.72 -36.31 51.96
N SER B 107 -14.83 -36.99 51.72
CA SER B 107 -14.85 -38.14 50.84
C SER B 107 -15.14 -37.76 49.39
N ALA B 108 -16.09 -36.84 49.18
CA ALA B 108 -16.45 -36.43 47.84
C ALA B 108 -15.34 -35.58 47.21
N LEU B 109 -15.32 -35.56 45.89
CA LEU B 109 -14.36 -34.73 45.17
C LEU B 109 -14.69 -33.26 45.36
N ALA B 110 -13.66 -32.42 45.25
CA ALA B 110 -13.83 -31.00 45.53
C ALA B 110 -13.62 -30.16 44.28
N PRO B 111 -14.38 -29.08 44.12
CA PRO B 111 -14.14 -28.18 42.98
C PRO B 111 -12.83 -27.42 43.14
N ILE B 112 -12.33 -26.94 42.01
CA ILE B 112 -11.10 -26.16 41.97
C ILE B 112 -11.36 -24.80 42.59
N THR B 113 -10.94 -24.63 43.84
CA THR B 113 -11.08 -23.35 44.54
C THR B 113 -9.74 -22.94 45.14
N ASP B 114 -9.73 -21.87 45.92
CA ASP B 114 -8.51 -21.52 46.65
C ASP B 114 -8.14 -22.58 47.66
N GLU B 115 -9.11 -23.37 48.13
CA GLU B 115 -8.81 -24.47 49.04
C GLU B 115 -8.08 -25.59 48.32
N ASN B 116 -8.52 -25.94 47.11
CA ASN B 116 -7.89 -26.98 46.29
C ASN B 116 -7.74 -26.45 44.87
N PRO B 117 -6.68 -25.68 44.61
CA PRO B 117 -6.52 -25.05 43.30
C PRO B 117 -5.80 -25.95 42.30
N LEU B 118 -5.81 -25.49 41.05
CA LEU B 118 -5.06 -26.16 40.00
C LEU B 118 -3.56 -26.11 40.33
N ILE B 119 -2.87 -27.20 40.02
CA ILE B 119 -1.44 -27.31 40.26
C ILE B 119 -0.73 -27.10 38.92
N ILE B 120 0.16 -26.11 38.87
CA ILE B 120 0.94 -25.82 37.68
C ILE B 120 2.41 -26.11 37.96
N ILE B 121 3.03 -26.88 37.07
CA ILE B 121 4.45 -27.22 37.17
C ILE B 121 5.16 -26.48 36.04
N SER B 122 5.96 -25.49 36.39
CA SER B 122 6.71 -24.69 35.43
C SER B 122 8.13 -25.22 35.31
N VAL B 123 8.60 -25.35 34.08
CA VAL B 123 9.89 -25.99 33.80
C VAL B 123 10.94 -24.91 33.64
N LEU B 124 11.78 -24.75 34.66
CA LEU B 124 12.92 -23.87 34.57
C LEU B 124 13.93 -24.41 33.55
N LYS B 125 14.63 -23.50 32.87
CA LYS B 125 14.58 -22.06 33.13
C LYS B 125 13.66 -21.29 32.19
N GLY B 126 13.52 -21.80 30.96
CA GLY B 126 12.97 -20.99 29.89
C GLY B 126 11.54 -20.53 30.10
N SER B 127 10.78 -21.24 30.91
CA SER B 127 9.35 -21.02 30.99
C SER B 127 8.94 -20.03 32.09
N TYR B 128 9.88 -19.42 32.79
CA TYR B 128 9.52 -18.60 33.95
C TYR B 128 8.89 -17.27 33.53
N ILE B 129 9.38 -16.67 32.44
CA ILE B 129 8.74 -15.47 31.91
C ILE B 129 7.36 -15.82 31.34
N PHE B 130 7.27 -16.95 30.62
CA PHE B 130 5.98 -17.43 30.15
C PHE B 130 5.01 -17.63 31.30
N THR B 131 5.43 -18.42 32.30
CA THR B 131 4.56 -18.70 33.45
C THR B 131 4.14 -17.42 34.17
N ALA B 132 5.07 -16.48 34.32
CA ALA B 132 4.79 -15.26 35.08
C ALA B 132 3.65 -14.46 34.45
N ASP B 133 3.58 -14.42 33.12
CA ASP B 133 2.46 -13.75 32.48
C ASP B 133 1.22 -14.63 32.47
N MET B 134 1.40 -15.93 32.24
CA MET B 134 0.26 -16.82 32.09
C MET B 134 -0.55 -16.95 33.37
N VAL B 135 0.12 -17.03 34.53
CA VAL B 135 -0.63 -17.15 35.78
C VAL B 135 -1.41 -15.87 36.07
N ARG B 136 -0.87 -14.71 35.70
CA ARG B 136 -1.60 -13.47 35.93
C ARG B 136 -2.83 -13.39 35.05
N TYR B 137 -2.74 -13.88 33.82
CA TYR B 137 -3.92 -13.99 32.97
C TYR B 137 -4.92 -15.01 33.53
N LEU B 138 -4.42 -16.06 34.18
CA LEU B 138 -5.32 -17.04 34.78
C LEU B 138 -6.10 -16.42 35.94
N GLY B 139 -5.45 -15.56 36.72
CA GLY B 139 -6.18 -14.81 37.74
C GLY B 139 -7.23 -13.90 37.14
N ASP B 140 -6.97 -13.34 35.96
CA ASP B 140 -7.93 -12.47 35.29
C ASP B 140 -9.24 -13.21 35.01
N CSO B 141 -9.13 -14.46 34.56
CA CSO B 141 -10.33 -15.27 34.34
CB CSO B 141 -10.18 -16.17 33.11
SG CSO B 141 -8.99 -15.44 31.96
C CSO B 141 -10.68 -16.11 35.57
O CSO B 141 -11.51 -17.02 35.50
OD CSO B 141 -9.82 -14.79 30.54
N GLY B 142 -10.04 -15.79 36.69
CA GLY B 142 -10.42 -16.34 37.98
C GLY B 142 -10.38 -17.85 38.15
N LEU B 143 -9.29 -18.47 37.68
CA LEU B 143 -9.05 -19.87 37.97
C LEU B 143 -7.97 -19.96 39.02
N PRO B 144 -8.28 -20.41 40.24
CA PRO B 144 -7.24 -20.46 41.28
C PRO B 144 -6.17 -21.48 40.93
N ASN B 145 -4.92 -21.11 41.19
CA ASN B 145 -3.80 -21.94 40.81
C ASN B 145 -2.63 -21.66 41.74
N VAL B 146 -1.71 -22.63 41.79
CA VAL B 146 -0.44 -22.49 42.50
C VAL B 146 0.64 -23.07 41.61
N VAL B 147 1.87 -22.60 41.79
CA VAL B 147 2.97 -22.92 40.89
C VAL B 147 4.15 -23.46 41.70
N ASP B 148 4.73 -24.55 41.22
CA ASP B 148 6.04 -25.01 41.65
C ASP B 148 6.91 -25.20 40.41
N PHE B 149 8.22 -25.29 40.62
CA PHE B 149 9.18 -25.31 39.53
C PHE B 149 9.94 -26.63 39.51
N ILE B 150 10.30 -27.07 38.31
CA ILE B 150 11.20 -28.19 38.12
C ILE B 150 12.25 -27.80 37.09
N ARG B 151 13.49 -28.19 37.34
CA ARG B 151 14.61 -27.89 36.45
C ARG B 151 14.99 -29.14 35.67
N ILE B 152 15.48 -28.94 34.45
CA ILE B 152 15.91 -30.05 33.61
C ILE B 152 17.32 -29.81 33.10
N LEU B 168 18.77 -30.69 37.56
CA LEU B 168 17.45 -31.31 37.51
C LEU B 168 16.74 -31.21 38.87
N ASP B 169 16.73 -30.01 39.43
CA ASP B 169 16.07 -29.78 40.71
C ASP B 169 14.60 -30.17 40.63
N ASN B 170 14.08 -30.70 41.73
CA ASN B 170 12.78 -31.37 41.74
C ASN B 170 11.73 -30.52 42.43
N LEU B 171 10.49 -31.02 42.37
CA LEU B 171 9.35 -30.34 42.95
C LEU B 171 9.43 -30.33 44.47
N ARG B 172 8.93 -29.25 45.07
CA ARG B 172 8.69 -29.22 46.50
C ARG B 172 7.26 -29.55 46.88
N PHE B 173 6.32 -29.42 45.95
CA PHE B 173 4.97 -29.93 46.17
C PHE B 173 5.00 -31.45 46.24
N THR B 174 4.28 -32.00 47.22
CA THR B 174 4.26 -33.43 47.42
C THR B 174 2.89 -34.07 47.26
N GLU B 175 1.80 -33.32 47.45
CA GLU B 175 0.46 -33.89 47.47
C GLU B 175 -0.25 -33.68 46.13
N LEU B 176 0.31 -34.30 45.08
CA LEU B 176 -0.24 -34.19 43.75
C LEU B 176 -1.16 -35.35 43.37
N THR B 177 -1.25 -36.38 44.21
CA THR B 177 -2.04 -37.55 43.88
C THR B 177 -3.53 -37.21 43.84
N GLY B 178 -4.18 -37.56 42.73
CA GLY B 178 -5.58 -37.24 42.56
C GLY B 178 -5.87 -35.79 42.28
N LYS B 179 -4.86 -35.01 41.92
CA LYS B 179 -5.03 -33.60 41.61
C LYS B 179 -4.99 -33.36 40.12
N HIS B 180 -5.57 -32.23 39.71
CA HIS B 180 -5.44 -31.74 38.34
C HIS B 180 -4.15 -30.93 38.25
N VAL B 181 -3.19 -31.42 37.49
CA VAL B 181 -1.91 -30.73 37.33
C VAL B 181 -1.73 -30.35 35.86
N LEU B 182 -1.17 -29.16 35.66
CA LEU B 182 -0.97 -28.57 34.34
C LEU B 182 0.51 -28.22 34.23
N ILE B 183 1.18 -28.75 33.23
CA ILE B 183 2.60 -28.45 33.01
C ILE B 183 2.71 -27.27 32.05
N MET B 184 3.69 -26.41 32.30
CA MET B 184 3.90 -25.21 31.50
C MET B 184 5.34 -25.21 30.97
N GLU B 185 5.47 -25.65 29.72
CA GLU B 185 6.74 -25.64 29.01
C GLU B 185 6.69 -24.51 27.97
N ASP B 186 7.87 -24.02 27.60
CA ASP B 186 7.93 -22.94 26.62
C ASP B 186 8.10 -23.43 25.19
N ILE B 187 8.48 -24.68 24.98
CA ILE B 187 8.78 -25.17 23.64
C ILE B 187 8.57 -26.67 23.60
N ALA B 188 7.95 -27.14 22.52
CA ALA B 188 7.83 -28.57 22.22
C ALA B 188 8.33 -28.78 20.79
N ASP B 189 9.50 -29.43 20.66
CA ASP B 189 10.11 -29.61 19.36
C ASP B 189 10.07 -31.08 19.02
N THR B 190 11.13 -31.84 19.28
CA THR B 190 11.11 -33.27 19.00
C THR B 190 10.18 -34.03 19.94
N GLY B 191 9.86 -33.45 21.10
CA GLY B 191 8.93 -34.04 22.03
C GLY B 191 9.56 -34.95 23.07
N ARG B 192 10.87 -35.19 22.99
CA ARG B 192 11.51 -36.09 23.94
C ARG B 192 11.41 -35.55 25.37
N THR B 193 11.79 -34.28 25.57
CA THR B 193 11.85 -33.72 26.91
C THR B 193 10.49 -33.80 27.59
N MET B 194 9.43 -33.40 26.88
CA MET B 194 8.10 -33.44 27.49
C MET B 194 7.65 -34.87 27.73
N LYS B 195 7.74 -35.73 26.71
CA LYS B 195 7.29 -37.11 26.86
C LYS B 195 7.99 -37.80 28.03
N LEU B 196 9.24 -37.42 28.32
CA LEU B 196 9.89 -37.94 29.51
C LEU B 196 9.32 -37.31 30.77
N LEU B 197 9.08 -35.99 30.76
CA LEU B 197 8.58 -35.34 31.95
C LEU B 197 7.18 -35.79 32.30
N VAL B 198 6.31 -35.92 31.30
CA VAL B 198 4.94 -36.35 31.55
C VAL B 198 4.90 -37.75 32.14
N GLU B 199 5.82 -38.62 31.73
CA GLU B 199 5.87 -39.97 32.29
C GLU B 199 6.31 -39.93 33.75
N LYS B 200 7.28 -39.07 34.08
CA LYS B 200 7.81 -39.01 35.44
C LYS B 200 6.75 -38.55 36.42
N ILE B 201 6.12 -37.41 36.15
CA ILE B 201 5.11 -36.89 37.08
C ILE B 201 3.95 -37.87 37.19
N ARG B 202 3.58 -38.51 36.08
CA ARG B 202 2.50 -39.48 36.12
C ARG B 202 2.80 -40.62 37.07
N ARG B 203 3.99 -41.21 36.94
CA ARG B 203 4.34 -42.36 37.77
C ARG B 203 4.64 -41.96 39.21
N GLU B 204 5.41 -40.89 39.39
CA GLU B 204 5.90 -40.53 40.72
C GLU B 204 4.88 -39.76 41.54
N TYR B 205 3.85 -39.19 40.92
CA TYR B 205 2.89 -38.36 41.64
C TYR B 205 1.44 -38.79 41.48
N ARG B 206 1.09 -39.56 40.45
CA ARG B 206 -0.23 -40.12 40.27
C ARG B 206 -1.36 -39.07 40.32
N PRO B 207 -1.31 -38.03 39.50
CA PRO B 207 -2.37 -37.02 39.52
C PRO B 207 -3.62 -37.51 38.81
N ALA B 208 -4.71 -36.77 39.01
CA ALA B 208 -5.96 -37.09 38.34
C ALA B 208 -5.83 -36.90 36.84
N SER B 209 -5.47 -35.70 36.41
CA SER B 209 -5.22 -35.41 35.01
C SER B 209 -3.87 -34.72 34.87
N LEU B 210 -3.23 -34.92 33.71
CA LEU B 210 -1.96 -34.27 33.41
C LEU B 210 -2.01 -33.77 31.98
N LYS B 211 -1.92 -32.46 31.81
CA LYS B 211 -1.94 -31.83 30.51
C LYS B 211 -0.81 -30.83 30.39
N VAL B 212 -0.37 -30.58 29.16
CA VAL B 212 0.78 -29.73 28.88
C VAL B 212 0.31 -28.54 28.07
N CYS B 213 0.79 -27.36 28.44
CA CYS B 213 0.53 -26.12 27.71
C CYS B 213 1.87 -25.50 27.35
N VAL B 214 2.22 -25.49 26.07
CA VAL B 214 3.49 -24.92 25.65
C VAL B 214 3.23 -23.58 24.98
N LEU B 215 4.27 -22.75 24.95
CA LEU B 215 4.18 -21.43 24.33
C LEU B 215 4.41 -21.52 22.82
N VAL B 216 5.34 -22.37 22.40
CA VAL B 216 5.69 -22.54 20.99
C VAL B 216 5.73 -24.04 20.70
N ASP B 217 5.00 -24.47 19.66
CA ASP B 217 5.05 -25.84 19.19
C ASP B 217 5.73 -25.89 17.83
N LYS B 218 6.67 -26.81 17.68
CA LYS B 218 7.35 -27.05 16.40
C LYS B 218 7.03 -28.47 15.96
N PRO B 219 5.80 -28.72 15.49
CA PRO B 219 5.39 -30.10 15.18
C PRO B 219 6.17 -30.73 14.05
N GLY B 220 6.85 -29.94 13.22
CA GLY B 220 7.63 -30.51 12.13
C GLY B 220 8.90 -31.20 12.56
N GLY B 221 9.39 -30.90 13.77
CA GLY B 221 10.62 -31.50 14.24
C GLY B 221 10.41 -32.66 15.18
N ARG B 222 9.21 -33.24 15.19
CA ARG B 222 8.84 -34.23 16.19
C ARG B 222 9.40 -35.61 15.81
N VAL B 223 10.02 -36.29 16.78
CA VAL B 223 10.57 -37.61 16.55
C VAL B 223 9.79 -38.71 17.27
N VAL B 224 9.07 -38.39 18.36
CA VAL B 224 8.30 -39.37 19.11
C VAL B 224 6.92 -38.81 19.37
N ASP B 225 5.98 -39.70 19.66
CA ASP B 225 4.57 -39.33 19.77
C ASP B 225 4.33 -38.52 21.04
N PHE B 226 4.12 -37.21 20.88
CA PHE B 226 3.69 -36.34 21.97
C PHE B 226 3.01 -35.13 21.37
N LYS B 227 1.85 -34.76 21.91
CA LYS B 227 1.10 -33.61 21.43
C LYS B 227 0.66 -32.77 22.63
N PRO B 228 1.13 -31.54 22.77
CA PRO B 228 0.66 -30.69 23.86
C PRO B 228 -0.82 -30.40 23.71
N GLU B 229 -1.55 -30.48 24.83
CA GLU B 229 -2.98 -30.23 24.78
C GLU B 229 -3.30 -28.76 24.53
N PHE B 230 -2.39 -27.87 24.91
CA PHE B 230 -2.57 -26.43 24.75
C PHE B 230 -1.31 -25.83 24.15
N VAL B 231 -1.47 -25.05 23.08
CA VAL B 231 -0.37 -24.43 22.36
C VAL B 231 -0.75 -23.01 21.97
N CYS B 232 0.09 -22.04 22.33
CA CYS B 232 -0.18 -20.66 21.95
C CYS B 232 0.29 -20.38 20.52
N LEU B 233 1.56 -20.61 20.24
CA LEU B 233 2.15 -20.33 18.94
C LEU B 233 2.63 -21.63 18.29
N THR B 234 2.49 -21.70 16.97
CA THR B 234 3.07 -22.78 16.18
C THR B 234 4.16 -22.19 15.29
N ALA B 235 5.31 -22.85 15.25
CA ALA B 235 6.48 -22.30 14.57
C ALA B 235 7.11 -23.35 13.68
N PRO B 236 7.85 -22.93 12.64
CA PRO B 236 8.56 -23.90 11.80
C PRO B 236 9.78 -24.46 12.50
N THR B 237 10.46 -25.42 11.86
CA THR B 237 11.63 -26.07 12.44
C THR B 237 12.86 -25.15 12.31
N ARG B 238 12.83 -24.08 13.09
CA ARG B 238 13.93 -23.12 13.11
C ARG B 238 14.25 -22.74 14.54
N TYR B 239 15.52 -22.40 14.78
CA TYR B 239 15.95 -22.00 16.11
C TYR B 239 15.50 -20.58 16.40
N VAL B 240 15.05 -20.35 17.63
CA VAL B 240 14.31 -19.16 18.00
C VAL B 240 14.88 -18.58 19.28
N VAL B 241 14.92 -17.24 19.37
CA VAL B 241 15.39 -16.55 20.56
C VAL B 241 14.41 -15.44 20.92
N GLY B 242 14.35 -15.13 22.20
CA GLY B 242 13.49 -14.09 22.73
C GLY B 242 12.35 -14.65 23.56
N TYR B 243 11.90 -13.84 24.52
CA TYR B 243 10.79 -14.20 25.41
C TYR B 243 11.00 -15.56 26.06
N GLY B 244 12.19 -15.75 26.65
CA GLY B 244 12.54 -16.98 27.33
C GLY B 244 13.55 -17.82 26.59
N PHE B 245 13.53 -17.78 25.26
CA PHE B 245 14.49 -18.54 24.46
C PHE B 245 15.79 -17.78 24.31
N GLU B 246 16.89 -18.50 24.12
CA GLU B 246 18.20 -17.90 24.35
C GLU B 246 19.27 -18.65 23.58
N VAL B 247 20.46 -18.05 23.55
CA VAL B 247 21.71 -18.72 23.22
C VAL B 247 22.70 -18.35 24.32
N ASN B 248 23.06 -19.33 25.16
CA ASN B 248 23.88 -19.12 26.35
C ASN B 248 23.31 -18.00 27.22
N ASP B 249 22.01 -18.09 27.50
CA ASP B 249 21.25 -17.20 28.38
C ASP B 249 21.13 -15.77 27.85
N ARG B 250 21.65 -15.49 26.66
CA ARG B 250 21.47 -14.17 26.06
C ARG B 250 20.13 -14.09 25.34
N TYR B 251 19.57 -12.88 25.31
CA TYR B 251 18.31 -12.55 24.64
C TYR B 251 17.09 -13.15 25.33
N ARG B 252 17.22 -13.65 26.56
CA ARG B 252 16.08 -14.20 27.27
C ARG B 252 15.06 -13.13 27.61
N ASN B 253 15.50 -11.87 27.77
CA ASN B 253 14.62 -10.80 28.21
C ASN B 253 14.04 -9.97 27.06
N TYR B 254 14.17 -10.45 25.82
CA TYR B 254 13.57 -9.75 24.69
C TYR B 254 12.06 -9.99 24.67
N ARG B 255 11.30 -8.93 24.43
CA ARG B 255 9.84 -9.01 24.43
C ARG B 255 9.27 -9.64 23.16
N HIS B 256 10.12 -9.97 22.19
CA HIS B 256 9.66 -10.58 20.95
C HIS B 256 10.43 -11.86 20.69
N VAL B 257 9.90 -12.67 19.79
CA VAL B 257 10.43 -13.99 19.49
C VAL B 257 10.91 -13.97 18.04
N PHE B 258 12.22 -14.09 17.84
CA PHE B 258 12.84 -14.01 16.53
C PHE B 258 13.42 -15.36 16.10
N VAL B 259 13.58 -15.52 14.80
CA VAL B 259 14.45 -16.57 14.26
C VAL B 259 15.88 -16.04 14.29
N LEU B 260 16.81 -16.85 14.79
CA LEU B 260 18.19 -16.40 14.96
C LEU B 260 19.01 -16.71 13.69
N LYS B 261 19.87 -15.76 13.33
CA LYS B 261 20.79 -15.89 12.20
C LYS B 261 21.81 -16.98 12.47
N PRO B 262 21.81 -18.09 11.71
CA PRO B 262 22.77 -19.19 11.95
C PRO B 262 24.18 -18.75 12.33
N GLU B 263 24.66 -17.61 11.82
CA GLU B 263 25.99 -17.12 12.15
C GLU B 263 26.13 -16.69 13.61
N TYR B 264 25.01 -16.51 14.31
CA TYR B 264 25.03 -16.13 15.72
C TYR B 264 24.87 -17.32 16.66
N ALA B 265 24.80 -18.54 16.12
CA ALA B 265 24.53 -19.71 16.96
C ALA B 265 25.64 -19.94 17.96
N LYS B 266 26.88 -20.03 17.49
CA LYS B 266 28.04 -20.28 18.35
C LYS B 266 28.74 -18.99 18.73
N ARG B 267 27.97 -17.98 19.15
CA ARG B 267 28.52 -16.64 19.38
C ARG B 267 29.10 -16.48 20.78
N TYR B 268 28.42 -16.98 21.81
CA TYR B 268 28.87 -16.84 23.19
C TYR B 268 29.10 -18.23 23.77
N PRO B 269 30.29 -18.80 23.58
CA PRO B 269 30.50 -20.21 23.97
C PRO B 269 31.10 -20.40 25.35
N SER B 270 31.73 -19.36 25.92
CA SER B 270 32.41 -19.51 27.20
C SER B 270 31.42 -19.60 28.36
N LYS B 271 31.69 -20.54 29.27
CA LYS B 271 30.76 -20.85 30.35
C LYS B 271 30.51 -19.63 31.25
N LEU B 272 29.28 -19.48 31.70
CA LEU B 272 28.92 -18.44 32.65
C LEU B 272 28.97 -18.97 34.08
N LYS C 46 -2.05 10.07 -40.06
CA LYS C 46 -0.97 9.79 -41.00
C LYS C 46 0.30 10.53 -40.60
N PRO C 47 1.45 9.85 -40.74
CA PRO C 47 2.73 10.53 -40.45
C PRO C 47 3.04 11.60 -41.48
N ASN C 48 4.12 12.32 -41.22
CA ASN C 48 4.59 13.41 -42.08
C ASN C 48 5.97 13.05 -42.63
N PHE C 49 6.06 12.92 -43.95
CA PHE C 49 7.33 12.58 -44.58
C PHE C 49 8.34 13.71 -44.36
N VAL C 50 9.60 13.32 -44.10
CA VAL C 50 10.68 14.26 -43.85
C VAL C 50 11.76 14.04 -44.90
N GLY C 51 12.17 15.12 -45.57
CA GLY C 51 13.19 15.03 -46.59
C GLY C 51 13.98 16.32 -46.77
N ARG C 52 14.84 16.37 -47.79
CA ARG C 52 15.66 17.53 -48.08
C ARG C 52 15.30 18.10 -49.44
N ASP C 53 15.36 19.42 -49.56
CA ASP C 53 14.90 20.11 -50.76
C ASP C 53 16.08 20.28 -51.74
N ALA C 54 15.92 21.18 -52.70
CA ALA C 54 16.93 21.43 -53.72
C ALA C 54 18.08 22.30 -53.21
N ASP C 55 17.95 22.89 -52.03
CA ASP C 55 18.98 23.77 -51.48
C ASP C 55 19.69 23.19 -50.26
N GLY C 56 19.31 21.98 -49.83
CA GLY C 56 19.89 21.35 -48.67
C GLY C 56 19.07 21.49 -47.41
N ASN C 57 18.09 22.41 -47.39
CA ASN C 57 17.22 22.54 -46.24
C ASN C 57 16.28 21.35 -46.14
N VAL C 58 15.67 21.19 -44.98
CA VAL C 58 14.79 20.06 -44.71
C VAL C 58 13.37 20.42 -45.09
N THR C 59 12.61 19.42 -45.52
CA THR C 59 11.20 19.58 -45.85
C THR C 59 10.36 18.61 -45.03
N VAL C 60 9.16 19.04 -44.68
CA VAL C 60 8.16 18.19 -44.04
C VAL C 60 6.91 18.25 -44.89
N ASP C 61 6.57 17.12 -45.53
CA ASP C 61 5.45 17.04 -46.46
C ASP C 61 5.60 18.03 -47.61
N GLY C 62 6.84 18.19 -48.10
CA GLY C 62 7.10 19.03 -49.24
C GLY C 62 6.98 20.52 -48.95
N ARG C 63 7.75 20.99 -47.95
CA ARG C 63 7.81 22.41 -47.65
C ARG C 63 9.18 22.70 -47.07
N SER C 64 9.98 23.49 -47.77
CA SER C 64 11.33 23.81 -47.32
C SER C 64 11.29 24.46 -45.94
N TYR C 65 12.27 24.12 -45.12
CA TYR C 65 12.44 24.72 -43.80
C TYR C 65 13.89 25.17 -43.64
N PRO C 66 14.22 26.35 -44.17
CA PRO C 66 15.60 26.86 -44.02
C PRO C 66 15.99 27.10 -42.57
N MET C 67 15.02 27.36 -41.70
CA MET C 67 15.34 27.60 -40.29
C MET C 67 15.89 26.35 -39.62
N ALA C 68 15.56 25.17 -40.15
CA ALA C 68 15.68 23.92 -39.42
C ALA C 68 16.98 23.19 -39.74
N GLU C 69 17.74 22.88 -38.69
CA GLU C 69 18.91 22.01 -38.84
C GLU C 69 18.49 20.55 -38.96
N SER C 70 17.51 20.13 -38.15
CA SER C 70 16.92 18.80 -38.23
C SER C 70 15.55 18.87 -37.59
N VAL C 71 14.83 17.76 -37.62
CA VAL C 71 13.49 17.68 -37.04
C VAL C 71 13.58 16.99 -35.69
N VAL C 72 12.93 17.57 -34.69
CA VAL C 72 12.80 16.94 -33.39
C VAL C 72 11.54 16.08 -33.32
N ALA C 73 10.41 16.64 -33.73
CA ALA C 73 9.15 15.90 -33.73
C ALA C 73 8.21 16.51 -34.76
N THR C 74 7.60 15.65 -35.57
CA THR C 74 6.60 16.09 -36.52
C THR C 74 5.24 16.24 -35.83
N GLU C 75 4.31 16.89 -36.52
CA GLU C 75 3.00 17.19 -35.92
C GLU C 75 2.29 15.92 -35.48
N SER C 76 2.34 14.87 -36.30
CA SER C 76 1.68 13.63 -35.92
C SER C 76 2.31 13.02 -34.67
N THR C 77 3.64 13.10 -34.57
CA THR C 77 4.31 12.64 -33.35
C THR C 77 3.88 13.46 -32.14
N ILE C 78 3.76 14.77 -32.31
CA ILE C 78 3.41 15.64 -31.19
C ILE C 78 1.98 15.38 -30.74
N HIS C 79 1.04 15.33 -31.68
CA HIS C 79 -0.36 15.19 -31.31
C HIS C 79 -0.68 13.81 -30.73
N ARG C 80 0.01 12.77 -31.20
CA ARG C 80 -0.15 11.46 -30.58
C ARG C 80 0.38 11.47 -29.15
N SER C 81 1.49 12.18 -28.92
CA SER C 81 2.01 12.30 -27.56
C SER C 81 1.04 13.06 -26.66
N MET C 82 0.45 14.13 -27.17
CA MET C 82 -0.42 14.97 -26.34
C MET C 82 -1.73 14.24 -26.02
N LYS C 83 -2.34 13.61 -27.02
CA LYS C 83 -3.56 12.85 -26.77
C LYS C 83 -3.29 11.70 -25.81
N GLU C 84 -2.10 11.10 -25.87
CA GLU C 84 -1.74 10.08 -24.91
C GLU C 84 -1.50 10.68 -23.53
N MET C 85 -0.84 11.86 -23.48
CA MET C 85 -0.62 12.52 -22.21
C MET C 85 -1.93 13.01 -21.58
N ALA C 86 -2.93 13.32 -22.41
CA ALA C 86 -4.24 13.69 -21.88
C ALA C 86 -4.90 12.52 -21.19
N GLN C 87 -4.70 11.30 -21.71
CA GLN C 87 -5.28 10.12 -21.08
C GLN C 87 -4.59 9.81 -19.76
N THR C 88 -3.27 9.99 -19.69
CA THR C 88 -2.56 9.82 -18.43
C THR C 88 -3.04 10.83 -17.39
N LEU C 89 -3.21 12.08 -17.82
CA LEU C 89 -3.71 13.12 -16.90
C LEU C 89 -5.12 12.81 -16.44
N ALA C 90 -6.00 12.43 -17.37
CA ALA C 90 -7.38 12.13 -17.00
C ALA C 90 -7.45 10.98 -16.01
N ASN C 91 -6.63 9.94 -16.23
CA ASN C 91 -6.60 8.82 -15.30
C ASN C 91 -6.12 9.26 -13.92
N ALA C 92 -5.03 10.03 -13.87
CA ALA C 92 -4.44 10.41 -12.60
C ALA C 92 -5.37 11.29 -11.79
N TYR C 93 -5.95 12.31 -12.42
CA TYR C 93 -6.82 13.25 -11.71
C TYR C 93 -8.26 12.75 -11.60
N LYS C 94 -8.55 11.54 -12.06
CA LYS C 94 -9.93 11.07 -12.15
C LYS C 94 -10.60 11.03 -10.78
N THR C 95 -9.87 10.60 -9.75
CA THR C 95 -10.46 10.28 -8.46
C THR C 95 -10.09 11.27 -7.38
N LEU C 96 -9.31 12.30 -7.68
CA LEU C 96 -8.82 13.20 -6.64
C LEU C 96 -9.93 14.12 -6.13
N LYS C 97 -9.73 14.59 -4.91
CA LYS C 97 -10.65 15.52 -4.26
C LYS C 97 -9.87 16.74 -3.79
N HIS C 98 -10.56 17.87 -3.71
CA HIS C 98 -9.96 19.11 -3.21
C HIS C 98 -11.04 19.94 -2.56
N ARG C 99 -10.72 21.20 -2.26
CA ARG C 99 -11.63 22.05 -1.51
C ARG C 99 -12.83 22.43 -2.37
N ASP C 100 -14.02 22.36 -1.79
CA ASP C 100 -15.24 22.77 -2.47
C ASP C 100 -15.46 24.27 -2.29
N THR C 101 -15.41 25.03 -3.38
CA THR C 101 -15.78 26.43 -3.36
C THR C 101 -17.10 26.71 -4.06
N HIS C 102 -17.65 25.74 -4.79
CA HIS C 102 -18.99 25.90 -5.34
C HIS C 102 -20.01 26.01 -4.22
N ASN C 103 -20.07 25.00 -3.36
CA ASN C 103 -20.84 25.06 -2.13
C ASN C 103 -19.82 25.26 -1.01
N LYS C 104 -19.51 26.53 -0.72
CA LYS C 104 -18.48 26.84 0.26
C LYS C 104 -18.84 26.36 1.66
N GLY C 105 -20.14 26.22 1.96
CA GLY C 105 -20.55 25.67 3.24
C GLY C 105 -20.20 24.21 3.45
N ASN C 106 -19.68 23.54 2.43
CA ASN C 106 -19.34 22.13 2.53
C ASN C 106 -18.01 21.96 3.24
N SER C 107 -18.04 21.30 4.40
CA SER C 107 -16.81 21.05 5.15
C SER C 107 -15.98 19.91 4.58
N ALA C 108 -16.58 19.04 3.78
CA ALA C 108 -15.89 17.87 3.25
C ALA C 108 -15.29 18.17 1.88
N LEU C 109 -14.30 17.37 1.52
CA LEU C 109 -13.69 17.48 0.20
C LEU C 109 -14.69 17.13 -0.89
N ALA C 110 -14.52 17.75 -2.05
CA ALA C 110 -15.36 17.49 -3.20
C ALA C 110 -14.51 16.98 -4.36
N PRO C 111 -15.09 16.16 -5.24
CA PRO C 111 -14.34 15.65 -6.38
C PRO C 111 -14.16 16.72 -7.45
N ILE C 112 -13.32 16.39 -8.42
CA ILE C 112 -13.03 17.27 -9.55
C ILE C 112 -14.20 17.17 -10.53
N THR C 113 -15.09 18.17 -10.50
CA THR C 113 -16.25 18.20 -11.38
C THR C 113 -16.34 19.54 -12.11
N ASP C 114 -17.45 19.77 -12.81
CA ASP C 114 -17.67 21.08 -13.40
C ASP C 114 -17.80 22.16 -12.33
N GLU C 115 -18.31 21.79 -11.15
CA GLU C 115 -18.47 22.77 -10.07
C GLU C 115 -17.14 23.13 -9.43
N ASN C 116 -16.25 22.15 -9.27
CA ASN C 116 -14.91 22.36 -8.72
C ASN C 116 -13.89 21.74 -9.67
N PRO C 117 -13.64 22.39 -10.81
CA PRO C 117 -12.77 21.79 -11.83
C PRO C 117 -11.30 21.86 -11.43
N LEU C 118 -10.50 21.10 -12.18
CA LEU C 118 -9.05 21.22 -12.09
C LEU C 118 -8.62 22.56 -12.67
N ILE C 119 -7.62 23.19 -12.05
CA ILE C 119 -7.20 24.53 -12.41
C ILE C 119 -5.86 24.44 -13.15
N ILE C 120 -5.84 24.93 -14.39
CA ILE C 120 -4.65 24.90 -15.23
C ILE C 120 -4.06 26.29 -15.28
N ILE C 121 -2.74 26.38 -15.10
CA ILE C 121 -2.01 27.63 -15.23
C ILE C 121 -1.14 27.50 -16.47
N SER C 122 -1.59 28.09 -17.58
CA SER C 122 -0.80 28.15 -18.80
C SER C 122 0.09 29.38 -18.74
N VAL C 123 1.36 29.21 -19.10
CA VAL C 123 2.32 30.29 -19.01
C VAL C 123 2.58 30.85 -20.40
N LEU C 124 2.44 32.17 -20.53
CA LEU C 124 2.63 32.86 -21.79
C LEU C 124 4.11 33.13 -22.01
N LYS C 125 4.52 33.23 -23.28
CA LYS C 125 3.62 33.31 -24.43
C LYS C 125 3.48 32.01 -25.22
N GLY C 126 4.58 31.24 -25.31
CA GLY C 126 4.63 30.15 -26.26
C GLY C 126 3.70 28.99 -25.94
N SER C 127 3.48 28.71 -24.66
CA SER C 127 2.68 27.54 -24.31
C SER C 127 1.20 27.69 -24.62
N TYR C 128 0.76 28.69 -25.38
CA TYR C 128 -0.67 28.87 -25.61
C TYR C 128 -1.19 27.92 -26.68
N ILE C 129 -0.41 27.68 -27.73
CA ILE C 129 -0.78 26.64 -28.70
C ILE C 129 -0.82 25.27 -28.02
N PHE C 130 0.16 24.99 -27.16
CA PHE C 130 0.18 23.73 -26.44
C PHE C 130 -1.05 23.60 -25.53
N THR C 131 -1.40 24.66 -24.82
CA THR C 131 -2.57 24.63 -23.95
C THR C 131 -3.86 24.43 -24.76
N ALA C 132 -3.98 25.16 -25.88
CA ALA C 132 -5.20 25.12 -26.68
C ALA C 132 -5.52 23.71 -27.14
N ASP C 133 -4.50 22.97 -27.60
CA ASP C 133 -4.73 21.59 -28.03
C ASP C 133 -4.94 20.64 -26.86
N MET C 134 -4.25 20.89 -25.74
CA MET C 134 -4.32 19.95 -24.61
C MET C 134 -5.67 20.01 -23.92
N VAL C 135 -6.21 21.20 -23.68
CA VAL C 135 -7.49 21.31 -22.98
C VAL C 135 -8.63 20.73 -23.79
N ARG C 136 -8.51 20.69 -25.11
CA ARG C 136 -9.52 20.03 -25.93
C ARG C 136 -9.36 18.51 -25.89
N TYR C 137 -8.12 18.03 -25.80
CA TYR C 137 -7.90 16.60 -25.59
C TYR C 137 -8.41 16.18 -24.21
N LEU C 138 -8.13 16.99 -23.19
CA LEU C 138 -8.67 16.71 -21.86
C LEU C 138 -10.20 16.70 -21.89
N GLY C 139 -10.79 17.58 -22.70
CA GLY C 139 -12.23 17.55 -22.89
C GLY C 139 -12.72 16.23 -23.47
N ASP C 140 -11.95 15.64 -24.37
CA ASP C 140 -12.29 14.36 -24.97
C ASP C 140 -12.23 13.23 -23.94
N CSO C 141 -11.28 13.32 -23.03
CA CSO C 141 -11.15 12.34 -21.95
CB CSO C 141 -9.67 12.16 -21.55
SG CSO C 141 -8.65 11.93 -23.01
C CSO C 141 -11.98 12.71 -20.73
O CSO C 141 -11.98 12.00 -19.73
OD CSO C 141 -9.17 10.48 -23.92
N GLY C 142 -12.68 13.83 -20.80
CA GLY C 142 -13.66 14.21 -19.80
C GLY C 142 -13.15 14.68 -18.45
N LEU C 143 -12.01 15.39 -18.44
CA LEU C 143 -11.48 15.94 -17.21
C LEU C 143 -11.89 17.40 -17.10
N PRO C 144 -12.78 17.76 -16.19
CA PRO C 144 -13.21 19.16 -16.09
C PRO C 144 -12.03 20.06 -15.73
N ASN C 145 -11.89 21.16 -16.47
CA ASN C 145 -10.73 22.01 -16.27
C ASN C 145 -11.10 23.46 -16.56
N VAL C 146 -10.31 24.36 -15.99
CA VAL C 146 -10.40 25.79 -16.23
C VAL C 146 -8.99 26.31 -16.41
N VAL C 147 -8.83 27.30 -17.28
CA VAL C 147 -7.50 27.79 -17.65
C VAL C 147 -7.41 29.28 -17.36
N ASP C 148 -6.33 29.69 -16.70
CA ASP C 148 -5.91 31.07 -16.61
C ASP C 148 -4.45 31.15 -17.05
N PHE C 149 -4.03 32.35 -17.44
CA PHE C 149 -2.71 32.56 -18.00
C PHE C 149 -1.85 33.40 -17.06
N ILE C 150 -0.53 33.16 -17.13
CA ILE C 150 0.45 33.95 -16.40
C ILE C 150 1.60 34.24 -17.35
N ARG C 151 2.14 35.45 -17.26
CA ARG C 151 3.30 35.86 -18.05
C ARG C 151 4.46 36.16 -17.10
N ILE C 152 5.60 35.55 -17.37
CA ILE C 152 6.69 35.48 -16.41
C ILE C 152 7.63 36.69 -16.47
N ASN C 170 0.23 38.13 -14.43
CA ASN C 170 -0.16 37.51 -13.17
C ASN C 170 -1.54 36.86 -13.28
N LEU C 171 -1.85 35.99 -12.32
CA LEU C 171 -3.10 35.26 -12.33
C LEU C 171 -4.28 36.19 -12.05
N ARG C 172 -5.45 35.81 -12.57
CA ARG C 172 -6.70 36.44 -12.19
C ARG C 172 -7.57 35.53 -11.33
N PHE C 173 -7.37 34.22 -11.39
CA PHE C 173 -8.02 33.32 -10.45
C PHE C 173 -7.57 33.63 -9.02
N THR C 174 -8.48 33.41 -8.07
CA THR C 174 -8.20 33.79 -6.68
C THR C 174 -8.38 32.63 -5.71
N GLU C 175 -9.26 31.69 -6.05
CA GLU C 175 -9.58 30.57 -5.15
C GLU C 175 -8.76 29.34 -5.52
N LEU C 176 -7.46 29.44 -5.27
CA LEU C 176 -6.54 28.35 -5.53
C LEU C 176 -6.11 27.60 -4.27
N THR C 177 -6.35 28.17 -3.09
CA THR C 177 -5.95 27.52 -1.85
C THR C 177 -6.66 26.18 -1.70
N GLY C 178 -5.89 25.12 -1.49
CA GLY C 178 -6.46 23.80 -1.29
C GLY C 178 -7.05 23.16 -2.53
N LYS C 179 -6.67 23.61 -3.73
CA LYS C 179 -7.14 23.03 -4.96
C LYS C 179 -6.00 22.37 -5.71
N HIS C 180 -6.35 21.49 -6.65
CA HIS C 180 -5.35 20.82 -7.48
C HIS C 180 -5.01 21.71 -8.67
N VAL C 181 -3.76 22.14 -8.74
CA VAL C 181 -3.30 23.09 -9.75
C VAL C 181 -2.32 22.37 -10.67
N LEU C 182 -2.48 22.58 -11.99
CA LEU C 182 -1.60 22.00 -12.99
C LEU C 182 -1.06 23.12 -13.88
N ILE C 183 0.25 23.18 -14.02
CA ILE C 183 0.91 24.19 -14.84
C ILE C 183 1.20 23.60 -16.21
N MET C 184 0.88 24.36 -17.26
CA MET C 184 1.03 23.93 -18.65
C MET C 184 2.10 24.79 -19.31
N GLU C 185 3.33 24.31 -19.31
CA GLU C 185 4.46 25.00 -19.92
C GLU C 185 4.99 24.20 -21.11
N ASP C 186 5.57 24.90 -22.07
CA ASP C 186 5.97 24.26 -23.31
C ASP C 186 7.30 23.51 -23.19
N ILE C 187 8.23 23.98 -22.37
CA ILE C 187 9.54 23.33 -22.28
C ILE C 187 10.19 23.65 -20.95
N ALA C 188 10.89 22.65 -20.40
CA ALA C 188 11.83 22.82 -19.30
C ALA C 188 13.24 22.56 -19.81
N ASP C 189 14.16 23.46 -19.48
CA ASP C 189 15.55 23.33 -19.90
C ASP C 189 16.48 23.47 -18.71
N THR C 190 16.76 24.72 -18.31
CA THR C 190 17.55 24.97 -17.11
C THR C 190 16.84 24.49 -15.85
N GLY C 191 15.51 24.61 -15.83
CA GLY C 191 14.73 24.35 -14.64
C GLY C 191 14.48 25.58 -13.79
N ARG C 192 15.22 26.67 -14.00
CA ARG C 192 15.04 27.88 -13.21
C ARG C 192 13.61 28.39 -13.27
N THR C 193 13.03 28.42 -14.48
CA THR C 193 11.77 29.13 -14.67
C THR C 193 10.64 28.53 -13.85
N MET C 194 10.45 27.21 -13.95
CA MET C 194 9.35 26.54 -13.27
C MET C 194 9.61 26.31 -11.79
N LYS C 195 10.86 26.11 -11.40
CA LYS C 195 11.17 26.14 -9.97
C LYS C 195 10.86 27.52 -9.40
N LEU C 196 11.09 28.58 -10.17
CA LEU C 196 10.65 29.91 -9.76
C LEU C 196 9.13 29.98 -9.71
N LEU C 197 8.46 29.41 -10.72
CA LEU C 197 7.02 29.46 -10.80
C LEU C 197 6.36 28.56 -9.76
N VAL C 198 6.84 27.31 -9.63
CA VAL C 198 6.28 26.41 -8.62
C VAL C 198 6.46 27.00 -7.23
N GLU C 199 7.60 27.63 -6.98
CA GLU C 199 7.82 28.27 -5.68
C GLU C 199 6.85 29.42 -5.47
N LYS C 200 6.52 30.15 -6.53
CA LYS C 200 5.65 31.31 -6.37
C LYS C 200 4.21 30.89 -6.07
N ILE C 201 3.69 29.91 -6.81
CA ILE C 201 2.31 29.49 -6.58
C ILE C 201 2.16 28.81 -5.23
N ARG C 202 3.20 28.10 -4.78
CA ARG C 202 3.15 27.47 -3.46
C ARG C 202 3.07 28.51 -2.36
N ARG C 203 3.94 29.53 -2.41
CA ARG C 203 3.95 30.54 -1.37
C ARG C 203 2.65 31.33 -1.34
N GLU C 204 2.13 31.70 -2.51
CA GLU C 204 1.05 32.68 -2.58
C GLU C 204 -0.33 32.08 -2.37
N TYR C 205 -0.52 30.81 -2.74
CA TYR C 205 -1.83 30.19 -2.69
C TYR C 205 -1.89 28.93 -1.83
N ARG C 206 -0.78 28.18 -1.73
CA ARG C 206 -0.72 26.90 -1.04
C ARG C 206 -1.81 25.96 -1.55
N PRO C 207 -1.69 25.46 -2.78
CA PRO C 207 -2.70 24.53 -3.30
C PRO C 207 -2.54 23.14 -2.70
N ALA C 208 -3.58 22.32 -2.92
CA ALA C 208 -3.55 20.95 -2.42
C ALA C 208 -2.47 20.13 -3.10
N SER C 209 -2.28 20.33 -4.40
CA SER C 209 -1.20 19.70 -5.14
C SER C 209 -0.85 20.58 -6.32
N LEU C 210 0.43 20.57 -6.69
CA LEU C 210 0.94 21.45 -7.74
C LEU C 210 1.92 20.65 -8.59
N LYS C 211 1.51 20.29 -9.80
CA LYS C 211 2.34 19.54 -10.72
C LYS C 211 2.47 20.31 -12.03
N VAL C 212 3.46 19.92 -12.82
CA VAL C 212 3.80 20.61 -14.06
C VAL C 212 3.75 19.61 -15.21
N CYS C 213 3.07 19.98 -16.29
CA CYS C 213 3.06 19.22 -17.52
C CYS C 213 3.78 20.04 -18.60
N VAL C 214 4.87 19.49 -19.14
CA VAL C 214 5.63 20.15 -20.19
C VAL C 214 5.51 19.34 -21.47
N LEU C 215 5.54 20.05 -22.60
CA LEU C 215 5.51 19.36 -23.89
C LEU C 215 6.86 18.74 -24.21
N VAL C 216 7.95 19.44 -23.91
CA VAL C 216 9.29 18.97 -24.24
C VAL C 216 10.19 19.22 -23.04
N ASP C 217 10.89 18.18 -22.59
CA ASP C 217 11.85 18.27 -21.50
C ASP C 217 13.25 18.06 -22.05
N LYS C 218 14.15 18.99 -21.74
CA LYS C 218 15.56 18.85 -22.09
C LYS C 218 16.36 18.59 -20.81
N PRO C 219 16.31 17.38 -20.26
CA PRO C 219 16.92 17.15 -18.94
C PRO C 219 18.43 17.32 -18.92
N GLY C 220 19.11 17.15 -20.06
CA GLY C 220 20.54 17.34 -20.13
C GLY C 220 21.02 18.76 -19.97
N GLY C 221 20.11 19.72 -19.79
CA GLY C 221 20.49 21.09 -19.58
C GLY C 221 20.00 21.63 -18.25
N ARG C 222 19.71 20.72 -17.32
CA ARG C 222 19.18 21.09 -16.02
C ARG C 222 20.29 21.63 -15.13
N VAL C 223 20.06 22.81 -14.55
CA VAL C 223 20.98 23.41 -13.61
C VAL C 223 20.48 23.28 -12.18
N VAL C 224 19.18 23.51 -11.96
CA VAL C 224 18.56 23.40 -10.65
C VAL C 224 17.93 22.02 -10.52
N ASP C 225 17.13 21.82 -9.48
CA ASP C 225 16.47 20.55 -9.23
C ASP C 225 14.97 20.71 -9.47
N PHE C 226 14.56 20.56 -10.72
CA PHE C 226 13.15 20.58 -11.10
C PHE C 226 12.87 19.39 -12.01
N LYS C 227 11.93 18.55 -11.60
CA LYS C 227 11.54 17.39 -12.39
C LYS C 227 10.05 17.47 -12.70
N PRO C 228 9.66 17.71 -13.96
CA PRO C 228 8.22 17.78 -14.26
C PRO C 228 7.57 16.42 -14.18
N GLU C 229 6.37 16.39 -13.60
CA GLU C 229 5.67 15.13 -13.37
C GLU C 229 5.08 14.55 -14.64
N PHE C 230 4.76 15.39 -15.63
CA PHE C 230 4.16 14.94 -16.88
C PHE C 230 4.97 15.52 -18.04
N VAL C 231 5.62 14.64 -18.80
CA VAL C 231 6.51 15.03 -19.89
C VAL C 231 6.03 14.32 -21.16
N CYS C 232 5.65 15.11 -22.17
CA CYS C 232 5.22 14.53 -23.44
C CYS C 232 6.42 13.98 -24.21
N LEU C 233 7.40 14.82 -24.51
CA LEU C 233 8.55 14.45 -25.31
C LEU C 233 9.84 14.89 -24.63
N THR C 234 10.86 14.06 -24.73
CA THR C 234 12.20 14.39 -24.24
C THR C 234 13.12 14.62 -25.43
N ALA C 235 13.83 15.74 -25.41
CA ALA C 235 14.62 16.20 -26.54
C ALA C 235 16.10 16.32 -26.17
N PRO C 236 16.99 16.33 -27.15
CA PRO C 236 18.39 16.66 -26.86
C PRO C 236 18.54 18.14 -26.54
N THR C 237 19.67 18.46 -25.89
CA THR C 237 19.92 19.81 -25.40
C THR C 237 20.38 20.71 -26.55
N ARG C 238 19.42 21.03 -27.43
CA ARG C 238 19.66 21.93 -28.54
C ARG C 238 18.49 22.90 -28.65
N TYR C 239 18.76 24.08 -29.23
CA TYR C 239 17.71 25.08 -29.38
C TYR C 239 16.69 24.65 -30.43
N VAL C 240 15.42 24.66 -30.05
CA VAL C 240 14.34 24.18 -30.90
C VAL C 240 13.41 25.33 -31.25
N VAL C 241 12.72 25.18 -32.38
CA VAL C 241 11.77 26.19 -32.86
C VAL C 241 10.54 25.47 -33.39
N GLY C 242 9.42 26.18 -33.39
CA GLY C 242 8.19 25.65 -33.93
C GLY C 242 7.21 25.25 -32.83
N TYR C 243 5.92 25.28 -33.17
CA TYR C 243 4.84 24.88 -32.26
C TYR C 243 4.95 25.58 -30.90
N GLY C 244 5.04 26.91 -30.95
CA GLY C 244 5.14 27.72 -29.76
C GLY C 244 6.54 28.19 -29.43
N PHE C 245 7.57 27.53 -29.94
CA PHE C 245 8.94 27.97 -29.75
C PHE C 245 9.32 28.95 -30.87
N GLU C 246 10.18 29.90 -30.53
CA GLU C 246 10.31 31.10 -31.34
C GLU C 246 11.77 31.57 -31.43
N VAL C 247 11.99 32.48 -32.38
CA VAL C 247 13.14 33.39 -32.41
C VAL C 247 12.58 34.75 -32.80
N ASN C 248 12.46 35.65 -31.83
CA ASN C 248 11.75 36.91 -31.99
C ASN C 248 10.31 36.64 -32.47
N ASP C 249 9.70 35.65 -31.83
CA ASP C 249 8.33 35.22 -32.11
C ASP C 249 8.11 34.79 -33.56
N ARG C 250 9.19 34.51 -34.28
CA ARG C 250 9.09 33.86 -35.58
C ARG C 250 9.11 32.35 -35.38
N TYR C 251 8.46 31.64 -36.31
CA TYR C 251 8.32 30.19 -36.35
C TYR C 251 7.38 29.63 -35.29
N ARG C 252 6.64 30.49 -34.56
CA ARG C 252 5.74 29.99 -33.54
C ARG C 252 4.62 29.15 -34.13
N ASN C 253 3.98 29.67 -35.18
CA ASN C 253 2.79 29.05 -35.76
C ASN C 253 3.10 27.79 -36.57
N TYR C 254 4.36 27.33 -36.59
CA TYR C 254 4.70 26.15 -37.36
C TYR C 254 4.18 24.91 -36.65
N ARG C 255 3.91 23.87 -37.44
CA ARG C 255 3.26 22.67 -36.93
C ARG C 255 4.25 21.60 -36.45
N HIS C 256 5.55 21.84 -36.60
CA HIS C 256 6.55 20.88 -36.14
C HIS C 256 7.59 21.62 -35.30
N VAL C 257 8.36 20.84 -34.54
CA VAL C 257 9.43 21.38 -33.72
C VAL C 257 10.76 20.89 -34.30
N PHE C 258 11.58 21.82 -34.75
CA PHE C 258 12.85 21.53 -35.40
C PHE C 258 14.01 21.96 -34.51
N VAL C 259 15.19 21.43 -34.80
CA VAL C 259 16.42 22.01 -34.30
C VAL C 259 16.74 23.24 -35.13
N LEU C 260 17.27 24.27 -34.49
CA LEU C 260 17.54 25.54 -35.16
C LEU C 260 18.99 25.62 -35.61
N LYS C 261 19.20 26.05 -36.85
CA LYS C 261 20.54 26.32 -37.33
C LYS C 261 21.13 27.49 -36.55
N PRO C 262 22.33 27.36 -35.99
CA PRO C 262 22.89 28.46 -35.18
C PRO C 262 23.08 29.75 -35.97
N GLU C 263 23.24 29.68 -37.29
CA GLU C 263 23.33 30.90 -38.09
C GLU C 263 22.01 31.66 -38.16
N TYR C 264 20.95 31.15 -37.53
CA TYR C 264 19.66 31.82 -37.48
C TYR C 264 19.34 32.37 -36.11
N ALA C 265 20.22 32.20 -35.12
CA ALA C 265 19.93 32.58 -33.75
C ALA C 265 19.63 34.06 -33.63
N LYS C 266 20.58 34.90 -34.05
CA LYS C 266 20.32 36.32 -34.14
C LYS C 266 20.20 36.73 -35.60
N ARG C 267 19.18 36.21 -36.28
CA ARG C 267 18.92 36.60 -37.66
C ARG C 267 17.98 37.80 -37.75
N TYR C 268 17.04 37.92 -36.81
CA TYR C 268 16.10 39.04 -36.77
C TYR C 268 16.30 39.78 -35.45
N PRO C 269 17.41 40.49 -35.28
CA PRO C 269 17.62 41.24 -34.02
C PRO C 269 16.73 42.45 -33.91
N SER C 270 16.20 42.93 -35.04
CA SER C 270 15.30 44.08 -35.04
C SER C 270 14.12 43.85 -34.09
N LYS C 271 13.84 44.86 -33.28
CA LYS C 271 12.85 44.73 -32.22
C LYS C 271 11.44 44.87 -32.76
N LEU C 272 10.47 44.51 -31.92
CA LEU C 272 9.06 44.67 -32.24
C LEU C 272 8.35 45.45 -31.14
N LYS D 46 -16.12 12.87 -42.39
CA LYS D 46 -15.56 13.86 -41.46
C LYS D 46 -16.54 14.81 -40.73
N PRO D 47 -17.75 15.07 -41.25
CA PRO D 47 -18.64 15.97 -40.52
C PRO D 47 -19.18 15.33 -39.25
N ASN D 48 -19.27 16.13 -38.20
CA ASN D 48 -19.80 15.65 -36.93
C ASN D 48 -21.30 15.45 -37.02
N PHE D 49 -21.77 14.34 -36.44
CA PHE D 49 -23.19 14.01 -36.45
C PHE D 49 -23.87 14.68 -35.26
N VAL D 50 -25.03 15.31 -35.52
CA VAL D 50 -25.78 16.06 -34.54
C VAL D 50 -27.17 15.45 -34.42
N GLY D 51 -27.64 15.27 -33.20
CA GLY D 51 -28.99 14.79 -32.98
C GLY D 51 -29.42 15.00 -31.55
N ARG D 52 -30.32 14.14 -31.09
CA ARG D 52 -30.80 14.13 -29.71
C ARG D 52 -30.68 12.71 -29.16
N ASP D 53 -30.59 12.60 -27.84
CA ASP D 53 -30.43 11.31 -27.20
C ASP D 53 -31.78 10.83 -26.68
N ALA D 54 -31.77 9.86 -25.75
CA ALA D 54 -33.02 9.29 -25.26
C ALA D 54 -33.84 10.32 -24.50
N ASP D 55 -33.21 11.06 -23.58
CA ASP D 55 -33.94 12.02 -22.76
C ASP D 55 -34.17 13.34 -23.48
N GLY D 56 -33.46 13.61 -24.58
CA GLY D 56 -33.72 14.77 -25.41
C GLY D 56 -32.66 15.83 -25.42
N ASN D 57 -31.53 15.62 -24.76
CA ASN D 57 -30.44 16.60 -24.81
C ASN D 57 -29.79 16.60 -26.19
N VAL D 58 -29.12 17.70 -26.52
CA VAL D 58 -28.36 17.79 -27.76
C VAL D 58 -27.17 16.84 -27.68
N THR D 59 -26.94 16.11 -28.76
CA THR D 59 -25.78 15.22 -28.86
C THR D 59 -24.99 15.53 -30.11
N VAL D 60 -23.67 15.42 -29.99
CA VAL D 60 -22.73 15.62 -31.09
C VAL D 60 -21.78 14.43 -31.07
N ASP D 61 -21.86 13.56 -32.07
CA ASP D 61 -21.04 12.35 -32.16
C ASP D 61 -21.19 11.49 -30.91
N GLY D 62 -22.41 11.41 -30.38
CA GLY D 62 -22.72 10.57 -29.25
C GLY D 62 -22.63 11.25 -27.90
N ARG D 63 -21.71 12.21 -27.73
CA ARG D 63 -21.58 12.91 -26.47
C ARG D 63 -22.77 13.83 -26.24
N SER D 64 -23.35 13.75 -25.04
CA SER D 64 -24.48 14.61 -24.68
C SER D 64 -23.99 15.94 -24.14
N TYR D 65 -24.76 16.99 -24.41
CA TYR D 65 -24.46 18.34 -23.95
C TYR D 65 -25.73 18.90 -23.31
N PRO D 66 -25.98 18.58 -22.04
CA PRO D 66 -27.23 18.99 -21.40
C PRO D 66 -27.40 20.49 -21.28
N MET D 67 -26.31 21.26 -21.30
CA MET D 67 -26.41 22.71 -21.22
C MET D 67 -26.75 23.34 -22.57
N ALA D 68 -26.74 22.57 -23.65
CA ALA D 68 -26.93 23.10 -24.99
C ALA D 68 -28.41 23.18 -25.34
N GLU D 69 -28.82 24.34 -25.83
CA GLU D 69 -30.16 24.48 -26.39
C GLU D 69 -30.17 24.04 -27.86
N SER D 70 -29.10 24.34 -28.59
CA SER D 70 -28.97 23.95 -29.99
C SER D 70 -27.51 24.05 -30.36
N VAL D 71 -27.18 23.56 -31.55
CA VAL D 71 -25.82 23.62 -32.09
C VAL D 71 -25.73 24.79 -33.04
N VAL D 72 -24.75 25.67 -32.80
CA VAL D 72 -24.50 26.78 -33.72
C VAL D 72 -23.60 26.34 -34.86
N ALA D 73 -22.52 25.63 -34.54
CA ALA D 73 -21.59 25.14 -35.55
C ALA D 73 -20.72 24.05 -34.93
N THR D 74 -20.65 22.90 -35.60
CA THR D 74 -19.79 21.82 -35.14
C THR D 74 -18.33 22.14 -35.47
N GLU D 75 -17.43 21.35 -34.88
CA GLU D 75 -16.00 21.55 -35.09
C GLU D 75 -15.64 21.51 -36.58
N SER D 76 -16.18 20.53 -37.31
CA SER D 76 -15.85 20.42 -38.73
C SER D 76 -16.39 21.62 -39.51
N THR D 77 -17.58 22.11 -39.15
CA THR D 77 -18.10 23.30 -39.81
C THR D 77 -17.25 24.52 -39.47
N ILE D 78 -16.92 24.70 -38.18
CA ILE D 78 -16.06 25.78 -37.75
C ILE D 78 -14.74 25.75 -38.51
N HIS D 79 -14.08 24.60 -38.51
CA HIS D 79 -12.78 24.51 -39.14
C HIS D 79 -12.83 24.65 -40.65
N ARG D 80 -13.97 24.32 -41.27
CA ARG D 80 -14.10 24.53 -42.71
C ARG D 80 -14.10 26.01 -43.06
N SER D 81 -14.78 26.83 -42.27
CA SER D 81 -14.82 28.26 -42.54
C SER D 81 -13.54 28.97 -42.09
N MET D 82 -12.75 28.34 -41.23
CA MET D 82 -11.47 28.95 -40.84
C MET D 82 -10.39 28.65 -41.86
N LYS D 83 -10.41 27.47 -42.47
CA LYS D 83 -9.53 27.20 -43.60
C LYS D 83 -9.85 28.14 -44.77
N GLU D 84 -11.14 28.42 -44.97
CA GLU D 84 -11.54 29.38 -46.00
C GLU D 84 -11.16 30.80 -45.59
N MET D 85 -11.31 31.13 -44.31
CA MET D 85 -10.93 32.46 -43.85
C MET D 85 -9.42 32.66 -43.93
N ALA D 86 -8.65 31.62 -43.59
CA ALA D 86 -7.19 31.72 -43.70
C ALA D 86 -6.74 31.98 -45.12
N GLN D 87 -7.47 31.43 -46.10
CA GLN D 87 -7.16 31.69 -47.50
C GLN D 87 -7.54 33.10 -47.92
N THR D 88 -8.66 33.62 -47.38
CA THR D 88 -9.06 35.00 -47.66
C THR D 88 -7.99 35.98 -47.18
N LEU D 89 -7.46 35.78 -45.97
CA LEU D 89 -6.44 36.67 -45.45
C LEU D 89 -5.12 36.52 -46.18
N ALA D 90 -4.83 35.31 -46.70
CA ALA D 90 -3.64 35.13 -47.52
C ALA D 90 -3.70 35.99 -48.77
N ASN D 91 -4.83 35.96 -49.48
CA ASN D 91 -5.00 36.79 -50.67
C ASN D 91 -4.93 38.27 -50.31
N ALA D 92 -5.50 38.65 -49.17
CA ALA D 92 -5.60 40.05 -48.79
C ALA D 92 -4.29 40.65 -48.32
N TYR D 93 -3.25 39.84 -48.09
CA TYR D 93 -2.07 40.36 -47.41
C TYR D 93 -0.75 39.97 -48.10
N LYS D 94 -0.70 38.78 -48.72
CA LYS D 94 0.57 38.22 -49.17
C LYS D 94 1.34 39.18 -50.08
N THR D 95 0.64 39.87 -50.98
CA THR D 95 1.28 40.79 -51.93
C THR D 95 1.20 42.24 -51.48
N LEU D 96 1.39 42.49 -50.19
CA LEU D 96 1.32 43.84 -49.65
C LEU D 96 2.65 44.22 -49.01
N LYS D 97 2.90 45.53 -48.91
CA LYS D 97 4.15 46.06 -48.40
C LYS D 97 3.88 47.06 -47.28
N HIS D 98 4.77 47.09 -46.30
CA HIS D 98 4.67 48.01 -45.18
C HIS D 98 6.07 48.48 -44.81
N ARG D 99 6.20 49.16 -43.67
CA ARG D 99 7.47 49.74 -43.28
C ARG D 99 8.50 48.65 -42.98
N ASP D 100 9.70 48.83 -43.51
CA ASP D 100 10.80 47.90 -43.26
C ASP D 100 11.46 48.27 -41.94
N THR D 101 11.33 47.39 -40.94
CA THR D 101 11.97 47.58 -39.64
C THR D 101 13.11 46.61 -39.38
N HIS D 102 13.27 45.58 -40.21
CA HIS D 102 14.44 44.72 -40.11
C HIS D 102 15.71 45.54 -40.28
N ASN D 103 15.82 46.25 -41.40
CA ASN D 103 16.88 47.20 -41.67
C ASN D 103 16.24 48.59 -41.73
N LYS D 104 16.69 49.50 -40.86
CA LYS D 104 16.12 50.84 -40.85
C LYS D 104 16.71 51.71 -41.94
N GLY D 105 17.93 51.41 -42.39
CA GLY D 105 18.53 52.14 -43.48
C GLY D 105 17.97 51.73 -44.83
N ASN D 106 16.65 51.72 -44.95
CA ASN D 106 15.97 51.35 -46.20
C ASN D 106 14.95 52.41 -46.54
N SER D 107 14.91 52.81 -47.81
CA SER D 107 14.01 53.87 -48.23
C SER D 107 12.62 53.35 -48.56
N ALA D 108 12.53 52.23 -49.26
CA ALA D 108 11.27 51.77 -49.82
C ALA D 108 10.54 50.83 -48.86
N LEU D 109 9.26 50.60 -49.15
CA LEU D 109 8.48 49.64 -48.40
C LEU D 109 8.93 48.22 -48.71
N ALA D 110 8.86 47.36 -47.70
CA ALA D 110 9.27 45.97 -47.87
C ALA D 110 8.05 45.06 -47.87
N PRO D 111 8.12 43.92 -48.57
CA PRO D 111 7.00 42.97 -48.54
C PRO D 111 6.87 42.33 -47.17
N ILE D 112 5.78 41.60 -47.01
CA ILE D 112 5.52 40.88 -45.77
C ILE D 112 6.31 39.57 -45.82
N THR D 113 7.49 39.58 -45.21
CA THR D 113 8.41 38.46 -45.16
C THR D 113 8.40 37.88 -43.74
N ASP D 114 9.38 37.04 -43.45
CA ASP D 114 9.64 36.68 -42.05
C ASP D 114 10.42 37.77 -41.34
N GLU D 115 11.16 38.60 -42.07
CA GLU D 115 11.88 39.73 -41.50
C GLU D 115 10.94 40.90 -41.23
N ASN D 116 9.85 41.02 -42.00
CA ASN D 116 8.81 42.02 -41.78
C ASN D 116 7.45 41.33 -41.83
N PRO D 117 7.13 40.55 -40.80
CA PRO D 117 5.91 39.74 -40.86
C PRO D 117 4.65 40.56 -40.58
N LEU D 118 3.51 39.90 -40.78
CA LEU D 118 2.24 40.50 -40.42
C LEU D 118 2.08 40.52 -38.91
N ILE D 119 1.53 41.62 -38.39
CA ILE D 119 1.33 41.78 -36.95
C ILE D 119 -0.07 41.31 -36.60
N ILE D 120 -0.17 40.35 -35.68
CA ILE D 120 -1.43 39.80 -35.23
C ILE D 120 -1.59 40.12 -33.74
N ILE D 121 -2.80 40.52 -33.36
CA ILE D 121 -3.10 40.90 -31.98
C ILE D 121 -4.31 40.11 -31.52
N SER D 122 -4.08 39.09 -30.71
CA SER D 122 -5.15 38.28 -30.14
C SER D 122 -5.60 38.91 -28.83
N VAL D 123 -6.90 38.81 -28.55
CA VAL D 123 -7.49 39.31 -27.32
C VAL D 123 -7.79 38.13 -26.40
N LEU D 124 -7.10 38.09 -25.27
CA LEU D 124 -7.28 37.03 -24.27
C LEU D 124 -8.46 37.31 -23.36
N LYS D 125 -9.13 36.23 -22.92
CA LYS D 125 -8.68 34.86 -23.15
C LYS D 125 -9.42 34.13 -24.25
N GLY D 126 -10.60 34.63 -24.63
CA GLY D 126 -11.47 33.87 -25.51
C GLY D 126 -10.82 33.48 -26.82
N SER D 127 -10.05 34.37 -27.41
CA SER D 127 -9.53 34.13 -28.75
C SER D 127 -8.29 33.26 -28.78
N TYR D 128 -7.81 32.75 -27.64
CA TYR D 128 -6.53 32.05 -27.63
C TYR D 128 -6.60 30.70 -28.33
N ILE D 129 -7.75 30.02 -28.27
CA ILE D 129 -7.90 28.80 -29.06
C ILE D 129 -8.16 29.14 -30.52
N PHE D 130 -8.99 30.15 -30.77
CA PHE D 130 -9.24 30.62 -32.13
C PHE D 130 -7.93 31.05 -32.80
N THR D 131 -7.06 31.74 -32.06
CA THR D 131 -5.81 32.21 -32.64
C THR D 131 -4.85 31.06 -32.92
N ALA D 132 -4.75 30.10 -31.99
CA ALA D 132 -3.78 29.02 -32.12
C ALA D 132 -4.06 28.17 -33.36
N ASP D 133 -5.33 27.98 -33.70
CA ASP D 133 -5.67 27.25 -34.91
C ASP D 133 -5.50 28.10 -36.16
N MET D 134 -5.74 29.41 -36.07
CA MET D 134 -5.71 30.25 -37.27
C MET D 134 -4.30 30.50 -37.74
N VAL D 135 -3.36 30.74 -36.80
CA VAL D 135 -1.98 31.00 -37.19
C VAL D 135 -1.38 29.78 -37.88
N ARG D 136 -1.82 28.58 -37.51
CA ARG D 136 -1.34 27.37 -38.19
C ARG D 136 -1.92 27.29 -39.60
N TYR D 137 -3.17 27.72 -39.77
CA TYR D 137 -3.73 27.81 -41.12
C TYR D 137 -3.06 28.90 -41.93
N LEU D 138 -2.65 29.99 -41.28
CA LEU D 138 -1.92 31.05 -41.99
C LEU D 138 -0.56 30.55 -42.45
N GLY D 139 0.11 29.73 -41.64
CA GLY D 139 1.36 29.14 -42.08
C GLY D 139 1.15 28.18 -43.25
N ASP D 140 0.03 27.47 -43.25
CA ASP D 140 -0.31 26.56 -44.34
C ASP D 140 -0.37 27.31 -45.67
N CSO D 141 -0.88 28.53 -45.64
CA CSO D 141 -0.91 29.37 -46.83
CB CSO D 141 -2.17 30.24 -46.86
SG CSO D 141 -3.59 29.27 -46.34
C CSO D 141 0.33 30.24 -46.96
O CSO D 141 0.46 31.03 -47.90
OD CSO D 141 -4.56 28.82 -47.77
N GLY D 142 1.26 30.10 -46.02
CA GLY D 142 2.57 30.73 -46.13
C GLY D 142 2.62 32.23 -45.88
N LEU D 143 1.65 32.75 -45.13
CA LEU D 143 1.64 34.15 -44.77
C LEU D 143 2.38 34.33 -43.44
N PRO D 144 3.57 34.95 -43.44
CA PRO D 144 4.33 35.04 -42.19
C PRO D 144 3.68 36.00 -41.20
N ASN D 145 3.64 35.57 -39.93
CA ASN D 145 2.97 36.34 -38.90
C ASN D 145 3.68 36.18 -37.57
N VAL D 146 3.52 37.18 -36.71
CA VAL D 146 3.91 37.11 -35.30
C VAL D 146 2.71 37.54 -34.47
N VAL D 147 2.58 36.96 -33.29
CA VAL D 147 1.40 37.13 -32.46
C VAL D 147 1.79 37.73 -31.13
N ASP D 148 1.07 38.78 -30.72
CA ASP D 148 1.11 39.30 -29.37
C ASP D 148 -0.31 39.32 -28.83
N PHE D 149 -0.41 39.42 -27.51
CA PHE D 149 -1.69 39.28 -26.84
C PHE D 149 -2.04 40.57 -26.12
N ILE D 150 -3.35 40.86 -26.06
CA ILE D 150 -3.87 42.01 -25.34
C ILE D 150 -4.99 41.53 -24.42
N ARG D 151 -5.01 42.07 -23.20
CA ARG D 151 -6.06 41.77 -22.23
C ARG D 151 -6.90 43.01 -22.01
N ILE D 152 -8.22 42.83 -22.01
CA ILE D 152 -9.14 43.97 -21.91
C ILE D 152 -9.97 43.87 -20.64
N LEU D 171 0.21 44.27 -23.77
CA LEU D 171 0.81 44.65 -25.06
C LEU D 171 2.29 45.00 -24.88
N ARG D 172 3.14 44.44 -25.74
CA ARG D 172 4.57 44.71 -25.71
C ARG D 172 5.18 44.92 -27.08
N PHE D 173 4.47 44.66 -28.17
CA PHE D 173 4.91 45.09 -29.49
C PHE D 173 4.84 46.60 -29.56
N THR D 174 5.95 47.23 -29.95
CA THR D 174 6.03 48.69 -29.98
C THR D 174 6.09 49.28 -31.38
N GLU D 175 6.75 48.62 -32.33
CA GLU D 175 6.97 49.19 -33.66
C GLU D 175 5.85 48.76 -34.61
N LEU D 176 4.65 49.25 -34.31
CA LEU D 176 3.47 48.95 -35.13
C LEU D 176 3.24 49.99 -36.22
N THR D 177 3.85 51.18 -36.11
CA THR D 177 3.57 52.26 -37.03
C THR D 177 4.01 51.92 -38.44
N GLY D 178 3.10 52.08 -39.40
CA GLY D 178 3.40 51.79 -40.78
C GLY D 178 3.42 50.32 -41.14
N LYS D 179 2.67 49.49 -40.40
CA LYS D 179 2.66 48.06 -40.63
C LYS D 179 1.23 47.55 -40.66
N HIS D 180 1.02 46.47 -41.41
CA HIS D 180 -0.30 45.85 -41.49
C HIS D 180 -0.56 45.08 -40.19
N VAL D 181 -1.65 45.41 -39.51
CA VAL D 181 -1.99 44.82 -38.22
C VAL D 181 -3.34 44.13 -38.32
N LEU D 182 -3.40 42.88 -37.88
CA LEU D 182 -4.62 42.09 -37.83
C LEU D 182 -4.97 41.81 -36.37
N ILE D 183 -6.25 41.89 -36.04
CA ILE D 183 -6.73 41.60 -34.69
C ILE D 183 -7.51 40.28 -34.72
N MET D 184 -7.19 39.40 -33.79
CA MET D 184 -7.94 38.14 -33.60
C MET D 184 -8.85 38.30 -32.39
N GLU D 185 -10.13 38.51 -32.65
CA GLU D 185 -11.16 38.53 -31.63
C GLU D 185 -12.09 37.35 -31.86
N ASP D 186 -12.76 36.89 -30.81
CA ASP D 186 -13.64 35.74 -30.96
C ASP D 186 -15.10 36.11 -31.16
N ILE D 187 -15.56 37.23 -30.63
CA ILE D 187 -16.97 37.58 -30.70
C ILE D 187 -17.11 39.10 -30.85
N ALA D 188 -18.07 39.52 -31.66
CA ALA D 188 -18.45 40.92 -31.78
C ALA D 188 -19.96 41.00 -31.62
N ASP D 189 -20.40 41.55 -30.48
CA ASP D 189 -21.82 41.64 -30.18
C ASP D 189 -22.23 43.09 -30.32
N THR D 190 -22.10 43.92 -29.29
CA THR D 190 -22.47 45.34 -29.42
C THR D 190 -21.45 46.12 -30.24
N GLY D 191 -20.24 45.59 -30.43
CA GLY D 191 -19.19 46.30 -31.11
C GLY D 191 -18.44 47.29 -30.26
N ARG D 192 -18.86 47.51 -29.01
CA ARG D 192 -18.22 48.51 -28.17
C ARG D 192 -16.78 48.14 -27.84
N THR D 193 -16.51 46.86 -27.63
CA THR D 193 -15.15 46.43 -27.30
C THR D 193 -14.19 46.73 -28.44
N MET D 194 -14.52 46.27 -29.65
CA MET D 194 -13.59 46.40 -30.76
C MET D 194 -13.48 47.83 -31.26
N LYS D 195 -14.60 48.56 -31.29
CA LYS D 195 -14.56 49.96 -31.73
C LYS D 195 -13.63 50.79 -30.86
N LEU D 196 -13.57 50.49 -29.56
CA LEU D 196 -12.66 51.22 -28.68
C LEU D 196 -11.22 50.80 -28.89
N LEU D 197 -10.99 49.51 -29.18
CA LEU D 197 -9.63 49.03 -29.39
C LEU D 197 -9.06 49.56 -30.71
N VAL D 198 -9.84 49.47 -31.80
CA VAL D 198 -9.34 49.93 -33.10
C VAL D 198 -9.06 51.42 -33.07
N GLU D 199 -9.83 52.19 -32.30
CA GLU D 199 -9.60 53.62 -32.23
C GLU D 199 -8.37 53.95 -31.41
N LYS D 200 -8.12 53.17 -30.35
CA LYS D 200 -6.90 53.39 -29.56
C LYS D 200 -5.65 52.99 -30.34
N ILE D 201 -5.72 51.86 -31.06
CA ILE D 201 -4.56 51.39 -31.82
C ILE D 201 -4.25 52.34 -32.96
N ARG D 202 -5.29 52.78 -33.69
CA ARG D 202 -5.06 53.64 -34.84
C ARG D 202 -4.53 55.01 -34.42
N ARG D 203 -4.98 55.52 -33.28
CA ARG D 203 -4.54 56.84 -32.83
C ARG D 203 -3.20 56.81 -32.11
N GLU D 204 -2.78 55.65 -31.61
CA GLU D 204 -1.51 55.55 -30.88
C GLU D 204 -0.36 55.10 -31.76
N TYR D 205 -0.60 54.24 -32.74
CA TYR D 205 0.45 53.73 -33.60
C TYR D 205 0.30 54.13 -35.06
N ARG D 206 -0.93 54.37 -35.53
CA ARG D 206 -1.20 54.64 -36.94
C ARG D 206 -0.54 53.56 -37.82
N PRO D 207 -1.04 52.33 -37.77
CA PRO D 207 -0.49 51.29 -38.66
C PRO D 207 -0.93 51.53 -40.11
N ALA D 208 -0.26 50.82 -41.01
CA ALA D 208 -0.60 50.86 -42.43
C ALA D 208 -2.08 50.55 -42.62
N SER D 209 -2.46 49.31 -42.37
CA SER D 209 -3.86 48.91 -42.32
C SER D 209 -4.12 48.21 -40.99
N LEU D 210 -5.36 48.30 -40.52
CA LEU D 210 -5.78 47.64 -39.29
C LEU D 210 -7.17 47.09 -39.50
N LYS D 211 -7.28 45.76 -39.54
CA LYS D 211 -8.55 45.08 -39.75
C LYS D 211 -8.78 44.08 -38.64
N VAL D 212 -10.02 43.63 -38.50
CA VAL D 212 -10.45 42.78 -37.40
C VAL D 212 -10.97 41.46 -37.95
N CYS D 213 -10.46 40.36 -37.41
CA CYS D 213 -10.94 39.02 -37.75
C CYS D 213 -11.61 38.44 -36.51
N VAL D 214 -12.92 38.25 -36.59
CA VAL D 214 -13.69 37.63 -35.52
C VAL D 214 -14.03 36.21 -35.96
N LEU D 215 -14.23 35.34 -34.97
CA LEU D 215 -14.71 33.99 -35.25
C LEU D 215 -16.23 33.96 -35.33
N VAL D 216 -16.92 34.67 -34.44
CA VAL D 216 -18.37 34.75 -34.43
C VAL D 216 -18.77 36.22 -34.38
N ASP D 217 -19.75 36.59 -35.19
CA ASP D 217 -20.29 37.94 -35.21
C ASP D 217 -21.79 37.86 -35.02
N LYS D 218 -22.31 38.66 -34.09
CA LYS D 218 -23.75 38.76 -33.87
C LYS D 218 -24.20 40.16 -34.29
N PRO D 219 -24.37 40.39 -35.60
CA PRO D 219 -24.57 41.77 -36.07
C PRO D 219 -25.88 42.38 -35.62
N GLY D 220 -26.91 41.58 -35.37
CA GLY D 220 -28.17 42.12 -34.89
C GLY D 220 -28.07 42.78 -33.53
N GLY D 221 -27.08 42.38 -32.73
CA GLY D 221 -26.87 42.99 -31.43
C GLY D 221 -26.07 44.26 -31.43
N ARG D 222 -25.64 44.73 -32.60
CA ARG D 222 -24.81 45.91 -32.68
C ARG D 222 -25.58 47.16 -32.28
N VAL D 223 -24.86 48.14 -31.74
CA VAL D 223 -25.47 49.33 -31.17
C VAL D 223 -24.59 50.54 -31.46
N VAL D 224 -23.32 50.30 -31.80
CA VAL D 224 -22.40 51.34 -32.23
C VAL D 224 -21.85 50.96 -33.60
N ASP D 225 -21.07 51.87 -34.18
CA ASP D 225 -20.55 51.67 -35.54
C ASP D 225 -19.26 50.87 -35.48
N PHE D 226 -19.37 49.56 -35.70
CA PHE D 226 -18.20 48.72 -35.90
C PHE D 226 -18.59 47.57 -36.82
N LYS D 227 -17.74 47.28 -37.80
CA LYS D 227 -18.02 46.16 -38.68
C LYS D 227 -16.75 45.37 -38.94
N PRO D 228 -16.67 44.12 -38.48
CA PRO D 228 -15.47 43.32 -38.76
C PRO D 228 -15.31 43.07 -40.24
N GLU D 229 -14.08 43.20 -40.71
CA GLU D 229 -13.76 42.98 -42.12
C GLU D 229 -13.69 41.51 -42.48
N PHE D 230 -13.47 40.63 -41.50
CA PHE D 230 -13.37 39.19 -41.72
C PHE D 230 -14.18 38.48 -40.63
N VAL D 231 -15.29 37.86 -41.04
CA VAL D 231 -16.19 37.18 -40.11
C VAL D 231 -16.26 35.71 -40.49
N CYS D 232 -15.92 34.84 -39.53
CA CYS D 232 -15.95 33.40 -39.79
C CYS D 232 -17.37 32.86 -39.73
N LEU D 233 -18.11 33.19 -38.68
CA LEU D 233 -19.46 32.68 -38.50
C LEU D 233 -20.38 33.80 -38.01
N THR D 234 -21.59 33.85 -38.56
CA THR D 234 -22.61 34.81 -38.17
C THR D 234 -23.68 34.09 -37.37
N ALA D 235 -24.06 34.68 -36.23
CA ALA D 235 -24.94 34.04 -35.28
C ALA D 235 -26.03 35.00 -34.83
N PRO D 236 -27.15 34.47 -34.29
CA PRO D 236 -28.19 35.36 -33.75
C PRO D 236 -27.76 35.98 -32.43
N THR D 237 -28.64 36.79 -31.83
CA THR D 237 -28.30 37.54 -30.62
C THR D 237 -28.56 36.70 -29.37
N ARG D 238 -27.93 35.52 -29.35
CA ARG D 238 -28.06 34.57 -28.25
C ARG D 238 -26.70 34.31 -27.62
N TYR D 239 -26.71 33.86 -26.37
CA TYR D 239 -25.48 33.57 -25.64
C TYR D 239 -24.96 32.21 -26.07
N VAL D 240 -23.71 32.17 -26.52
CA VAL D 240 -23.11 30.95 -27.04
C VAL D 240 -21.96 30.51 -26.15
N VAL D 241 -21.69 29.21 -26.14
CA VAL D 241 -20.60 28.62 -25.37
C VAL D 241 -19.92 27.54 -26.20
N GLY D 242 -18.69 27.23 -25.82
CA GLY D 242 -17.89 26.26 -26.54
C GLY D 242 -16.91 26.92 -27.49
N TYR D 243 -15.78 26.25 -27.70
CA TYR D 243 -14.71 26.71 -28.59
C TYR D 243 -14.32 28.16 -28.27
N GLY D 244 -13.86 28.36 -27.02
CA GLY D 244 -13.41 29.63 -26.54
C GLY D 244 -14.45 30.38 -25.72
N PHE D 245 -15.73 30.17 -25.99
CA PHE D 245 -16.79 30.86 -25.28
C PHE D 245 -17.17 30.08 -24.03
N GLU D 246 -17.54 30.80 -22.97
CA GLU D 246 -17.58 30.21 -21.64
C GLU D 246 -18.65 30.86 -20.77
N VAL D 247 -18.89 30.22 -19.63
CA VAL D 247 -19.63 30.79 -18.51
C VAL D 247 -18.80 30.54 -17.26
N ASN D 248 -18.25 31.60 -16.69
CA ASN D 248 -17.27 31.50 -15.60
C ASN D 248 -16.19 30.46 -15.96
N ASP D 249 -15.71 30.54 -17.20
CA ASP D 249 -14.64 29.72 -17.76
C ASP D 249 -15.04 28.27 -18.00
N ARG D 250 -16.31 27.93 -17.87
CA ARG D 250 -16.78 26.58 -18.19
C ARG D 250 -17.12 26.47 -19.67
N TYR D 251 -16.92 25.26 -20.20
CA TYR D 251 -17.22 24.87 -21.58
C TYR D 251 -16.27 25.47 -22.60
N ARG D 252 -15.22 26.18 -22.18
CA ARG D 252 -14.29 26.80 -23.11
C ARG D 252 -13.67 25.77 -24.05
N ASN D 253 -13.36 24.58 -23.53
CA ASN D 253 -12.60 23.59 -24.28
C ASN D 253 -13.47 22.65 -25.11
N TYR D 254 -14.78 22.88 -25.16
CA TYR D 254 -15.62 22.13 -26.09
C TYR D 254 -15.30 22.54 -27.53
N ARG D 255 -15.38 21.58 -28.44
CA ARG D 255 -14.97 21.81 -29.82
C ARG D 255 -16.09 22.34 -30.72
N HIS D 256 -17.30 22.46 -30.20
CA HIS D 256 -18.41 23.01 -30.97
C HIS D 256 -18.98 24.22 -30.24
N VAL D 257 -19.72 25.04 -30.99
CA VAL D 257 -20.39 26.20 -30.44
C VAL D 257 -21.86 25.87 -30.27
N PHE D 258 -22.37 26.05 -29.05
CA PHE D 258 -23.76 25.80 -28.73
C PHE D 258 -24.42 27.08 -28.23
N VAL D 259 -25.73 27.15 -28.38
CA VAL D 259 -26.53 28.18 -27.72
C VAL D 259 -26.87 27.68 -26.33
N LEU D 260 -26.53 28.48 -25.31
CA LEU D 260 -26.65 28.05 -23.93
C LEU D 260 -28.11 28.15 -23.47
N LYS D 261 -28.58 27.10 -22.80
CA LYS D 261 -29.86 27.18 -22.12
C LYS D 261 -29.82 28.30 -21.09
N PRO D 262 -30.82 29.19 -21.05
CA PRO D 262 -30.79 30.27 -20.06
C PRO D 262 -30.68 29.78 -18.62
N GLU D 263 -31.15 28.57 -18.34
CA GLU D 263 -31.11 28.02 -16.99
C GLU D 263 -29.70 27.70 -16.53
N TYR D 264 -28.75 27.54 -17.45
CA TYR D 264 -27.37 27.25 -17.10
C TYR D 264 -26.50 28.50 -17.01
N ALA D 265 -26.98 29.66 -17.45
CA ALA D 265 -26.20 30.89 -17.33
C ALA D 265 -25.95 31.28 -15.87
N LYS D 266 -26.53 30.55 -14.93
CA LYS D 266 -26.46 30.87 -13.51
C LYS D 266 -25.92 29.72 -12.68
N ARG D 267 -25.31 28.72 -13.31
CA ARG D 267 -25.10 27.43 -12.66
C ARG D 267 -23.85 27.43 -11.76
N TYR D 268 -22.78 28.10 -12.19
CA TYR D 268 -21.50 28.10 -11.46
C TYR D 268 -21.17 29.52 -11.04
N PRO D 269 -21.83 30.05 -10.00
CA PRO D 269 -21.63 31.45 -9.62
C PRO D 269 -20.41 31.71 -8.75
N SER D 270 -19.78 30.68 -8.21
CA SER D 270 -18.68 30.89 -7.27
C SER D 270 -17.47 31.47 -7.99
N LYS D 271 -16.89 32.52 -7.40
CA LYS D 271 -15.74 33.19 -8.00
C LYS D 271 -14.57 32.22 -8.15
N LEU D 272 -13.85 32.37 -9.26
CA LEU D 272 -12.65 31.58 -9.51
C LEU D 272 -11.40 32.37 -9.13
N LYS E 46 0.73 1.04 9.43
CA LYS E 46 1.08 -0.22 8.78
C LYS E 46 0.50 -1.47 9.49
N PRO E 47 0.71 -1.63 10.80
CA PRO E 47 0.22 -2.84 11.46
C PRO E 47 -1.28 -2.76 11.77
N ASN E 48 -1.95 -3.90 11.63
CA ASN E 48 -3.38 -3.97 11.89
C ASN E 48 -3.64 -4.19 13.37
N PHE E 49 -4.69 -3.55 13.88
CA PHE E 49 -5.07 -3.63 15.28
C PHE E 49 -6.11 -4.71 15.48
N VAL E 50 -5.85 -5.61 16.43
CA VAL E 50 -6.68 -6.79 16.69
C VAL E 50 -7.32 -6.63 18.06
N GLY E 51 -8.62 -6.86 18.13
CA GLY E 51 -9.33 -6.77 19.39
C GLY E 51 -10.59 -7.60 19.40
N ARG E 52 -11.52 -7.22 20.30
CA ARG E 52 -12.82 -7.85 20.42
C ARG E 52 -13.86 -6.77 20.60
N ASP E 53 -15.03 -6.95 19.97
CA ASP E 53 -16.09 -5.96 20.05
C ASP E 53 -16.95 -6.19 21.28
N ALA E 54 -18.09 -5.51 21.36
CA ALA E 54 -18.95 -5.59 22.53
C ALA E 54 -19.54 -6.98 22.73
N ASP E 55 -19.56 -7.82 21.70
CA ASP E 55 -20.15 -9.15 21.78
C ASP E 55 -19.10 -10.26 21.72
N GLY E 56 -17.84 -9.92 21.95
CA GLY E 56 -16.78 -10.91 21.93
C GLY E 56 -16.34 -11.37 20.56
N ASN E 57 -16.87 -10.78 19.49
CA ASN E 57 -16.43 -11.12 18.15
C ASN E 57 -15.05 -10.54 17.89
N VAL E 58 -14.28 -11.25 17.07
CA VAL E 58 -12.96 -10.77 16.67
C VAL E 58 -13.11 -9.51 15.84
N THR E 59 -12.30 -8.49 16.15
CA THR E 59 -12.24 -7.28 15.34
C THR E 59 -10.81 -7.07 14.85
N VAL E 60 -10.68 -6.71 13.58
CA VAL E 60 -9.42 -6.29 12.99
C VAL E 60 -9.64 -4.91 12.38
N ASP E 61 -8.94 -3.91 12.91
CA ASP E 61 -9.09 -2.52 12.46
C ASP E 61 -10.54 -2.08 12.52
N GLY E 62 -11.23 -2.43 13.60
CA GLY E 62 -12.58 -1.97 13.85
C GLY E 62 -13.68 -2.76 13.17
N ARG E 63 -13.36 -3.63 12.22
CA ARG E 63 -14.36 -4.41 11.51
C ARG E 63 -14.48 -5.79 12.15
N SER E 64 -15.73 -6.20 12.42
CA SER E 64 -16.00 -7.43 13.15
C SER E 64 -16.07 -8.63 12.21
N TYR E 65 -15.58 -9.77 12.70
CA TYR E 65 -15.56 -11.03 11.95
C TYR E 65 -16.22 -12.10 12.80
N PRO E 66 -17.56 -12.20 12.76
CA PRO E 66 -18.26 -13.12 13.68
C PRO E 66 -17.96 -14.59 13.43
N MET E 67 -17.51 -14.97 12.24
CA MET E 67 -17.21 -16.38 11.98
C MET E 67 -15.84 -16.80 12.49
N ALA E 68 -15.01 -15.86 12.91
CA ALA E 68 -13.64 -16.16 13.31
C ALA E 68 -13.55 -16.50 14.79
N GLU E 69 -12.69 -17.47 15.11
CA GLU E 69 -12.37 -17.80 16.48
C GLU E 69 -11.18 -16.99 16.99
N SER E 70 -10.15 -16.87 16.17
CA SER E 70 -8.95 -16.11 16.51
C SER E 70 -8.27 -15.73 15.20
N VAL E 71 -7.29 -14.83 15.29
CA VAL E 71 -6.55 -14.34 14.14
C VAL E 71 -5.24 -15.10 14.03
N VAL E 72 -5.06 -15.83 12.92
CA VAL E 72 -3.80 -16.50 12.67
C VAL E 72 -2.73 -15.49 12.29
N ALA E 73 -3.05 -14.60 11.34
CA ALA E 73 -2.12 -13.56 10.92
C ALA E 73 -2.89 -12.45 10.23
N THR E 74 -2.59 -11.21 10.59
CA THR E 74 -3.20 -10.07 9.92
C THR E 74 -2.54 -9.82 8.57
N GLU E 75 -3.15 -8.90 7.80
CA GLU E 75 -2.66 -8.59 6.46
C GLU E 75 -1.20 -8.13 6.50
N SER E 76 -0.84 -7.28 7.47
CA SER E 76 0.53 -6.78 7.54
C SER E 76 1.52 -7.90 7.87
N THR E 77 1.15 -8.81 8.78
CA THR E 77 2.01 -9.95 9.06
C THR E 77 2.18 -10.82 7.82
N ILE E 78 1.09 -11.08 7.11
CA ILE E 78 1.16 -11.90 5.90
C ILE E 78 2.05 -11.25 4.85
N HIS E 79 1.91 -9.93 4.69
CA HIS E 79 2.66 -9.27 3.63
C HIS E 79 4.14 -9.12 3.99
N ARG E 80 4.46 -8.92 5.27
CA ARG E 80 5.86 -8.93 5.68
C ARG E 80 6.50 -10.29 5.43
N SER E 81 5.75 -11.36 5.68
CA SER E 81 6.26 -12.71 5.44
C SER E 81 6.52 -12.94 3.96
N MET E 82 5.53 -12.64 3.11
CA MET E 82 5.68 -12.88 1.69
C MET E 82 6.79 -12.05 1.08
N LYS E 83 6.92 -10.80 1.53
CA LYS E 83 8.00 -9.94 1.04
C LYS E 83 9.37 -10.52 1.40
N GLU E 84 9.48 -11.20 2.54
CA GLU E 84 10.72 -11.85 2.91
C GLU E 84 10.92 -13.15 2.14
N MET E 85 9.83 -13.83 1.78
CA MET E 85 9.94 -14.99 0.89
C MET E 85 10.39 -14.57 -0.50
N ALA E 86 9.90 -13.42 -0.98
CA ALA E 86 10.32 -12.91 -2.29
C ALA E 86 11.83 -12.72 -2.35
N GLN E 87 12.41 -12.21 -1.26
CA GLN E 87 13.86 -12.15 -1.18
C GLN E 87 14.48 -13.54 -1.19
N THR E 88 13.90 -14.47 -0.41
CA THR E 88 14.47 -15.81 -0.30
C THR E 88 14.41 -16.54 -1.63
N LEU E 89 13.28 -16.46 -2.33
CA LEU E 89 13.19 -17.09 -3.64
C LEU E 89 14.12 -16.43 -4.64
N ALA E 90 14.28 -15.10 -4.56
CA ALA E 90 15.15 -14.39 -5.47
C ALA E 90 16.60 -14.84 -5.31
N ASN E 91 17.05 -15.00 -4.06
CA ASN E 91 18.41 -15.49 -3.84
C ASN E 91 18.58 -16.93 -4.30
N ALA E 92 17.50 -17.71 -4.30
CA ALA E 92 17.60 -19.12 -4.66
C ALA E 92 17.71 -19.34 -6.16
N TYR E 93 17.09 -18.48 -6.97
CA TYR E 93 17.03 -18.68 -8.41
C TYR E 93 17.79 -17.64 -9.21
N LYS E 94 18.46 -16.69 -8.55
CA LYS E 94 19.06 -15.56 -9.27
C LYS E 94 20.12 -16.04 -10.25
N THR E 95 21.07 -16.85 -9.79
CA THR E 95 22.23 -17.23 -10.59
C THR E 95 22.07 -18.56 -11.30
N LEU E 96 20.92 -19.23 -11.16
CA LEU E 96 20.71 -20.52 -11.79
C LEU E 96 20.69 -20.37 -13.31
N LYS E 97 20.64 -21.51 -14.00
CA LYS E 97 20.53 -21.54 -15.45
C LYS E 97 19.74 -22.78 -15.86
N HIS E 98 19.03 -22.67 -16.97
CA HIS E 98 18.23 -23.78 -17.48
C HIS E 98 18.18 -23.68 -19.01
N ARG E 99 17.31 -24.48 -19.62
CA ARG E 99 17.30 -24.64 -21.07
C ARG E 99 16.86 -23.36 -21.77
N ASP E 100 17.58 -23.03 -22.86
CA ASP E 100 17.26 -21.87 -23.67
C ASP E 100 16.21 -22.25 -24.70
N THR E 101 14.95 -21.92 -24.41
CA THR E 101 13.87 -22.09 -25.37
C THR E 101 13.63 -20.86 -26.22
N HIS E 102 14.12 -19.70 -25.79
CA HIS E 102 13.89 -18.46 -26.54
C HIS E 102 14.74 -18.42 -27.80
N ASN E 103 15.95 -18.97 -27.74
CA ASN E 103 16.83 -19.13 -28.91
C ASN E 103 17.22 -20.60 -28.94
N LYS E 104 16.38 -21.41 -29.58
CA LYS E 104 16.56 -22.87 -29.61
C LYS E 104 17.80 -23.29 -30.37
N GLY E 105 18.55 -22.36 -30.97
CA GLY E 105 19.80 -22.66 -31.61
C GLY E 105 21.02 -22.58 -30.72
N ASN E 106 20.83 -22.17 -29.46
CA ASN E 106 21.91 -22.08 -28.49
C ASN E 106 21.86 -23.32 -27.59
N SER E 107 22.79 -24.24 -27.81
CA SER E 107 22.83 -25.48 -27.04
C SER E 107 23.26 -25.27 -25.60
N ALA E 108 23.82 -24.12 -25.26
CA ALA E 108 24.27 -23.86 -23.90
C ALA E 108 23.10 -23.48 -23.00
N LEU E 109 23.31 -23.63 -21.70
CA LEU E 109 22.31 -23.22 -20.72
C LEU E 109 22.20 -21.70 -20.69
N ALA E 110 21.01 -21.22 -20.32
CA ALA E 110 20.74 -19.79 -20.28
C ALA E 110 20.29 -19.37 -18.89
N PRO E 111 20.71 -18.20 -18.42
CA PRO E 111 20.26 -17.73 -17.10
C PRO E 111 18.79 -17.36 -17.12
N ILE E 112 18.24 -17.16 -15.93
CA ILE E 112 16.84 -16.78 -15.79
C ILE E 112 16.71 -15.32 -16.19
N THR E 113 16.13 -15.09 -17.37
CA THR E 113 15.95 -13.74 -17.90
C THR E 113 14.51 -13.53 -18.31
N ASP E 114 14.22 -12.40 -18.96
CA ASP E 114 12.91 -12.22 -19.57
C ASP E 114 12.71 -13.14 -20.77
N GLU E 115 13.78 -13.73 -21.29
CA GLU E 115 13.71 -14.69 -22.39
C GLU E 115 13.47 -16.12 -21.89
N ASN E 116 14.10 -16.48 -20.77
CA ASN E 116 13.90 -17.79 -20.15
C ASN E 116 13.61 -17.59 -18.66
N PRO E 117 12.42 -17.14 -18.32
CA PRO E 117 12.10 -16.85 -16.92
C PRO E 117 11.81 -18.12 -16.11
N LEU E 118 11.73 -17.93 -14.80
CA LEU E 118 11.30 -19.01 -13.91
C LEU E 118 9.84 -19.34 -14.19
N ILE E 119 9.56 -20.63 -14.39
CA ILE E 119 8.18 -21.08 -14.61
C ILE E 119 7.52 -21.25 -13.25
N ILE E 120 6.37 -20.61 -13.08
CA ILE E 120 5.61 -20.67 -11.82
C ILE E 120 4.23 -21.23 -12.15
N ILE E 121 3.86 -22.31 -11.47
CA ILE E 121 2.55 -22.92 -11.63
C ILE E 121 1.74 -22.65 -10.37
N SER E 122 0.71 -21.82 -10.50
CA SER E 122 -0.23 -21.58 -9.44
C SER E 122 -1.42 -22.51 -9.58
N VAL E 123 -1.98 -22.93 -8.45
CA VAL E 123 -3.13 -23.83 -8.44
C VAL E 123 -4.37 -23.03 -8.05
N LEU E 124 -5.47 -23.30 -8.73
CA LEU E 124 -6.70 -22.55 -8.54
C LEU E 124 -7.66 -23.35 -7.66
N LYS E 125 -8.44 -22.63 -6.85
CA LYS E 125 -8.56 -21.19 -6.93
C LYS E 125 -7.84 -20.41 -5.83
N GLY E 126 -7.93 -20.91 -4.59
CA GLY E 126 -7.45 -20.21 -3.41
C GLY E 126 -6.10 -19.54 -3.54
N SER E 127 -5.20 -20.14 -4.33
CA SER E 127 -3.84 -19.62 -4.44
C SER E 127 -3.71 -18.46 -5.43
N TYR E 128 -4.80 -17.99 -6.02
CA TYR E 128 -4.66 -16.92 -7.01
C TYR E 128 -4.37 -15.58 -6.36
N ILE E 129 -4.95 -15.32 -5.19
CA ILE E 129 -4.65 -14.08 -4.48
C ILE E 129 -3.21 -14.11 -3.96
N PHE E 130 -2.84 -15.22 -3.32
CA PHE E 130 -1.46 -15.41 -2.88
C PHE E 130 -0.48 -15.22 -4.05
N THR E 131 -0.80 -15.82 -5.20
CA THR E 131 0.07 -15.70 -6.37
C THR E 131 0.13 -14.25 -6.86
N ALA E 132 -1.02 -13.56 -6.88
CA ALA E 132 -1.06 -12.19 -7.38
C ALA E 132 -0.13 -11.28 -6.60
N ASP E 133 -0.17 -11.36 -5.27
CA ASP E 133 0.73 -10.54 -4.45
C ASP E 133 2.17 -11.00 -4.62
N MET E 134 2.39 -12.31 -4.75
CA MET E 134 3.76 -12.84 -4.71
C MET E 134 4.54 -12.46 -5.97
N VAL E 135 3.94 -12.59 -7.15
CA VAL E 135 4.67 -12.31 -8.37
C VAL E 135 5.08 -10.84 -8.43
N ARG E 136 4.25 -9.95 -7.87
CA ARG E 136 4.62 -8.54 -7.82
C ARG E 136 5.81 -8.31 -6.89
N TYR E 137 5.84 -9.03 -5.76
CA TYR E 137 7.00 -8.95 -4.88
C TYR E 137 8.24 -9.50 -5.58
N LEU E 138 8.09 -10.58 -6.34
CA LEU E 138 9.19 -11.09 -7.13
C LEU E 138 9.64 -10.09 -8.19
N GLY E 139 8.72 -9.23 -8.64
CA GLY E 139 9.11 -8.18 -9.57
C GLY E 139 10.04 -7.16 -8.93
N ASP E 140 9.78 -6.81 -7.67
CA ASP E 140 10.64 -5.88 -6.94
C ASP E 140 12.01 -6.48 -6.68
N CSO E 141 12.04 -7.80 -6.48
CA CSO E 141 13.29 -8.52 -6.26
CB CSO E 141 13.05 -9.77 -5.42
SG CSO E 141 12.47 -9.31 -3.78
C CSO E 141 13.99 -8.88 -7.56
O CSO E 141 15.02 -9.56 -7.55
OD CSO E 141 13.43 -7.95 -3.14
N GLY E 142 13.42 -8.45 -8.68
CA GLY E 142 14.03 -8.65 -9.99
C GLY E 142 14.19 -10.09 -10.44
N LEU E 143 13.19 -10.92 -10.15
CA LEU E 143 13.21 -12.32 -10.57
C LEU E 143 12.22 -12.51 -11.72
N PRO E 144 12.70 -12.65 -12.96
CA PRO E 144 11.76 -12.81 -14.09
C PRO E 144 11.02 -14.13 -14.00
N ASN E 145 9.70 -14.07 -14.13
CA ASN E 145 8.87 -15.25 -13.98
C ASN E 145 7.63 -15.14 -14.86
N VAL E 146 7.01 -16.29 -15.11
CA VAL E 146 5.72 -16.37 -15.78
C VAL E 146 4.85 -17.36 -15.02
N VAL E 147 3.53 -17.15 -15.09
CA VAL E 147 2.58 -17.92 -14.29
C VAL E 147 1.55 -18.55 -15.22
N ASP E 148 1.38 -19.86 -15.09
CA ASP E 148 0.23 -20.57 -15.64
C ASP E 148 -0.49 -21.30 -14.52
N PHE E 149 -1.78 -21.51 -14.72
CA PHE E 149 -2.65 -22.02 -13.67
C PHE E 149 -3.04 -23.47 -13.95
N ILE E 150 -3.14 -24.25 -12.87
CA ILE E 150 -3.65 -25.61 -12.90
C ILE E 150 -4.79 -25.69 -11.90
N ARG E 151 -5.71 -26.62 -12.11
CA ARG E 151 -6.84 -26.76 -11.21
C ARG E 151 -7.09 -28.24 -10.90
N ILE E 152 -7.44 -28.51 -9.64
CA ILE E 152 -7.80 -29.85 -9.22
C ILE E 152 -8.63 -29.78 -7.93
N ASN E 170 -6.18 -27.51 -15.69
CA ASN E 170 -5.48 -27.99 -16.87
C ASN E 170 -4.49 -26.95 -17.40
N LEU E 171 -3.21 -27.34 -17.41
CA LEU E 171 -2.14 -26.45 -17.84
C LEU E 171 -2.26 -26.14 -19.33
N ARG E 172 -1.57 -25.09 -19.75
CA ARG E 172 -1.38 -24.80 -21.16
C ARG E 172 0.08 -24.63 -21.55
N PHE E 173 0.98 -24.44 -20.59
CA PHE E 173 2.41 -24.51 -20.87
C PHE E 173 2.80 -25.94 -21.20
N THR E 174 3.78 -26.07 -22.09
CA THR E 174 4.27 -27.38 -22.52
C THR E 174 5.78 -27.51 -22.53
N GLU E 175 6.53 -26.40 -22.53
CA GLU E 175 7.99 -26.45 -22.59
C GLU E 175 8.56 -26.28 -21.18
N LEU E 176 8.29 -27.29 -20.35
CA LEU E 176 8.77 -27.30 -18.97
C LEU E 176 10.04 -28.12 -18.78
N THR E 177 10.38 -28.99 -19.74
CA THR E 177 11.54 -29.85 -19.59
C THR E 177 12.82 -29.03 -19.59
N GLY E 178 13.72 -29.36 -18.68
CA GLY E 178 14.96 -28.63 -18.53
C GLY E 178 14.82 -27.25 -17.92
N LYS E 179 13.65 -26.93 -17.37
CA LYS E 179 13.38 -25.62 -16.79
C LYS E 179 13.27 -25.72 -15.27
N HIS E 180 13.47 -24.58 -14.62
CA HIS E 180 13.23 -24.46 -13.18
C HIS E 180 11.76 -24.11 -12.96
N VAL E 181 11.07 -24.94 -12.19
CA VAL E 181 9.64 -24.78 -11.98
C VAL E 181 9.35 -24.70 -10.50
N LEU E 182 8.43 -23.82 -10.13
CA LEU E 182 8.04 -23.60 -8.74
C LEU E 182 6.52 -23.56 -8.65
N ILE E 183 5.97 -24.36 -7.76
CA ILE E 183 4.52 -24.46 -7.57
C ILE E 183 4.10 -23.48 -6.48
N MET E 184 3.06 -22.69 -6.76
CA MET E 184 2.47 -21.76 -5.80
C MET E 184 1.16 -22.35 -5.32
N GLU E 185 1.10 -22.70 -4.03
CA GLU E 185 -0.08 -23.24 -3.39
C GLU E 185 -0.32 -22.47 -2.10
N ASP E 186 -1.56 -22.45 -1.63
CA ASP E 186 -1.83 -21.68 -0.41
C ASP E 186 -1.76 -22.51 0.86
N ILE E 187 -1.92 -23.82 0.79
CA ILE E 187 -1.98 -24.65 2.00
C ILE E 187 -1.33 -26.00 1.75
N ALA E 188 -0.61 -26.48 2.76
CA ALA E 188 -0.09 -27.84 2.81
C ALA E 188 -0.43 -28.41 4.18
N ASP E 189 -1.31 -29.41 4.22
CA ASP E 189 -1.76 -29.99 5.47
C ASP E 189 -1.38 -31.47 5.42
N THR E 190 -2.29 -32.36 5.05
CA THR E 190 -1.92 -33.78 4.98
C THR E 190 -0.83 -34.03 3.95
N GLY E 191 -0.67 -33.15 2.97
CA GLY E 191 0.37 -33.25 1.97
C GLY E 191 0.00 -34.07 0.76
N ARG E 192 -1.16 -34.73 0.76
CA ARG E 192 -1.54 -35.59 -0.35
C ARG E 192 -1.65 -34.81 -1.66
N THR E 193 -2.33 -33.66 -1.61
CA THR E 193 -2.60 -32.92 -2.84
C THR E 193 -1.33 -32.43 -3.50
N MET E 194 -0.34 -32.04 -2.69
CA MET E 194 0.92 -31.56 -3.28
C MET E 194 1.82 -32.71 -3.69
N LYS E 195 1.80 -33.82 -2.95
CA LYS E 195 2.61 -34.98 -3.35
C LYS E 195 2.15 -35.54 -4.69
N LEU E 196 0.84 -35.53 -4.94
CA LEU E 196 0.32 -36.01 -6.22
C LEU E 196 0.73 -35.11 -7.37
N LEU E 197 0.83 -33.80 -7.12
CA LEU E 197 1.11 -32.86 -8.20
C LEU E 197 2.58 -32.92 -8.63
N VAL E 198 3.50 -32.94 -7.66
CA VAL E 198 4.92 -32.96 -8.00
C VAL E 198 5.28 -34.27 -8.70
N GLU E 199 4.75 -35.39 -8.20
CA GLU E 199 5.03 -36.68 -8.84
C GLU E 199 4.54 -36.70 -10.28
N LYS E 200 3.40 -36.07 -10.53
CA LYS E 200 2.82 -36.06 -11.88
C LYS E 200 3.55 -35.10 -12.81
N ILE E 201 4.08 -34.00 -12.29
CA ILE E 201 4.79 -33.06 -13.15
C ILE E 201 6.20 -33.56 -13.45
N ARG E 202 6.88 -34.14 -12.46
CA ARG E 202 8.17 -34.76 -12.74
C ARG E 202 8.07 -35.86 -13.78
N ARG E 203 6.94 -36.59 -13.80
CA ARG E 203 6.77 -37.67 -14.75
C ARG E 203 6.45 -37.15 -16.14
N GLU E 204 5.51 -36.21 -16.25
CA GLU E 204 5.04 -35.74 -17.53
C GLU E 204 5.82 -34.55 -18.08
N TYR E 205 6.84 -34.07 -17.37
CA TYR E 205 7.57 -32.90 -17.85
C TYR E 205 9.08 -32.96 -17.66
N ARG E 206 9.60 -33.74 -16.72
CA ARG E 206 11.03 -33.86 -16.49
C ARG E 206 11.72 -32.50 -16.36
N PRO E 207 11.32 -31.68 -15.39
CA PRO E 207 11.92 -30.35 -15.25
C PRO E 207 13.30 -30.44 -14.61
N ALA E 208 14.07 -29.36 -14.80
CA ALA E 208 15.39 -29.28 -14.19
C ALA E 208 15.29 -29.36 -12.67
N SER E 209 14.44 -28.52 -12.09
CA SER E 209 14.16 -28.56 -10.66
C SER E 209 12.67 -28.32 -10.44
N LEU E 210 12.18 -28.81 -9.31
CA LEU E 210 10.76 -28.68 -8.98
C LEU E 210 10.65 -28.49 -7.47
N LYS E 211 10.38 -27.26 -7.04
CA LYS E 211 10.21 -26.91 -5.64
C LYS E 211 8.82 -26.37 -5.42
N VAL E 212 8.43 -26.28 -4.14
CA VAL E 212 7.08 -25.89 -3.76
C VAL E 212 7.16 -24.74 -2.76
N CYS E 213 6.40 -23.67 -3.03
CA CYS E 213 6.23 -22.57 -2.10
C CYS E 213 4.76 -22.51 -1.71
N VAL E 214 4.48 -22.58 -0.42
CA VAL E 214 3.11 -22.55 0.08
C VAL E 214 2.95 -21.37 1.02
N LEU E 215 1.72 -20.87 1.11
CA LEU E 215 1.40 -19.75 1.98
C LEU E 215 1.33 -20.19 3.44
N VAL E 216 0.60 -21.28 3.71
CA VAL E 216 0.41 -21.80 5.06
C VAL E 216 0.79 -23.27 5.07
N ASP E 217 1.66 -23.65 5.99
CA ASP E 217 2.07 -25.04 6.18
C ASP E 217 1.54 -25.54 7.51
N LYS E 218 0.89 -26.70 7.49
CA LYS E 218 0.40 -27.32 8.71
C LYS E 218 1.15 -28.63 8.93
N PRO E 219 2.40 -28.57 9.41
CA PRO E 219 3.22 -29.79 9.50
C PRO E 219 2.73 -30.79 10.53
N GLY E 220 1.91 -30.37 11.49
CA GLY E 220 1.30 -31.32 12.40
C GLY E 220 0.22 -32.17 11.77
N GLY E 221 -0.20 -31.84 10.56
CA GLY E 221 -1.24 -32.59 9.87
C GLY E 221 -0.75 -33.54 8.81
N ARG E 222 0.54 -33.62 8.56
CA ARG E 222 1.01 -34.41 7.43
C ARG E 222 1.04 -35.89 7.74
N VAL E 223 0.51 -36.67 6.81
CA VAL E 223 0.46 -38.12 6.94
C VAL E 223 1.05 -38.78 5.70
N VAL E 224 1.83 -38.02 4.94
CA VAL E 224 2.38 -38.47 3.67
C VAL E 224 3.72 -37.75 3.44
N ASP E 225 4.62 -38.40 2.70
CA ASP E 225 5.98 -37.92 2.51
C ASP E 225 6.02 -36.74 1.53
N PHE E 226 6.09 -35.52 2.07
CA PHE E 226 6.23 -34.31 1.26
C PHE E 226 6.60 -33.13 2.15
N LYS E 227 7.61 -32.36 1.80
CA LYS E 227 7.80 -31.13 2.57
C LYS E 227 8.15 -29.96 1.67
N PRO E 228 7.38 -28.88 1.73
CA PRO E 228 7.62 -27.75 0.83
C PRO E 228 8.92 -27.03 1.16
N GLU E 229 9.68 -26.70 0.11
CA GLU E 229 10.97 -26.03 0.29
C GLU E 229 10.82 -24.59 0.77
N PHE E 230 9.66 -23.97 0.54
CA PHE E 230 9.45 -22.57 0.89
C PHE E 230 8.13 -22.43 1.62
N VAL E 231 8.18 -21.91 2.85
CA VAL E 231 7.01 -21.81 3.71
C VAL E 231 6.93 -20.38 4.23
N CYS E 232 5.79 -19.73 4.01
CA CYS E 232 5.61 -18.37 4.52
C CYS E 232 5.18 -18.38 5.98
N LEU E 233 4.15 -19.16 6.32
CA LEU E 233 3.62 -19.22 7.67
C LEU E 233 3.41 -20.66 8.10
N THR E 234 3.52 -20.89 9.40
CA THR E 234 3.28 -22.19 10.02
C THR E 234 2.09 -22.05 10.95
N ALA E 235 1.07 -22.86 10.74
CA ALA E 235 -0.17 -22.80 11.50
C ALA E 235 -0.42 -24.11 12.23
N PRO E 236 -1.21 -24.08 13.31
CA PRO E 236 -1.63 -25.34 13.95
C PRO E 236 -2.59 -26.13 13.08
N THR E 237 -3.04 -27.29 13.57
CA THR E 237 -3.89 -28.19 12.82
C THR E 237 -5.36 -27.76 12.89
N ARG E 238 -5.61 -26.52 12.47
CA ARG E 238 -6.96 -25.96 12.54
C ARG E 238 -7.41 -25.48 11.17
N TYR E 239 -8.73 -25.35 11.02
CA TYR E 239 -9.32 -24.89 9.76
C TYR E 239 -9.30 -23.37 9.72
N VAL E 240 -8.62 -22.80 8.71
CA VAL E 240 -8.49 -21.36 8.57
C VAL E 240 -9.34 -20.89 7.40
N VAL E 241 -9.78 -19.63 7.48
CA VAL E 241 -10.46 -18.96 6.38
C VAL E 241 -9.89 -17.55 6.24
N GLY E 242 -10.06 -16.98 5.07
CA GLY E 242 -9.54 -15.66 4.75
C GLY E 242 -8.33 -15.74 3.84
N TYR E 243 -8.18 -14.71 2.99
CA TYR E 243 -7.04 -14.56 2.09
C TYR E 243 -6.81 -15.82 1.26
N GLY E 244 -7.82 -16.14 0.45
CA GLY E 244 -7.74 -17.32 -0.39
C GLY E 244 -8.46 -18.53 0.19
N PHE E 245 -8.37 -18.71 1.51
CA PHE E 245 -9.03 -19.83 2.17
C PHE E 245 -10.52 -19.53 2.38
N GLU E 246 -11.33 -20.58 2.35
CA GLU E 246 -12.76 -20.42 2.20
C GLU E 246 -13.51 -21.52 2.93
N VAL E 247 -14.82 -21.30 3.11
CA VAL E 247 -15.79 -22.36 3.33
C VAL E 247 -16.91 -22.15 2.32
N ASN E 248 -17.01 -23.06 1.35
CA ASN E 248 -17.93 -22.94 0.21
C ASN E 248 -17.81 -21.56 -0.45
N ASP E 249 -16.56 -21.16 -0.72
CA ASP E 249 -16.17 -19.96 -1.46
C ASP E 249 -16.39 -18.66 -0.69
N ARG E 250 -16.82 -18.72 0.56
CA ARG E 250 -16.97 -17.51 1.36
C ARG E 250 -15.65 -17.17 2.05
N TYR E 251 -15.50 -15.90 2.43
CA TYR E 251 -14.37 -15.37 3.19
C TYR E 251 -13.06 -15.40 2.41
N ARG E 252 -13.09 -15.74 1.12
CA ARG E 252 -11.88 -15.77 0.32
C ARG E 252 -11.22 -14.40 0.24
N ASN E 253 -12.02 -13.33 0.17
CA ASN E 253 -11.52 -12.00 -0.09
C ASN E 253 -11.11 -11.22 1.17
N TYR E 254 -11.19 -11.84 2.34
CA TYR E 254 -10.77 -11.15 3.55
C TYR E 254 -9.25 -11.02 3.59
N ARG E 255 -8.77 -9.86 4.04
CA ARG E 255 -7.34 -9.58 3.99
C ARG E 255 -6.54 -10.26 5.10
N HIS E 256 -7.20 -10.96 6.02
CA HIS E 256 -6.52 -11.65 7.12
C HIS E 256 -6.88 -13.13 7.10
N VAL E 257 -6.16 -13.90 7.92
CA VAL E 257 -6.37 -15.34 8.04
C VAL E 257 -6.87 -15.63 9.45
N PHE E 258 -8.04 -16.23 9.55
CA PHE E 258 -8.67 -16.50 10.83
C PHE E 258 -8.84 -18.00 11.04
N VAL E 259 -8.81 -18.42 12.29
CA VAL E 259 -9.31 -19.74 12.65
C VAL E 259 -10.83 -19.70 12.59
N LEU E 260 -11.42 -20.66 11.88
CA LEU E 260 -12.87 -20.70 11.74
C LEU E 260 -13.52 -21.28 12.99
N LYS E 261 -14.61 -20.65 13.42
CA LYS E 261 -15.45 -21.25 14.45
C LYS E 261 -16.00 -22.56 13.92
N PRO E 262 -15.91 -23.66 14.68
CA PRO E 262 -16.49 -24.93 14.19
C PRO E 262 -17.99 -24.84 13.91
N GLU E 263 -18.70 -23.90 14.53
CA GLU E 263 -20.13 -23.75 14.25
C GLU E 263 -20.37 -23.29 12.81
N TYR E 264 -19.47 -22.49 12.26
CA TYR E 264 -19.61 -21.98 10.90
C TYR E 264 -19.10 -22.95 9.84
N ALA E 265 -18.59 -24.12 10.25
CA ALA E 265 -17.97 -25.03 9.29
C ALA E 265 -18.96 -25.51 8.24
N LYS E 266 -20.18 -25.84 8.65
CA LYS E 266 -21.20 -26.31 7.73
C LYS E 266 -22.35 -25.31 7.65
N ARG E 267 -22.03 -24.05 7.33
CA ARG E 267 -23.00 -22.98 7.34
C ARG E 267 -23.62 -22.71 5.97
N TYR E 268 -22.88 -22.99 4.88
CA TYR E 268 -23.36 -22.78 3.52
C TYR E 268 -23.30 -24.11 2.77
N PRO E 269 -24.23 -25.03 3.07
CA PRO E 269 -24.18 -26.35 2.43
C PRO E 269 -24.64 -26.35 0.99
N SER E 270 -25.34 -25.32 0.54
CA SER E 270 -25.92 -25.32 -0.78
C SER E 270 -24.83 -25.13 -1.85
N LYS E 271 -25.23 -25.36 -3.09
CA LYS E 271 -24.32 -25.43 -4.22
C LYS E 271 -24.26 -24.10 -4.95
N LEU E 272 -23.07 -23.73 -5.40
CA LEU E 272 -22.88 -22.51 -6.18
C LEU E 272 -22.80 -22.83 -7.67
N LYS F 46 -4.89 4.06 32.54
CA LYS F 46 -3.90 3.26 33.25
C LYS F 46 -4.14 3.09 34.76
N PRO F 47 -4.52 4.14 35.49
CA PRO F 47 -4.66 4.00 36.95
C PRO F 47 -5.72 2.98 37.32
N ASN F 48 -5.37 2.10 38.26
CA ASN F 48 -6.30 1.12 38.77
C ASN F 48 -7.23 1.76 39.80
N PHE F 49 -8.54 1.58 39.61
CA PHE F 49 -9.51 2.17 40.52
C PHE F 49 -9.63 1.31 41.77
N VAL F 50 -9.57 1.95 42.94
CA VAL F 50 -9.60 1.26 44.23
C VAL F 50 -10.84 1.73 44.99
N GLY F 51 -11.61 0.79 45.49
CA GLY F 51 -12.80 1.11 46.25
C GLY F 51 -13.19 -0.02 47.18
N ARG F 52 -14.46 -0.01 47.57
CA ARG F 52 -15.02 -1.03 48.45
C ARG F 52 -16.32 -1.53 47.85
N ASP F 53 -16.56 -2.84 47.97
CA ASP F 53 -17.72 -3.47 47.33
C ASP F 53 -18.96 -3.29 48.20
N ALA F 54 -20.01 -4.03 47.86
CA ALA F 54 -21.26 -3.97 48.63
C ALA F 54 -21.03 -4.36 50.08
N ASP F 55 -20.40 -5.52 50.31
CA ASP F 55 -20.05 -5.96 51.65
C ASP F 55 -19.13 -4.93 52.32
N GLY F 56 -17.83 -5.03 52.06
CA GLY F 56 -16.87 -4.11 52.60
C GLY F 56 -15.47 -4.47 52.19
N ASN F 57 -15.36 -5.47 51.31
CA ASN F 57 -14.06 -5.94 50.85
C ASN F 57 -13.37 -4.88 50.00
N VAL F 58 -12.06 -5.02 49.89
CA VAL F 58 -11.29 -4.20 48.96
C VAL F 58 -11.63 -4.61 47.54
N THR F 59 -11.83 -3.62 46.67
CA THR F 59 -11.98 -3.86 45.25
C THR F 59 -10.92 -3.09 44.47
N VAL F 60 -10.42 -3.72 43.41
CA VAL F 60 -9.55 -3.06 42.45
C VAL F 60 -10.16 -3.30 41.07
N ASP F 61 -10.55 -2.21 40.40
CA ASP F 61 -11.07 -2.26 39.03
C ASP F 61 -12.26 -3.20 38.91
N GLY F 62 -13.07 -3.30 39.96
CA GLY F 62 -14.25 -4.13 39.98
C GLY F 62 -14.06 -5.48 40.63
N ARG F 63 -12.86 -6.06 40.54
CA ARG F 63 -12.58 -7.35 41.16
C ARG F 63 -12.56 -7.20 42.67
N SER F 64 -13.31 -8.06 43.36
CA SER F 64 -13.37 -8.04 44.82
C SER F 64 -12.30 -8.95 45.39
N TYR F 65 -11.55 -8.45 46.36
CA TYR F 65 -10.48 -9.20 47.03
C TYR F 65 -10.85 -9.33 48.50
N PRO F 66 -11.69 -10.31 48.85
CA PRO F 66 -12.21 -10.40 50.22
C PRO F 66 -11.14 -10.75 51.25
N MET F 67 -9.93 -11.09 50.83
CA MET F 67 -8.86 -11.40 51.77
C MET F 67 -8.00 -10.19 52.09
N ALA F 68 -8.13 -9.10 51.34
CA ALA F 68 -7.29 -7.92 51.52
C ALA F 68 -7.85 -7.01 52.61
N GLU F 69 -6.96 -6.51 53.45
CA GLU F 69 -7.31 -5.46 54.40
C GLU F 69 -7.19 -4.08 53.77
N SER F 70 -6.20 -3.89 52.89
CA SER F 70 -5.99 -2.62 52.21
C SER F 70 -5.06 -2.85 51.04
N VAL F 71 -4.88 -1.81 50.23
CA VAL F 71 -4.05 -1.86 49.04
C VAL F 71 -2.71 -1.22 49.37
N VAL F 72 -1.62 -1.98 49.15
CA VAL F 72 -0.28 -1.43 49.30
C VAL F 72 0.12 -0.66 48.05
N ALA F 73 -0.08 -1.29 46.89
CA ALA F 73 0.26 -0.68 45.61
C ALA F 73 -0.46 -1.44 44.51
N THR F 74 -1.16 -0.72 43.64
CA THR F 74 -1.83 -1.34 42.51
C THR F 74 -0.81 -1.68 41.43
N GLU F 75 -1.29 -2.32 40.35
CA GLU F 75 -0.38 -2.74 39.29
C GLU F 75 0.29 -1.55 38.62
N SER F 76 -0.44 -0.45 38.43
CA SER F 76 0.15 0.72 37.78
C SER F 76 1.21 1.37 38.66
N THR F 77 0.99 1.40 39.98
CA THR F 77 1.99 1.95 40.87
C THR F 77 3.25 1.08 40.90
N ILE F 78 3.09 -0.24 40.84
CA ILE F 78 4.24 -1.13 40.91
C ILE F 78 5.11 -0.97 39.66
N HIS F 79 4.48 -1.02 38.48
CA HIS F 79 5.25 -0.95 37.24
C HIS F 79 5.87 0.42 37.03
N ARG F 80 5.25 1.47 37.57
CA ARG F 80 5.88 2.79 37.53
C ARG F 80 7.16 2.79 38.37
N SER F 81 7.16 2.06 39.49
CA SER F 81 8.37 1.95 40.30
C SER F 81 9.43 1.12 39.61
N MET F 82 9.04 0.00 39.00
CA MET F 82 10.02 -0.89 38.37
C MET F 82 10.65 -0.24 37.15
N LYS F 83 9.87 0.53 36.38
CA LYS F 83 10.43 1.24 35.24
C LYS F 83 11.44 2.28 35.69
N GLU F 84 11.10 3.05 36.73
CA GLU F 84 12.04 4.02 37.27
C GLU F 84 13.26 3.33 37.89
N MET F 85 13.07 2.13 38.44
CA MET F 85 14.21 1.39 38.99
C MET F 85 15.08 0.81 37.88
N ALA F 86 14.48 0.43 36.75
CA ALA F 86 15.28 -0.07 35.64
C ALA F 86 16.23 1.00 35.10
N GLN F 87 15.75 2.25 35.00
CA GLN F 87 16.64 3.32 34.57
C GLN F 87 17.69 3.62 35.64
N THR F 88 17.33 3.50 36.92
CA THR F 88 18.33 3.61 37.97
C THR F 88 19.38 2.52 37.84
N LEU F 89 18.95 1.29 37.57
CA LEU F 89 19.89 0.17 37.46
C LEU F 89 20.76 0.30 36.21
N ALA F 90 20.17 0.73 35.09
CA ALA F 90 20.94 0.90 33.87
C ALA F 90 22.00 1.99 34.03
N ASN F 91 21.65 3.10 34.69
CA ASN F 91 22.62 4.17 34.88
C ASN F 91 23.74 3.78 35.83
N ALA F 92 23.50 2.82 36.73
CA ALA F 92 24.51 2.43 37.71
C ALA F 92 25.48 1.38 37.19
N TYR F 93 25.15 0.71 36.09
CA TYR F 93 25.97 -0.40 35.61
C TYR F 93 26.52 -0.21 34.21
N LYS F 94 25.86 0.58 33.36
CA LYS F 94 26.25 0.65 31.94
C LYS F 94 27.64 1.24 31.73
N THR F 95 28.20 1.90 32.74
CA THR F 95 29.54 2.47 32.63
C THR F 95 30.62 1.56 33.18
N LEU F 96 30.32 0.77 34.20
CA LEU F 96 31.32 0.02 34.94
C LEU F 96 31.92 -1.11 34.08
N LYS F 97 32.92 -1.78 34.64
CA LYS F 97 33.65 -2.83 33.94
C LYS F 97 34.02 -3.94 34.92
N HIS F 98 34.10 -5.15 34.41
CA HIS F 98 34.46 -6.30 35.24
C HIS F 98 35.31 -7.27 34.41
N ARG F 99 35.44 -8.50 34.89
CA ARG F 99 36.34 -9.47 34.29
C ARG F 99 35.85 -9.91 32.92
N ASP F 100 36.79 -10.05 31.99
CA ASP F 100 36.48 -10.57 30.66
C ASP F 100 36.48 -12.10 30.72
N THR F 101 35.32 -12.70 30.46
CA THR F 101 35.19 -14.14 30.34
C THR F 101 34.92 -14.61 28.93
N HIS F 102 34.55 -13.70 28.03
CA HIS F 102 34.26 -14.08 26.64
C HIS F 102 35.54 -14.30 25.85
N ASN F 103 36.57 -13.52 26.13
CA ASN F 103 37.85 -13.68 25.48
C ASN F 103 38.95 -14.17 26.41
N LYS F 104 38.76 -14.04 27.72
CA LYS F 104 39.57 -14.73 28.72
C LYS F 104 41.05 -14.35 28.69
N GLY F 105 41.68 -14.47 27.52
CA GLY F 105 43.10 -14.26 27.36
C GLY F 105 43.67 -13.06 28.10
N ASN F 106 43.07 -11.88 27.88
CA ASN F 106 43.54 -10.68 28.54
C ASN F 106 43.07 -10.62 29.99
N SER F 107 43.93 -10.10 30.85
CA SER F 107 43.58 -9.83 32.23
C SER F 107 43.01 -8.43 32.43
N ALA F 108 42.89 -7.64 31.37
CA ALA F 108 42.28 -6.33 31.47
C ALA F 108 40.77 -6.48 31.72
N LEU F 109 40.15 -5.36 32.08
CA LEU F 109 38.73 -5.34 32.38
C LEU F 109 37.93 -5.02 31.11
N ALA F 110 36.69 -5.48 31.09
CA ALA F 110 35.82 -5.32 29.93
C ALA F 110 34.49 -4.72 30.37
N PRO F 111 33.84 -3.96 29.50
CA PRO F 111 32.54 -3.37 29.85
C PRO F 111 31.45 -4.43 29.88
N ILE F 112 30.28 -4.02 30.37
CA ILE F 112 29.10 -4.88 30.40
C ILE F 112 28.50 -4.90 29.00
N THR F 113 28.73 -5.99 28.27
CA THR F 113 28.16 -6.17 26.94
C THR F 113 27.43 -7.51 26.89
N ASP F 114 26.95 -7.89 25.71
CA ASP F 114 26.39 -9.23 25.56
C ASP F 114 27.46 -10.29 25.78
N GLU F 115 28.72 -9.94 25.56
CA GLU F 115 29.81 -10.88 25.79
C GLU F 115 30.13 -11.04 27.27
N ASN F 116 29.91 -9.99 28.06
CA ASN F 116 30.12 -10.05 29.51
C ASN F 116 28.95 -9.34 30.20
N PRO F 117 27.78 -9.97 30.21
CA PRO F 117 26.59 -9.31 30.75
C PRO F 117 26.61 -9.26 32.27
N LEU F 118 25.76 -8.39 32.80
CA LEU F 118 25.51 -8.35 34.23
C LEU F 118 24.89 -9.67 34.68
N ILE F 119 25.38 -10.19 35.80
CA ILE F 119 24.92 -11.47 36.34
C ILE F 119 23.84 -11.18 37.37
N ILE F 120 22.61 -11.58 37.07
CA ILE F 120 21.48 -11.41 37.97
C ILE F 120 21.16 -12.75 38.61
N ILE F 121 21.04 -12.76 39.94
CA ILE F 121 20.68 -13.95 40.69
C ILE F 121 19.29 -13.73 41.25
N SER F 122 18.31 -14.41 40.68
CA SER F 122 16.94 -14.34 41.17
C SER F 122 16.73 -15.42 42.23
N VAL F 123 15.95 -15.09 43.25
CA VAL F 123 15.73 -15.97 44.39
C VAL F 123 14.32 -16.54 44.30
N LEU F 124 14.24 -17.87 44.25
CA LEU F 124 12.96 -18.55 44.15
C LEU F 124 12.30 -18.68 45.52
N LYS F 125 10.97 -18.71 45.54
CA LYS F 125 10.14 -18.64 44.33
C LYS F 125 9.55 -17.25 44.10
N GLY F 126 9.40 -16.48 45.18
CA GLY F 126 8.62 -15.26 45.15
C GLY F 126 9.09 -14.22 44.16
N SER F 127 10.35 -14.26 43.72
CA SER F 127 10.90 -13.21 42.89
C SER F 127 10.78 -13.47 41.39
N TYR F 128 10.14 -14.56 40.97
CA TYR F 128 10.19 -14.91 39.56
C TYR F 128 9.30 -14.01 38.71
N ILE F 129 8.14 -13.59 39.24
CA ILE F 129 7.32 -12.62 38.52
C ILE F 129 8.01 -11.26 38.52
N PHE F 130 8.58 -10.87 39.66
CA PHE F 130 9.34 -9.62 39.74
C PHE F 130 10.53 -9.64 38.78
N THR F 131 11.20 -10.80 38.67
CA THR F 131 12.34 -10.89 37.75
C THR F 131 11.90 -10.81 36.30
N ALA F 132 10.85 -11.55 35.94
CA ALA F 132 10.41 -11.61 34.55
C ALA F 132 10.07 -10.22 34.02
N ASP F 133 9.46 -9.38 34.85
CA ASP F 133 9.12 -8.03 34.42
C ASP F 133 10.33 -7.11 34.45
N MET F 134 11.22 -7.29 35.44
CA MET F 134 12.36 -6.40 35.57
C MET F 134 13.35 -6.59 34.42
N VAL F 135 13.64 -7.84 34.05
CA VAL F 135 14.62 -8.08 32.99
C VAL F 135 14.13 -7.54 31.66
N ARG F 136 12.81 -7.56 31.43
CA ARG F 136 12.29 -6.93 30.22
C ARG F 136 12.41 -5.41 30.29
N TYR F 137 12.32 -4.83 31.48
CA TYR F 137 12.49 -3.39 31.61
C TYR F 137 13.95 -2.99 31.41
N LEU F 138 14.88 -3.82 31.89
CA LEU F 138 16.31 -3.52 31.71
C LEU F 138 16.72 -3.63 30.25
N GLY F 139 16.08 -4.52 29.49
CA GLY F 139 16.36 -4.60 28.07
C GLY F 139 15.94 -3.36 27.31
N ASP F 140 14.92 -2.68 27.80
CA ASP F 140 14.48 -1.42 27.20
C ASP F 140 15.55 -0.35 27.34
N CSO F 141 16.27 -0.38 28.45
CA CSO F 141 17.37 0.56 28.65
CB CSO F 141 17.38 1.09 30.09
SG CSO F 141 15.76 0.90 30.85
C CSO F 141 18.72 -0.03 28.29
O CSO F 141 19.77 0.43 28.75
OD CSO F 141 15.12 2.50 31.29
N GLY F 142 18.70 -1.06 27.45
CA GLY F 142 19.91 -1.63 26.88
C GLY F 142 20.97 -2.09 27.86
N LEU F 143 20.55 -2.73 28.95
CA LEU F 143 21.48 -3.30 29.91
C LEU F 143 21.59 -4.79 29.69
N PRO F 144 22.67 -5.29 29.10
CA PRO F 144 22.77 -6.74 28.84
C PRO F 144 22.87 -7.51 30.16
N ASN F 145 22.04 -8.52 30.31
CA ASN F 145 21.98 -9.26 31.56
C ASN F 145 21.55 -10.70 31.30
N VAL F 146 22.11 -11.62 32.07
CA VAL F 146 21.69 -13.02 32.12
C VAL F 146 21.37 -13.34 33.56
N VAL F 147 20.39 -14.22 33.76
CA VAL F 147 19.92 -14.53 35.10
C VAL F 147 20.01 -16.03 35.35
N ASP F 148 20.24 -16.38 36.61
CA ASP F 148 20.08 -17.74 37.11
C ASP F 148 19.37 -17.67 38.45
N PHE F 149 18.75 -18.77 38.84
CA PHE F 149 17.91 -18.81 40.02
C PHE F 149 18.61 -19.51 41.17
N ILE F 150 18.03 -19.34 42.37
CA ILE F 150 18.52 -19.99 43.57
C ILE F 150 17.35 -20.12 44.54
N ARG F 151 17.29 -21.27 45.23
CA ARG F 151 16.32 -21.49 46.29
C ARG F 151 17.01 -21.41 47.64
N ILE F 152 16.30 -20.88 48.63
CA ILE F 152 16.90 -20.63 49.94
C ILE F 152 16.82 -21.87 50.83
N ASP F 169 19.51 -26.17 47.62
CA ASP F 169 19.63 -25.73 46.23
C ASP F 169 20.79 -24.75 46.06
N ASN F 170 21.26 -24.62 44.83
CA ASN F 170 22.42 -23.77 44.54
C ASN F 170 22.36 -23.36 43.07
N LEU F 171 23.21 -22.39 42.72
CA LEU F 171 23.32 -21.88 41.36
C LEU F 171 23.82 -22.95 40.40
N ARG F 172 23.78 -22.61 39.11
CA ARG F 172 24.50 -23.36 38.10
C ARG F 172 25.62 -22.55 37.44
N PHE F 173 25.55 -21.22 37.51
CA PHE F 173 26.67 -20.39 37.10
C PHE F 173 27.87 -20.66 38.01
N THR F 174 29.06 -20.67 37.42
CA THR F 174 30.29 -20.90 38.17
C THR F 174 31.35 -19.82 37.98
N GLU F 175 31.29 -19.01 36.91
CA GLU F 175 32.31 -18.03 36.62
C GLU F 175 31.82 -16.63 37.02
N LEU F 176 31.75 -16.43 38.34
CA LEU F 176 31.27 -15.18 38.91
C LEU F 176 32.37 -14.38 39.59
N THR F 177 33.59 -14.91 39.65
CA THR F 177 34.70 -14.18 40.25
C THR F 177 35.04 -12.96 39.40
N GLY F 178 35.11 -11.80 40.05
CA GLY F 178 35.40 -10.57 39.34
C GLY F 178 34.26 -10.03 38.50
N LYS F 179 33.08 -10.63 38.59
CA LYS F 179 31.92 -10.15 37.85
C LYS F 179 31.08 -9.20 38.70
N HIS F 180 30.27 -8.40 38.03
CA HIS F 180 29.29 -7.55 38.71
C HIS F 180 28.02 -8.35 38.88
N VAL F 181 27.67 -8.64 40.14
CA VAL F 181 26.53 -9.49 40.47
C VAL F 181 25.47 -8.63 41.17
N LEU F 182 24.21 -8.86 40.79
CA LEU F 182 23.08 -8.19 41.40
C LEU F 182 22.01 -9.23 41.71
N ILE F 183 21.56 -9.26 42.96
CA ILE F 183 20.55 -10.20 43.43
C ILE F 183 19.18 -9.51 43.35
N MET F 184 18.16 -10.26 42.96
CA MET F 184 16.80 -9.76 42.90
C MET F 184 15.95 -10.55 43.87
N GLU F 185 15.37 -9.84 44.85
CA GLU F 185 14.61 -10.46 45.93
C GLU F 185 13.28 -9.74 46.06
N ASP F 186 12.23 -10.49 46.41
CA ASP F 186 10.90 -9.88 46.48
C ASP F 186 10.74 -8.97 47.69
N ILE F 187 11.39 -9.29 48.82
CA ILE F 187 11.17 -8.54 50.05
C ILE F 187 12.38 -8.66 50.95
N ALA F 188 12.61 -7.62 51.75
CA ALA F 188 13.60 -7.62 52.82
C ALA F 188 12.90 -7.14 54.09
N ASP F 189 12.76 -8.04 55.07
CA ASP F 189 12.05 -7.72 56.31
C ASP F 189 13.01 -7.71 57.49
N THR F 190 13.33 -8.90 58.02
CA THR F 190 14.30 -9.00 59.11
C THR F 190 15.72 -8.68 58.63
N GLY F 191 15.97 -8.79 57.32
CA GLY F 191 17.31 -8.68 56.80
C GLY F 191 18.15 -9.94 56.93
N ARG F 192 17.71 -10.92 57.72
CA ARG F 192 18.51 -12.11 57.96
C ARG F 192 18.75 -12.89 56.67
N THR F 193 17.68 -13.16 55.92
CA THR F 193 17.81 -13.93 54.70
C THR F 193 18.81 -13.28 53.74
N MET F 194 18.69 -11.97 53.55
CA MET F 194 19.56 -11.29 52.60
C MET F 194 20.98 -11.14 53.14
N LYS F 195 21.13 -10.73 54.40
CA LYS F 195 22.46 -10.60 54.99
C LYS F 195 23.24 -11.90 54.89
N LEU F 196 22.56 -13.04 54.99
CA LEU F 196 23.24 -14.33 54.88
C LEU F 196 23.60 -14.63 53.44
N LEU F 197 22.66 -14.43 52.51
CA LEU F 197 22.92 -14.77 51.11
C LEU F 197 24.03 -13.90 50.53
N VAL F 198 24.08 -12.63 50.90
CA VAL F 198 25.18 -11.78 50.45
C VAL F 198 26.50 -12.26 51.06
N GLU F 199 26.46 -12.78 52.29
CA GLU F 199 27.68 -13.24 52.95
C GLU F 199 28.25 -14.47 52.26
N LYS F 200 27.38 -15.35 51.76
CA LYS F 200 27.86 -16.61 51.18
C LYS F 200 28.31 -16.43 49.74
N ILE F 201 27.63 -15.57 48.96
CA ILE F 201 28.06 -15.30 47.60
C ILE F 201 29.46 -14.69 47.60
N ARG F 202 29.71 -13.76 48.53
CA ARG F 202 31.02 -13.13 48.60
C ARG F 202 32.12 -14.13 48.94
N ARG F 203 31.86 -15.03 49.89
CA ARG F 203 32.88 -15.97 50.32
C ARG F 203 33.10 -17.07 49.29
N GLU F 204 32.09 -17.38 48.48
CA GLU F 204 32.21 -18.46 47.51
C GLU F 204 32.80 -18.01 46.18
N TYR F 205 32.38 -16.86 45.67
CA TYR F 205 32.74 -16.45 44.32
C TYR F 205 33.64 -15.22 44.24
N ARG F 206 33.57 -14.33 45.24
CA ARG F 206 34.36 -13.10 45.27
C ARG F 206 34.11 -12.25 44.03
N PRO F 207 32.92 -11.67 43.89
CA PRO F 207 32.63 -10.85 42.71
C PRO F 207 33.21 -9.45 42.84
N ALA F 208 33.21 -8.73 41.72
CA ALA F 208 33.66 -7.34 41.73
C ALA F 208 32.72 -6.48 42.57
N SER F 209 31.42 -6.59 42.33
CA SER F 209 30.42 -5.91 43.13
C SER F 209 29.24 -6.85 43.36
N LEU F 210 28.60 -6.70 44.51
CA LEU F 210 27.44 -7.51 44.86
C LEU F 210 26.43 -6.61 45.56
N LYS F 211 25.35 -6.26 44.86
CA LYS F 211 24.30 -5.42 45.39
C LYS F 211 22.97 -6.16 45.33
N VAL F 212 21.99 -5.64 46.06
CA VAL F 212 20.68 -6.26 46.17
C VAL F 212 19.63 -5.28 45.67
N CYS F 213 18.70 -5.79 44.86
CA CYS F 213 17.54 -5.05 44.41
C CYS F 213 16.29 -5.76 44.89
N VAL F 214 15.50 -5.08 45.72
CA VAL F 214 14.32 -5.69 46.34
C VAL F 214 13.08 -4.98 45.82
N LEU F 215 12.00 -5.76 45.66
CA LEU F 215 10.73 -5.17 45.26
C LEU F 215 10.11 -4.40 46.42
N VAL F 216 10.05 -5.00 47.60
CA VAL F 216 9.49 -4.39 48.80
C VAL F 216 10.56 -4.37 49.88
N ASP F 217 10.70 -3.23 50.54
CA ASP F 217 11.59 -3.10 51.69
C ASP F 217 10.75 -2.78 52.92
N LYS F 218 10.88 -3.61 53.95
CA LYS F 218 10.24 -3.34 55.22
C LYS F 218 11.31 -3.02 56.26
N PRO F 219 11.87 -1.81 56.25
CA PRO F 219 12.98 -1.52 57.18
C PRO F 219 12.56 -1.46 58.63
N GLY F 220 11.28 -1.21 58.91
CA GLY F 220 10.83 -1.18 60.29
C GLY F 220 10.98 -2.49 61.03
N GLY F 221 11.28 -3.59 60.33
CA GLY F 221 11.42 -4.88 60.96
C GLY F 221 12.83 -5.43 60.91
N ARG F 222 13.81 -4.58 60.63
CA ARG F 222 15.19 -5.01 60.57
C ARG F 222 15.66 -5.45 61.96
N VAL F 223 16.10 -6.71 62.06
CA VAL F 223 16.78 -7.20 63.25
C VAL F 223 18.28 -7.35 63.03
N VAL F 224 18.75 -7.19 61.81
CA VAL F 224 20.17 -7.17 61.47
C VAL F 224 20.47 -5.87 60.75
N ASP F 225 21.75 -5.61 60.50
CA ASP F 225 22.15 -4.51 59.63
C ASP F 225 22.29 -5.08 58.22
N PHE F 226 21.30 -4.80 57.37
CA PHE F 226 21.43 -4.99 55.94
C PHE F 226 20.58 -3.93 55.26
N LYS F 227 21.17 -3.21 54.32
CA LYS F 227 20.46 -2.16 53.60
C LYS F 227 20.53 -2.45 52.11
N PRO F 228 19.41 -2.67 51.43
CA PRO F 228 19.44 -2.87 49.98
C PRO F 228 19.69 -1.55 49.27
N GLU F 229 20.55 -1.60 48.26
CA GLU F 229 20.93 -0.41 47.51
C GLU F 229 19.92 -0.06 46.43
N PHE F 230 18.98 -0.95 46.13
CA PHE F 230 17.92 -0.70 45.16
C PHE F 230 16.62 -1.21 45.74
N VAL F 231 15.67 -0.30 45.96
CA VAL F 231 14.35 -0.63 46.49
C VAL F 231 13.29 0.04 45.64
N CYS F 232 12.29 -0.74 45.23
CA CYS F 232 11.19 -0.18 44.45
C CYS F 232 10.10 0.41 45.34
N LEU F 233 9.72 -0.28 46.41
CA LEU F 233 8.67 0.17 47.31
C LEU F 233 9.10 -0.06 48.76
N THR F 234 8.66 0.83 49.64
CA THR F 234 8.87 0.69 51.07
C THR F 234 7.51 0.56 51.76
N ALA F 235 7.38 -0.45 52.59
CA ALA F 235 6.11 -0.84 53.19
C ALA F 235 6.23 -0.88 54.70
N PRO F 236 5.12 -0.75 55.42
CA PRO F 236 5.15 -0.90 56.89
C PRO F 236 5.29 -2.36 57.27
N THR F 237 5.56 -2.58 58.56
CA THR F 237 5.77 -3.92 59.08
C THR F 237 4.47 -4.70 59.17
N ARG F 238 3.90 -5.09 58.03
CA ARG F 238 2.72 -5.95 58.00
C ARG F 238 2.85 -6.92 56.83
N TYR F 239 2.12 -8.03 56.93
CA TYR F 239 2.24 -9.12 55.97
C TYR F 239 1.51 -8.75 54.68
N VAL F 240 2.23 -8.79 53.56
CA VAL F 240 1.67 -8.43 52.26
C VAL F 240 1.50 -9.68 51.40
N VAL F 241 0.49 -9.65 50.54
CA VAL F 241 0.25 -10.70 49.56
C VAL F 241 0.07 -10.06 48.19
N GLY F 242 0.19 -10.89 47.17
CA GLY F 242 0.03 -10.44 45.80
C GLY F 242 1.36 -10.18 45.12
N TYR F 243 1.35 -10.29 43.79
CA TYR F 243 2.51 -10.03 42.94
C TYR F 243 3.78 -10.71 43.49
N GLY F 244 3.68 -12.02 43.64
CA GLY F 244 4.77 -12.84 44.14
C GLY F 244 4.65 -13.21 45.60
N PHE F 245 3.99 -12.38 46.41
CA PHE F 245 3.81 -12.64 47.83
C PHE F 245 2.56 -13.47 48.05
N GLU F 246 2.61 -14.32 49.08
CA GLU F 246 1.69 -15.45 49.14
C GLU F 246 1.34 -15.78 50.59
N VAL F 247 0.28 -16.59 50.73
CA VAL F 247 0.07 -17.42 51.92
C VAL F 247 -0.09 -18.85 51.42
N ASN F 248 0.94 -19.66 51.62
CA ASN F 248 1.01 -21.01 51.08
C ASN F 248 0.68 -21.02 49.59
N ASP F 249 1.44 -20.22 48.84
CA ASP F 249 1.38 -20.08 47.39
C ASP F 249 0.04 -19.56 46.88
N ARG F 250 -0.87 -19.18 47.77
CA ARG F 250 -2.10 -18.54 47.35
C ARG F 250 -1.88 -17.04 47.14
N TYR F 251 -2.64 -16.47 46.21
CA TYR F 251 -2.65 -15.05 45.88
C TYR F 251 -1.33 -14.59 45.25
N ARG F 252 -0.46 -15.52 44.85
CA ARG F 252 0.82 -15.14 44.26
C ARG F 252 0.66 -14.52 42.88
N ASN F 253 -0.41 -14.82 42.17
CA ASN F 253 -0.60 -14.36 40.79
C ASN F 253 -1.47 -13.13 40.68
N TYR F 254 -1.78 -12.48 41.79
CA TYR F 254 -2.53 -11.23 41.74
C TYR F 254 -1.63 -10.09 41.28
N ARG F 255 -2.23 -9.13 40.58
CA ARG F 255 -1.48 -8.05 39.95
C ARG F 255 -1.20 -6.88 40.90
N HIS F 256 -1.72 -6.91 42.11
CA HIS F 256 -1.55 -5.83 43.08
C HIS F 256 -0.99 -6.41 44.37
N VAL F 257 -0.61 -5.52 45.29
CA VAL F 257 -0.03 -5.91 46.57
C VAL F 257 -0.96 -5.43 47.67
N PHE F 258 -1.44 -6.36 48.51
CA PHE F 258 -2.41 -6.06 49.54
C PHE F 258 -1.84 -6.35 50.91
N VAL F 259 -2.46 -5.76 51.93
CA VAL F 259 -2.28 -6.18 53.31
C VAL F 259 -3.33 -7.24 53.60
N LEU F 260 -2.87 -8.45 53.92
CA LEU F 260 -3.81 -9.51 54.26
C LEU F 260 -4.39 -9.27 55.65
N LYS F 261 -5.70 -9.48 55.77
CA LYS F 261 -6.32 -9.37 57.09
C LYS F 261 -5.85 -10.52 57.96
N PRO F 262 -5.56 -10.25 59.25
CA PRO F 262 -4.93 -11.26 60.12
C PRO F 262 -5.61 -12.62 60.10
N GLU F 263 -6.93 -12.64 59.93
CA GLU F 263 -7.67 -13.90 59.97
C GLU F 263 -7.16 -14.87 58.91
N TYR F 264 -6.83 -14.37 57.73
CA TYR F 264 -6.49 -15.20 56.58
C TYR F 264 -5.11 -15.84 56.69
N ALA F 265 -4.38 -15.59 57.77
CA ALA F 265 -2.99 -16.02 57.86
C ALA F 265 -2.87 -17.54 57.82
N LYS F 266 -3.68 -18.24 58.60
CA LYS F 266 -3.58 -19.69 58.74
C LYS F 266 -4.80 -20.39 58.16
N ARG F 267 -5.28 -19.94 57.00
CA ARG F 267 -6.49 -20.49 56.40
C ARG F 267 -6.24 -21.56 55.37
N TYR F 268 -4.99 -21.79 54.96
CA TYR F 268 -4.65 -22.86 54.03
C TYR F 268 -3.43 -23.61 54.58
N PRO F 269 -3.63 -24.40 55.63
CA PRO F 269 -2.49 -24.99 56.35
C PRO F 269 -2.05 -26.34 55.79
N SER F 270 -2.90 -26.97 55.00
CA SER F 270 -2.58 -28.29 54.45
C SER F 270 -1.42 -28.21 53.48
N LYS F 271 -0.50 -29.17 53.58
CA LYS F 271 0.68 -29.19 52.72
C LYS F 271 0.28 -29.49 51.28
N LEU F 272 0.99 -28.87 50.34
CA LEU F 272 0.75 -29.10 48.92
C LEU F 272 1.76 -30.10 48.35
OAE 45T G . -5.90 -12.53 -20.46
PBA 45T G . -4.93 -13.01 -21.51
OAF 45T G . -3.66 -13.48 -20.84
OAC 45T G . -5.54 -14.14 -22.30
CAL 45T G . -4.50 -11.60 -22.65
CAJ 45T G . -5.44 -11.50 -23.86
OAS 45T G . -6.47 -10.62 -23.53
CAN 45T G . -6.27 -9.33 -24.03
CAY 45T G . -6.97 -9.20 -25.38
OAT 45T G . -8.02 -8.28 -25.24
CAK 45T G . -9.20 -8.63 -25.91
CAM 45T G . -9.59 -7.40 -26.73
PBB 45T G . -11.35 -7.47 -27.33
OAG 45T G . -11.74 -8.90 -27.62
OAH 45T G . -12.27 -6.89 -26.28
OAD 45T G . -11.45 -6.65 -28.59
CAO 45T G . -6.04 -8.72 -26.49
N9 45T G . -5.69 -7.31 -26.31
C4 45T G . -4.63 -6.84 -25.64
N3 45T G . -3.51 -7.47 -24.89
C2 45T G . -2.48 -6.65 -24.25
N2 45T G . -1.40 -7.28 -23.53
N1 45T G . -2.54 -5.20 -24.34
C6 45T G . -3.62 -4.59 -25.06
O6 45T G . -3.67 -3.41 -25.13
C5 45T G . -4.69 -5.46 -25.73
N7 45T G . -5.78 -5.16 -26.45
C8 45T G . -6.37 -6.30 -26.80
OAE 45T H . 16.28 -22.12 28.98
PBA 45T H . 16.29 -23.62 28.78
OAF 45T H . 17.70 -24.10 28.56
OAC 45T H . 15.70 -24.31 29.99
CAL 45T H . 15.27 -24.05 27.29
CAJ 45T H . 15.82 -25.32 26.64
OAS 45T H . 14.73 -26.00 26.09
CAN 45T H . 14.68 -25.82 24.70
CAY 45T H . 15.08 -27.14 24.03
OAT 45T H . 13.90 -27.71 23.56
CAK 45T H . 13.69 -29.06 23.85
CAM 45T H . 12.34 -29.39 23.23
PBB 45T H . 12.11 -31.21 22.93
OAG 45T H . 13.03 -31.98 23.85
OAH 45T H . 10.68 -31.57 23.24
OAD 45T H . 12.43 -31.54 21.49
CAO 45T H . 16.01 -26.90 22.84
N9 45T H . 15.31 -26.21 21.78
C4 45T H . 15.33 -24.89 21.53
N3 45T H . 16.00 -23.73 22.17
C2 45T H . 15.83 -22.37 21.64
N2 45T H . 16.48 -21.24 22.26
N1 45T H . 14.97 -22.16 20.48
C6 45T H . 14.33 -23.28 19.86
O6 45T H . 13.63 -23.11 18.92
C5 45T H . 14.53 -24.69 20.42
N7 45T H . 14.06 -25.88 20.05
C8 45T H . 14.54 -26.79 20.88
OAE 45T I . 7.85 33.36 -25.58
PBA 45T I . 8.18 32.46 -24.41
OAF 45T I . 8.19 33.27 -23.14
OAC 45T I . 7.14 31.36 -24.31
CAL 45T I . 9.87 31.71 -24.70
CAJ 45T I . 10.67 31.62 -23.40
OAS 45T I . 10.42 30.37 -22.83
CAN 45T I . 11.30 29.37 -23.27
CAY 45T I . 12.58 29.44 -22.43
OAT 45T I . 12.64 28.28 -21.65
CAK 45T I . 13.24 28.42 -20.41
CAM 45T I . 13.14 27.07 -19.70
PBB 45T I . 14.32 26.90 -18.27
OAG 45T I . 15.72 27.11 -18.78
OAH 45T I . 14.20 25.51 -17.68
OAD 45T I . 14.01 27.92 -17.21
CAO 45T I . 13.84 29.56 -23.28
N9 45T I . 14.25 28.31 -23.90
C4 45T I . 14.02 27.93 -25.17
N3 45T I . 13.33 28.58 -26.31
C2 45T I . 13.25 27.89 -27.61
N2 45T I . 12.57 28.51 -28.73
N1 45T I . 13.85 26.57 -27.77
C6 45T I . 14.51 25.95 -26.66
O6 45T I . 15.00 24.89 -26.79
C5 45T I . 14.60 26.68 -25.32
N7 45T I . 15.14 26.36 -24.14
C8 45T I . 14.94 27.35 -23.30
OAE 45T J . -12.31 36.81 -23.15
PBA 45T J . -13.41 36.22 -22.30
OAF 45T J . -13.88 34.91 -22.90
OAC 45T J . -12.88 35.97 -20.91
CAL 45T J . -14.83 37.41 -22.21
CAJ 45T J . -15.92 37.07 -23.21
OAS 45T J . -16.22 38.21 -23.96
CAN 45T J . -17.38 38.07 -24.74
CAY 45T J . -18.22 39.35 -24.65
OAT 45T J . -18.25 39.95 -25.91
CAK 45T J . -18.45 41.34 -25.86
CAM 45T J . -18.14 41.90 -27.24
PBB 45T J . -19.05 43.50 -27.57
OAG 45T J . -18.30 44.64 -26.92
OAH 45T J . -20.44 43.43 -27.01
OAD 45T J . -19.11 43.72 -29.07
CAO 45T J . -19.64 39.13 -24.15
N9 45T J . -20.47 38.27 -25.00
C4 45T J . -20.49 36.93 -24.99
N3 45T J . -19.74 35.91 -24.22
C2 45T J . -19.98 34.48 -24.45
N2 45T J . -19.24 33.49 -23.69
N1 45T J . -20.95 34.06 -25.44
C6 45T J . -21.68 35.05 -26.18
O6 45T J . -22.48 34.71 -26.99
C5 45T J . -21.42 36.54 -25.93
N7 45T J . -21.94 37.65 -26.47
C8 45T J . -21.36 38.70 -25.89
MG MG K . -16.70 33.89 -23.57
OAE 45T L . -10.58 -23.21 -3.11
PBA 45T L . -9.68 -24.40 -3.29
OAF 45T L . -8.24 -23.98 -3.09
OAC 45T L . -9.85 -24.96 -4.69
CAL 45T L . -10.12 -25.72 -2.05
CAJ 45T L . -8.92 -26.58 -1.71
OAS 45T L . -8.82 -26.64 -0.32
CAN 45T L . -7.52 -26.79 0.16
CAY 45T L . -7.44 -28.14 0.88
OAT 45T L . -6.12 -28.31 1.30
CAK 45T L . -5.61 -29.60 1.11
CAM 45T L . -4.24 -29.63 1.81
PBB 45T L . -3.47 -31.31 1.72
OAG 45T L . -3.74 -32.06 3.00
OAH 45T L . -1.97 -31.14 1.53
OAD 45T L . -4.05 -32.08 0.55
CAO 45T L . -8.38 -28.24 2.07
N9 45T L . -7.87 -27.61 3.29
C4 45T L . -8.28 -26.44 3.80
N3 45T L . -9.27 -25.43 3.36
C2 45T L . -9.49 -24.21 4.15
N2 45T L . -10.46 -23.23 3.71
N1 45T L . -8.73 -24.00 5.37
C6 45T L . -7.77 -24.97 5.79
O6 45T L . -7.14 -24.80 6.79
C5 45T L . -7.55 -26.24 4.96
N7 45T L . -6.75 -27.29 5.10
C8 45T L . -6.95 -28.12 4.09
MG MG M . -5.83 -25.24 -1.44
OAE 45T N . 9.63 -17.01 48.02
PBA 45T N . 8.88 -17.99 48.89
OAF 45T N . 7.46 -18.12 48.41
OAC 45T N . 9.57 -19.35 48.81
CAL 45T N . 8.89 -17.39 50.65
CAJ 45T N . 8.96 -15.86 50.70
OAS 45T N . 9.92 -15.49 51.64
CAN 45T N . 9.82 -14.15 52.03
CAY 45T N . 9.98 -14.08 53.55
OAT 45T N . 10.72 -12.93 53.85
CAK 45T N . 11.93 -13.16 54.51
CAM 45T N . 12.86 -11.99 54.17
PBB 45T N . 13.79 -11.39 55.66
OAG 45T N . 14.92 -12.34 55.97
OAH 45T N . 12.85 -11.34 56.84
OAD 45T N . 14.34 -10.02 55.39
CAO 45T N . 8.64 -14.05 54.30
N9 45T N . 8.02 -12.74 54.43
C4 45T N . 6.87 -12.38 53.85
N3 45T N . 5.92 -13.08 52.95
C2 45T N . 4.72 -12.40 52.46
N2 45T N . 3.80 -13.09 51.59
N1 45T N . 4.45 -11.03 52.87
C6 45T N . 5.37 -10.34 53.73
O6 45T N . 5.16 -9.23 54.06
C5 45T N . 6.62 -11.07 54.23
N7 45T N . 7.63 -10.70 55.04
C8 45T N . 8.46 -11.72 55.15
#